data_1PUY
# 
_entry.id   1PUY 
# 
_audit_conform.dict_name       mmcif_pdbx.dic 
_audit_conform.dict_version    5.386 
_audit_conform.dict_location   http://mmcif.pdb.org/dictionaries/ascii/mmcif_pdbx.dic 
# 
loop_
_database_2.database_id 
_database_2.database_code 
_database_2.pdbx_database_accession 
_database_2.pdbx_DOI 
PDB   1PUY         pdb_00001puy 10.2210/pdb1puy/pdb 
NDB   DD0058       ?            ?                   
RCSB  RCSB019589   ?            ?                   
WWPDB D_1000019589 ?            ?                   
# 
loop_
_pdbx_audit_revision_history.ordinal 
_pdbx_audit_revision_history.data_content_type 
_pdbx_audit_revision_history.major_revision 
_pdbx_audit_revision_history.minor_revision 
_pdbx_audit_revision_history.revision_date 
1 'Structure model' 1 0 2003-10-14 
2 'Structure model' 1 1 2008-04-29 
3 'Structure model' 1 2 2011-07-13 
4 'Structure model' 1 3 2024-02-14 
# 
_pdbx_audit_revision_details.ordinal             1 
_pdbx_audit_revision_details.revision_ordinal    1 
_pdbx_audit_revision_details.data_content_type   'Structure model' 
_pdbx_audit_revision_details.provider            repository 
_pdbx_audit_revision_details.type                'Initial release' 
_pdbx_audit_revision_details.description         ? 
_pdbx_audit_revision_details.details             ? 
# 
loop_
_pdbx_audit_revision_group.ordinal 
_pdbx_audit_revision_group.revision_ordinal 
_pdbx_audit_revision_group.data_content_type 
_pdbx_audit_revision_group.group 
1 2 'Structure model' 'Version format compliance' 
2 3 'Structure model' 'Version format compliance' 
3 4 'Structure model' 'Data collection'           
4 4 'Structure model' 'Database references'       
5 4 'Structure model' 'Derived calculations'      
# 
loop_
_pdbx_audit_revision_category.ordinal 
_pdbx_audit_revision_category.revision_ordinal 
_pdbx_audit_revision_category.data_content_type 
_pdbx_audit_revision_category.category 
1 4 'Structure model' chem_comp_atom         
2 4 'Structure model' chem_comp_bond         
3 4 'Structure model' database_2             
4 4 'Structure model' pdbx_struct_conn_angle 
5 4 'Structure model' struct_conn            
6 4 'Structure model' struct_site            
# 
loop_
_pdbx_audit_revision_item.ordinal 
_pdbx_audit_revision_item.revision_ordinal 
_pdbx_audit_revision_item.data_content_type 
_pdbx_audit_revision_item.item 
1  4 'Structure model' '_database_2.pdbx_DOI'                      
2  4 'Structure model' '_database_2.pdbx_database_accession'       
3  4 'Structure model' '_pdbx_struct_conn_angle.ptnr1_auth_seq_id' 
4  4 'Structure model' '_pdbx_struct_conn_angle.ptnr3_auth_seq_id' 
5  4 'Structure model' '_pdbx_struct_conn_angle.value'             
6  4 'Structure model' '_struct_conn.conn_type_id'                 
7  4 'Structure model' '_struct_conn.id'                           
8  4 'Structure model' '_struct_conn.pdbx_dist_value'              
9  4 'Structure model' '_struct_conn.pdbx_leaving_atom_flag'       
10 4 'Structure model' '_struct_conn.ptnr1_auth_asym_id'           
11 4 'Structure model' '_struct_conn.ptnr1_auth_comp_id'           
12 4 'Structure model' '_struct_conn.ptnr1_auth_seq_id'            
13 4 'Structure model' '_struct_conn.ptnr1_label_asym_id'          
14 4 'Structure model' '_struct_conn.ptnr1_label_atom_id'          
15 4 'Structure model' '_struct_conn.ptnr1_label_comp_id'          
16 4 'Structure model' '_struct_conn.ptnr1_label_seq_id'           
17 4 'Structure model' '_struct_conn.ptnr2_auth_asym_id'           
18 4 'Structure model' '_struct_conn.ptnr2_auth_comp_id'           
19 4 'Structure model' '_struct_conn.ptnr2_auth_seq_id'            
20 4 'Structure model' '_struct_conn.ptnr2_label_asym_id'          
21 4 'Structure model' '_struct_conn.ptnr2_label_atom_id'          
22 4 'Structure model' '_struct_conn.ptnr2_label_comp_id'          
23 4 'Structure model' '_struct_conn.ptnr2_label_seq_id'           
24 4 'Structure model' '_struct_site.pdbx_auth_asym_id'            
25 4 'Structure model' '_struct_site.pdbx_auth_comp_id'            
26 4 'Structure model' '_struct_site.pdbx_auth_seq_id'             
# 
_pdbx_database_status.status_code                     REL 
_pdbx_database_status.entry_id                        1PUY 
_pdbx_database_status.recvd_initial_deposition_date   2003-06-25 
_pdbx_database_status.deposit_site                    RCSB 
_pdbx_database_status.process_site                    RCSB 
_pdbx_database_status.status_code_sf                  REL 
_pdbx_database_status.SG_entry                        . 
_pdbx_database_status.pdb_format_compatible           Y 
_pdbx_database_status.status_code_mr                  ? 
_pdbx_database_status.status_code_cs                  ? 
_pdbx_database_status.status_code_nmr_data            ? 
_pdbx_database_status.methods_development_category    ? 
# 
_pdbx_database_related.db_name        PDB 
_pdbx_database_related.db_id          1CS7 
_pdbx_database_related.details        
;3.2 A resolution structure  
with four molecules  
in asymmetric unit
;
_pdbx_database_related.content_type   unspecified 
# 
loop_
_audit_author.name 
_audit_author.pdbx_ordinal 
'Egli, M.'       1 
'Tereshko, V.'   2 
'Murshudov, G.'  3 
'Sanishvili, R.' 4 
'Liu, X.'        5 
'Lewis, F.D.'    6 
# 
_citation.id                        primary 
_citation.title                     
'Face-to-face and edge-to-face pi-pi interactions in a synthetic DNA hairpin with a stilbenediether linker' 
_citation.journal_abbrev            J.Am.Chem.Soc. 
_citation.journal_volume            125 
_citation.page_first                10842 
_citation.page_last                 10849 
_citation.year                      2003 
_citation.journal_id_ASTM           JACSAT 
_citation.country                   US 
_citation.journal_id_ISSN           0002-7863 
_citation.journal_id_CSD            0004 
_citation.book_publisher            ? 
_citation.pdbx_database_id_PubMed   12952463 
_citation.pdbx_database_id_DOI      10.1021/ja0355527 
# 
loop_
_citation_author.citation_id 
_citation_author.name 
_citation_author.ordinal 
_citation_author.identifier_ORCID 
primary 'Egli, M.'       1 ? 
primary 'Tereshko, V.'   2 ? 
primary 'Mushudov, G.N.' 3 ? 
primary 'Sanishvili, R.' 4 ? 
primary 'Liu, X.'        5 ? 
primary 'Lewis, F.D.'    6 ? 
# 
loop_
_entity.id 
_entity.type 
_entity.src_method 
_entity.pdbx_description 
_entity.formula_weight 
_entity.pdbx_number_of_molecules 
_entity.pdbx_ec 
_entity.pdbx_mutation 
_entity.pdbx_fragment 
_entity.details 
1 polymer     syn "5'-D(*GP*TP*TP*TP*TP*GP*(S02)P*CP*AP*AP*AP*AP*C)-3'" 4033.808 2   ? ? ? ? 
2 non-polymer syn 'MAGNESIUM ION'                                       24.305   5   ? ? ? ? 
3 water       nat water                                                 18.015   170 ? ? ? ? 
# 
_entity_poly.entity_id                      1 
_entity_poly.type                           polydeoxyribonucleotide 
_entity_poly.nstd_linkage                   no 
_entity_poly.nstd_monomer                   yes 
_entity_poly.pdbx_seq_one_letter_code       '(DG)(DT)(DT)(DT)(DT)(DG)(S02)(DC)(DA)(DA)(DA)(DA)(DC)' 
_entity_poly.pdbx_seq_one_letter_code_can   GTTTTGXCAAAAC 
_entity_poly.pdbx_strand_id                 A,B 
_entity_poly.pdbx_target_identifier         ? 
# 
loop_
_pdbx_entity_nonpoly.entity_id 
_pdbx_entity_nonpoly.name 
_pdbx_entity_nonpoly.comp_id 
2 'MAGNESIUM ION' MG  
3 water           HOH 
# 
loop_
_entity_poly_seq.entity_id 
_entity_poly_seq.num 
_entity_poly_seq.mon_id 
_entity_poly_seq.hetero 
1 1  DG  n 
1 2  DT  n 
1 3  DT  n 
1 4  DT  n 
1 5  DT  n 
1 6  DG  n 
1 7  S02 n 
1 8  DC  n 
1 9  DA  n 
1 10 DA  n 
1 11 DA  n 
1 12 DA  n 
1 13 DC  n 
# 
_pdbx_entity_src_syn.entity_id              1 
_pdbx_entity_src_syn.pdbx_src_id            1 
_pdbx_entity_src_syn.pdbx_alt_source_flag   sample 
_pdbx_entity_src_syn.pdbx_beg_seq_num       ? 
_pdbx_entity_src_syn.pdbx_end_seq_num       ? 
_pdbx_entity_src_syn.organism_scientific    ? 
_pdbx_entity_src_syn.organism_common_name   ? 
_pdbx_entity_src_syn.ncbi_taxonomy_id       ? 
_pdbx_entity_src_syn.details                'synthetic construct' 
# 
loop_
_chem_comp.id 
_chem_comp.type 
_chem_comp.mon_nstd_flag 
_chem_comp.name 
_chem_comp.pdbx_synonyms 
_chem_comp.formula 
_chem_comp.formula_weight 
DA  'DNA linking' y "2'-DEOXYADENOSINE-5'-MONOPHOSPHATE" ?                                   'C10 H14 N5 O6 P' 331.222 
DC  'DNA linking' y "2'-DEOXYCYTIDINE-5'-MONOPHOSPHATE" ?                                   'C9 H14 N3 O7 P'  307.197 
DG  'DNA linking' y "2'-DEOXYGUANOSINE-5'-MONOPHOSPHATE" ?                                   'C10 H14 N5 O7 P' 347.221 
DT  'DNA linking' y "THYMIDINE-5'-MONOPHOSPHATE" ?                                   'C10 H15 N2 O8 P' 322.208 
HOH non-polymer   . WATER ?                                   'H2 O'            18.015  
MG  non-polymer   . 'MAGNESIUM ION' ?                                   'Mg 2'            24.305  
S02 non-polymer   . 
'PHOSPHORIC ACID MONO-[2-(4-{2-[4-(2-HYDROXY-ETHOXY)-CYCLOHEXYLIDENE]-ETHYLIDENE}-CYCLOHEXYLOXY) -ETHYL] ESTER' 
'STILBENEDIETHER NUCLEOTIDE LINKER' 'C18 H31 O7 P'    390.408 
# 
loop_
_pdbx_poly_seq_scheme.asym_id 
_pdbx_poly_seq_scheme.entity_id 
_pdbx_poly_seq_scheme.seq_id 
_pdbx_poly_seq_scheme.mon_id 
_pdbx_poly_seq_scheme.ndb_seq_num 
_pdbx_poly_seq_scheme.pdb_seq_num 
_pdbx_poly_seq_scheme.auth_seq_num 
_pdbx_poly_seq_scheme.pdb_mon_id 
_pdbx_poly_seq_scheme.auth_mon_id 
_pdbx_poly_seq_scheme.pdb_strand_id 
_pdbx_poly_seq_scheme.pdb_ins_code 
_pdbx_poly_seq_scheme.hetero 
A 1 1  DG  1  1  1  DG  G   A . n 
A 1 2  DT  2  2  2  DT  T   A . n 
A 1 3  DT  3  3  3  DT  T   A . n 
A 1 4  DT  4  4  4  DT  T   A . n 
A 1 5  DT  5  5  5  DT  T   A . n 
A 1 6  DG  6  6  6  DG  G   A . n 
A 1 7  S02 7  7  7  S02 S02 A . n 
A 1 8  DC  8  9  9  DC  C   A . n 
A 1 9  DA  9  10 10 DA  A   A . n 
A 1 10 DA  10 11 11 DA  A   A . n 
A 1 11 DA  11 12 12 DA  A   A . n 
A 1 12 DA  12 13 13 DA  A   A . n 
A 1 13 DC  13 14 14 DC  C   A . n 
B 1 1  DG  1  1  1  DG  G   B . n 
B 1 2  DT  2  2  2  DT  T   B . n 
B 1 3  DT  3  3  3  DT  T   B . n 
B 1 4  DT  4  4  4  DT  T   B . n 
B 1 5  DT  5  5  5  DT  T   B . n 
B 1 6  DG  6  6  6  DG  G   B . n 
B 1 7  S02 7  7  7  S02 S02 B . n 
B 1 8  DC  8  9  9  DC  C   B . n 
B 1 9  DA  9  10 10 DA  A   B . n 
B 1 10 DA  10 11 11 DA  A   B . n 
B 1 11 DA  11 12 12 DA  A   B . n 
B 1 12 DA  12 13 13 DA  A   B . n 
B 1 13 DC  13 14 14 DC  C   B . n 
# 
loop_
_pdbx_nonpoly_scheme.asym_id 
_pdbx_nonpoly_scheme.entity_id 
_pdbx_nonpoly_scheme.mon_id 
_pdbx_nonpoly_scheme.ndb_seq_num 
_pdbx_nonpoly_scheme.pdb_seq_num 
_pdbx_nonpoly_scheme.auth_seq_num 
_pdbx_nonpoly_scheme.pdb_mon_id 
_pdbx_nonpoly_scheme.auth_mon_id 
_pdbx_nonpoly_scheme.pdb_strand_id 
_pdbx_nonpoly_scheme.pdb_ins_code 
C 2 MG  1  201 201 MG  MG  A . 
D 2 MG  1  301 301 MG  MG  A . 
E 2 MG  1  308 308 MG  MG  A . 
F 2 MG  1  208 208 MG  MG  B . 
G 2 MG  1  315 315 MG  MG  B . 
H 3 HOH 1  202 202 HOH HOH A . 
H 3 HOH 2  203 203 HOH HOH A . 
H 3 HOH 3  204 204 HOH HOH A . 
H 3 HOH 4  205 205 HOH HOH A . 
H 3 HOH 5  206 206 HOH HOH A . 
H 3 HOH 6  207 207 HOH HOH A . 
H 3 HOH 7  302 302 HOH HOH A . 
H 3 HOH 8  303 303 HOH HOH A . 
H 3 HOH 9  304 304 HOH HOH A . 
H 3 HOH 10 305 305 HOH HOH A . 
H 3 HOH 11 306 306 HOH HOH A . 
H 3 HOH 12 307 307 HOH HOH A . 
H 3 HOH 13 309 309 HOH HOH A . 
H 3 HOH 14 310 310 HOH HOH A . 
H 3 HOH 15 311 311 HOH HOH A . 
H 3 HOH 16 312 312 HOH HOH A . 
H 3 HOH 17 313 313 HOH HOH A . 
H 3 HOH 18 314 314 HOH HOH A . 
H 3 HOH 19 401 401 HOH HOH A . 
H 3 HOH 20 404 404 HOH HOH A . 
H 3 HOH 21 405 405 HOH HOH A . 
H 3 HOH 22 406 406 HOH HOH A . 
H 3 HOH 23 407 407 HOH HOH A . 
H 3 HOH 24 410 410 HOH HOH A . 
H 3 HOH 25 411 411 HOH HOH A . 
H 3 HOH 26 412 412 HOH HOH A . 
H 3 HOH 27 413 413 HOH HOH A . 
H 3 HOH 28 415 415 HOH HOH A . 
H 3 HOH 29 417 417 HOH HOH A . 
H 3 HOH 30 418 418 HOH HOH A . 
H 3 HOH 31 419 419 HOH HOH A . 
H 3 HOH 32 420 420 HOH HOH A . 
H 3 HOH 33 422 422 HOH HOH A . 
H 3 HOH 34 423 423 HOH HOH A . 
H 3 HOH 35 424 424 HOH HOH A . 
H 3 HOH 36 425 425 HOH HOH A . 
H 3 HOH 37 428 428 HOH HOH A . 
H 3 HOH 38 431 431 HOH HOH A . 
H 3 HOH 39 432 432 HOH HOH A . 
H 3 HOH 40 433 433 HOH HOH A . 
H 3 HOH 41 435 435 HOH HOH A . 
H 3 HOH 42 436 436 HOH HOH A . 
H 3 HOH 43 437 437 HOH HOH A . 
H 3 HOH 44 438 438 HOH HOH A . 
H 3 HOH 45 442 442 HOH HOH A . 
H 3 HOH 46 444 444 HOH HOH A . 
H 3 HOH 47 445 445 HOH HOH A . 
H 3 HOH 48 447 447 HOH HOH A . 
H 3 HOH 49 453 453 HOH HOH A . 
H 3 HOH 50 456 456 HOH HOH A . 
H 3 HOH 51 457 457 HOH HOH A . 
H 3 HOH 52 459 459 HOH HOH A . 
H 3 HOH 53 462 462 HOH HOH A . 
H 3 HOH 54 463 463 HOH HOH A . 
H 3 HOH 55 464 464 HOH HOH A . 
H 3 HOH 56 466 466 HOH HOH A . 
H 3 HOH 57 467 467 HOH HOH A . 
H 3 HOH 58 468 468 HOH HOH A . 
H 3 HOH 59 469 469 HOH HOH A . 
H 3 HOH 60 470 470 HOH HOH A . 
H 3 HOH 61 472 472 HOH HOH A . 
H 3 HOH 62 475 475 HOH HOH A . 
H 3 HOH 63 476 476 HOH HOH A . 
H 3 HOH 64 477 477 HOH HOH A . 
H 3 HOH 65 478 478 HOH HOH A . 
H 3 HOH 66 480 480 HOH HOH A . 
H 3 HOH 67 481 481 HOH HOH A . 
H 3 HOH 68 484 484 HOH HOH A . 
H 3 HOH 69 485 485 HOH HOH A . 
H 3 HOH 70 486 486 HOH HOH A . 
H 3 HOH 71 487 487 HOH HOH A . 
H 3 HOH 72 488 488 HOH HOH A . 
H 3 HOH 73 492 492 HOH HOH A . 
H 3 HOH 74 494 494 HOH HOH A . 
H 3 HOH 75 495 495 HOH HOH A . 
H 3 HOH 76 497 497 HOH HOH A . 
H 3 HOH 77 498 498 HOH HOH A . 
H 3 HOH 78 499 499 HOH HOH A . 
H 3 HOH 79 503 503 HOH HOH A . 
H 3 HOH 80 504 504 HOH HOH A . 
H 3 HOH 81 506 506 HOH HOH A . 
H 3 HOH 82 509 509 HOH HOH A . 
H 3 HOH 83 511 511 HOH HOH A . 
H 3 HOH 84 512 512 HOH HOH A . 
H 3 HOH 85 513 513 HOH HOH A . 
H 3 HOH 86 516 516 HOH HOH A . 
H 3 HOH 87 518 518 HOH HOH A . 
H 3 HOH 88 523 523 HOH HOH A . 
H 3 HOH 89 527 527 HOH HOH A . 
H 3 HOH 90 528 528 HOH HOH A . 
H 3 HOH 91 529 529 HOH HOH A . 
H 3 HOH 92 530 530 HOH HOH A . 
H 3 HOH 93 531 531 HOH HOH A . 
H 3 HOH 94 532 532 HOH HOH A . 
H 3 HOH 95 533 533 HOH HOH A . 
H 3 HOH 96 534 534 HOH HOH A . 
H 3 HOH 97 537 537 HOH HOH A . 
I 3 HOH 1  209 209 HOH HOH B . 
I 3 HOH 2  210 210 HOH HOH B . 
I 3 HOH 3  211 211 HOH HOH B . 
I 3 HOH 4  212 212 HOH HOH B . 
I 3 HOH 5  213 213 HOH HOH B . 
I 3 HOH 6  214 214 HOH HOH B . 
I 3 HOH 7  316 316 HOH HOH B . 
I 3 HOH 8  317 317 HOH HOH B . 
I 3 HOH 9  318 318 HOH HOH B . 
I 3 HOH 10 319 319 HOH HOH B . 
I 3 HOH 11 320 320 HOH HOH B . 
I 3 HOH 12 321 321 HOH HOH B . 
I 3 HOH 13 402 402 HOH HOH B . 
I 3 HOH 14 403 403 HOH HOH B . 
I 3 HOH 15 408 408 HOH HOH B . 
I 3 HOH 16 409 409 HOH HOH B . 
I 3 HOH 17 414 414 HOH HOH B . 
I 3 HOH 18 416 416 HOH HOH B . 
I 3 HOH 19 421 421 HOH HOH B . 
I 3 HOH 20 426 426 HOH HOH B . 
I 3 HOH 21 427 427 HOH HOH B . 
I 3 HOH 22 429 429 HOH HOH B . 
I 3 HOH 23 430 430 HOH HOH B . 
I 3 HOH 24 434 434 HOH HOH B . 
I 3 HOH 25 439 439 HOH HOH B . 
I 3 HOH 26 440 440 HOH HOH B . 
I 3 HOH 27 441 441 HOH HOH B . 
I 3 HOH 28 443 443 HOH HOH B . 
I 3 HOH 29 446 446 HOH HOH B . 
I 3 HOH 30 448 448 HOH HOH B . 
I 3 HOH 31 449 449 HOH HOH B . 
I 3 HOH 32 450 450 HOH HOH B . 
I 3 HOH 33 451 451 HOH HOH B . 
I 3 HOH 34 452 452 HOH HOH B . 
I 3 HOH 35 454 454 HOH HOH B . 
I 3 HOH 36 455 455 HOH HOH B . 
I 3 HOH 37 458 458 HOH HOH B . 
I 3 HOH 38 460 460 HOH HOH B . 
I 3 HOH 39 461 461 HOH HOH B . 
I 3 HOH 40 465 465 HOH HOH B . 
I 3 HOH 41 471 471 HOH HOH B . 
I 3 HOH 42 473 473 HOH HOH B . 
I 3 HOH 43 474 474 HOH HOH B . 
I 3 HOH 44 479 479 HOH HOH B . 
I 3 HOH 45 482 482 HOH HOH B . 
I 3 HOH 46 483 483 HOH HOH B . 
I 3 HOH 47 490 490 HOH HOH B . 
I 3 HOH 48 491 491 HOH HOH B . 
I 3 HOH 49 493 493 HOH HOH B . 
I 3 HOH 50 496 496 HOH HOH B . 
I 3 HOH 51 500 500 HOH HOH B . 
I 3 HOH 52 501 501 HOH HOH B . 
I 3 HOH 53 502 502 HOH HOH B . 
I 3 HOH 54 505 505 HOH HOH B . 
I 3 HOH 55 507 507 HOH HOH B . 
I 3 HOH 56 508 508 HOH HOH B . 
I 3 HOH 57 510 510 HOH HOH B . 
I 3 HOH 58 514 514 HOH HOH B . 
I 3 HOH 59 515 515 HOH HOH B . 
I 3 HOH 60 517 517 HOH HOH B . 
I 3 HOH 61 519 519 HOH HOH B . 
I 3 HOH 62 520 520 HOH HOH B . 
I 3 HOH 63 521 521 HOH HOH B . 
I 3 HOH 64 522 522 HOH HOH B . 
I 3 HOH 65 524 524 HOH HOH B . 
I 3 HOH 66 525 525 HOH HOH B . 
I 3 HOH 67 526 526 HOH HOH B . 
I 3 HOH 68 535 535 HOH HOH B . 
I 3 HOH 69 536 536 HOH HOH B . 
I 3 HOH 70 538 538 HOH HOH B . 
I 3 HOH 71 539 539 HOH HOH B . 
I 3 HOH 72 540 540 HOH HOH B . 
I 3 HOH 73 541 541 HOH HOH B . 
# 
loop_
_software.name 
_software.classification 
_software.version 
_software.citation_id 
_software.pdbx_ordinal 
REFMAC    refinement       5.1.13 ? 1 
DENZO     'data reduction' .      ? 2 
SCALEPACK 'data scaling'   .      ? 3 
AMoRE     phasing          .      ? 4 
# 
_cell.entry_id           1PUY 
_cell.length_a           29.890 
_cell.length_b           41.860 
_cell.length_c           51.100 
_cell.angle_alpha        90.00 
_cell.angle_beta         90.00 
_cell.angle_gamma        90.00 
_cell.Z_PDB              8 
_cell.pdbx_unique_axis   ? 
# 
_symmetry.entry_id                         1PUY 
_symmetry.space_group_name_H-M             'P 21 21 21' 
_symmetry.pdbx_full_space_group_name_H-M   ? 
_symmetry.cell_setting                     ? 
_symmetry.Int_Tables_number                19 
# 
_exptl.entry_id          1PUY 
_exptl.method            'X-RAY DIFFRACTION' 
_exptl.crystals_number   1 
# 
_exptl_crystal.id                    1 
_exptl_crystal.density_meas          ? 
_exptl_crystal.density_Matthews      1.92 
_exptl_crystal.density_percent_sol   35.95 
_exptl_crystal.description           ? 
# 
_exptl_crystal_grow.crystal_id      1 
_exptl_crystal_grow.method          ? 
_exptl_crystal_grow.temp            298 
_exptl_crystal_grow.temp_details    ? 
_exptl_crystal_grow.pH              6.30 
_exptl_crystal_grow.pdbx_details    
'MPD, magnesium chloride, cacodylate, pH 6.3, VAPOR DIFFUSION, HANGING DROP, temperature 298K, pH 6.30' 
_exptl_crystal_grow.pdbx_pH_range   . 
# 
loop_
_exptl_crystal_grow_comp.crystal_id 
_exptl_crystal_grow_comp.id 
_exptl_crystal_grow_comp.sol_id 
_exptl_crystal_grow_comp.name 
_exptl_crystal_grow_comp.volume 
_exptl_crystal_grow_comp.conc 
_exptl_crystal_grow_comp.details 
1 1 1 MPD                  ? ? ? 
1 2 1 'magnesium chloride' ? ? ? 
1 3 1 cacodylate           ? ? ? 
1 4 1 H2O                  ? ? ? 
1 5 2 MPD                  ? ? ? 
1 6 2 'magnesium chloride' ? ? ? 
1 7 2 H2O                  ? ? ? 
# 
_diffrn.id                     1 
_diffrn.ambient_temp           100.0 
_diffrn.ambient_temp_details   ? 
_diffrn.crystal_id             1 
# 
_diffrn_detector.diffrn_id              1 
_diffrn_detector.detector               CCD 
_diffrn_detector.type                   APS-1 
_diffrn_detector.pdbx_collection_date   1999-05-01 
_diffrn_detector.details                MIRRORS 
# 
_diffrn_radiation.diffrn_id                        1 
_diffrn_radiation.wavelength_id                    1 
_diffrn_radiation.pdbx_monochromatic_or_laue_m_l   M 
_diffrn_radiation.monochromator                    ? 
_diffrn_radiation.pdbx_diffrn_protocol             'SINGLE WAVELENGTH' 
_diffrn_radiation.pdbx_scattering_type             x-ray 
# 
_diffrn_radiation_wavelength.id           1 
_diffrn_radiation_wavelength.wavelength   1.00 
_diffrn_radiation_wavelength.wt           1.0 
# 
_diffrn_source.diffrn_id                   1 
_diffrn_source.source                      SYNCHROTRON 
_diffrn_source.type                        'APS BEAMLINE 19-ID' 
_diffrn_source.pdbx_synchrotron_site       APS 
_diffrn_source.pdbx_synchrotron_beamline   19-ID 
_diffrn_source.pdbx_wavelength             1.00 
_diffrn_source.pdbx_wavelength_list        ? 
# 
_reflns.entry_id                     1PUY 
_reflns.observed_criterion_sigma_I   0.000 
_reflns.observed_criterion_sigma_F   ? 
_reflns.d_resolution_low             14.950 
_reflns.d_resolution_high            1.500 
_reflns.number_obs                   10079 
_reflns.number_all                   ? 
_reflns.percent_possible_obs         93.9 
_reflns.pdbx_Rmerge_I_obs            ? 
_reflns.pdbx_Rsym_value              ? 
_reflns.pdbx_netI_over_sigmaI        ? 
_reflns.B_iso_Wilson_estimate        ? 
_reflns.pdbx_redundancy              ? 
_reflns.R_free_details               ? 
_reflns.pdbx_diffrn_id               1 
_reflns.pdbx_ordinal                 1 
# 
_refine.entry_id                                 1PUY 
_refine.ls_number_reflns_obs                     9590 
_refine.ls_number_reflns_all                     9590 
_refine.pdbx_ls_sigma_I                          ? 
_refine.pdbx_ls_sigma_F                          0.000 
_refine.pdbx_data_cutoff_high_absF               ? 
_refine.pdbx_data_cutoff_low_absF                ? 
_refine.pdbx_data_cutoff_high_rms_absF           ? 
_refine.ls_d_res_low                             15.00 
_refine.ls_d_res_high                            1.50 
_refine.ls_percent_reflns_obs                    93.9 
_refine.ls_R_factor_obs                          0.206 
_refine.ls_R_factor_all                          ? 
_refine.ls_R_factor_R_work                       0.204 
_refine.ls_R_factor_R_free                       0.239 
_refine.ls_R_factor_R_free_error                 ? 
_refine.ls_R_factor_R_free_error_details         ? 
_refine.ls_percent_reflns_R_free                 4.900 
_refine.ls_number_reflns_R_free                  489 
_refine.ls_number_parameters                     ? 
_refine.ls_number_restraints                     ? 
_refine.occupancy_min                            ? 
_refine.occupancy_max                            ? 
_refine.correlation_coeff_Fo_to_Fc               0.954 
_refine.correlation_coeff_Fo_to_Fc_free          0.942 
_refine.B_iso_mean                               15.01 
_refine.aniso_B[1][1]                            -2.04000 
_refine.aniso_B[2][2]                            2.69000 
_refine.aniso_B[3][3]                            -0.65000 
_refine.aniso_B[1][2]                            0.00000 
_refine.aniso_B[1][3]                            0.00000 
_refine.aniso_B[2][3]                            0.00000 
_refine.solvent_model_details                    MASK 
_refine.solvent_model_param_ksol                 ? 
_refine.solvent_model_param_bsol                 ? 
_refine.pdbx_solvent_vdw_probe_radii             1.40 
_refine.pdbx_solvent_ion_probe_radii             0.80 
_refine.pdbx_solvent_shrinkage_radii             0.80 
_refine.pdbx_ls_cross_valid_method               THROUGHOUT 
_refine.details                                  'HYDROGENS HAVE BEEN ADDED IN THE RIDING POSITIONS' 
_refine.pdbx_starting_model                      ? 
_refine.pdbx_method_to_determine_struct          'MOLECULAR REPLACEMENT' 
_refine.pdbx_isotropic_thermal_model             ? 
_refine.pdbx_stereochemistry_target_values       'MAXIMUM LIKELIHOOD' 
_refine.pdbx_stereochem_target_val_spec_case     ? 
_refine.pdbx_R_Free_selection_details            RANDOM 
_refine.pdbx_overall_ESU_R                       0.150 
_refine.pdbx_overall_ESU_R_Free                  0.102 
_refine.overall_SU_ML                            0.052 
_refine.overall_SU_B                             1.355 
_refine.ls_redundancy_reflns_obs                 ? 
_refine.overall_SU_R_Cruickshank_DPI             ? 
_refine.overall_SU_R_free                        ? 
_refine.pdbx_refine_id                           'X-RAY DIFFRACTION' 
_refine.pdbx_diffrn_id                           1 
_refine.pdbx_TLS_residual_ADP_flag               ? 
_refine.pdbx_overall_phase_error                 ? 
_refine.pdbx_overall_SU_R_free_Cruickshank_DPI   ? 
_refine.pdbx_overall_SU_R_Blow_DPI               ? 
_refine.pdbx_overall_SU_R_free_Blow_DPI          ? 
# 
_refine_hist.pdbx_refine_id                   'X-RAY DIFFRACTION' 
_refine_hist.cycle_id                         LAST 
_refine_hist.pdbx_number_atoms_protein        0 
_refine_hist.pdbx_number_atoms_nucleic_acid   536 
_refine_hist.pdbx_number_atoms_ligand         5 
_refine_hist.number_atoms_solvent             170 
_refine_hist.number_atoms_total               711 
_refine_hist.d_res_high                       1.50 
_refine_hist.d_res_low                        15.00 
# 
loop_
_refine_ls_restr.type 
_refine_ls_restr.dev_ideal 
_refine_ls_restr.dev_ideal_target 
_refine_ls_restr.weight 
_refine_ls_restr.number 
_refine_ls_restr.pdbx_refine_id 
_refine_ls_restr.pdbx_restraint_function 
r_bond_refined_d         0.017 0.020 ? 598 'X-RAY DIFFRACTION' ? 
r_bond_other_d           0.003 0.020 ? 264 'X-RAY DIFFRACTION' ? 
r_angle_refined_deg      1.987 2.090 ? 892 'X-RAY DIFFRACTION' ? 
r_angle_other_deg        1.135 2.000 ? 654 'X-RAY DIFFRACTION' ? 
r_dihedral_angle_1_deg   ?     ?     ? ?   'X-RAY DIFFRACTION' ? 
r_dihedral_angle_2_deg   ?     ?     ? ?   'X-RAY DIFFRACTION' ? 
r_dihedral_angle_3_deg   ?     ?     ? ?   'X-RAY DIFFRACTION' ? 
r_dihedral_angle_4_deg   ?     ?     ? ?   'X-RAY DIFFRACTION' ? 
r_chiral_restr           0.077 0.200 ? 72  'X-RAY DIFFRACTION' ? 
r_gen_planes_refined     0.018 0.020 ? 284 'X-RAY DIFFRACTION' ? 
r_gen_planes_other       ?     ?     ? ?   'X-RAY DIFFRACTION' ? 
r_nbd_refined            0.141 0.200 ? 55  'X-RAY DIFFRACTION' ? 
r_nbd_other              0.267 0.200 ? 328 'X-RAY DIFFRACTION' ? 
r_nbtor_refined          ?     ?     ? ?   'X-RAY DIFFRACTION' ? 
r_nbtor_other            0.159 0.200 ? 143 'X-RAY DIFFRACTION' ? 
r_xyhbond_nbd_refined    0.162 0.200 ? 92  'X-RAY DIFFRACTION' ? 
r_xyhbond_nbd_other      ?     ?     ? ?   'X-RAY DIFFRACTION' ? 
r_metal_ion_refined      ?     ?     ? ?   'X-RAY DIFFRACTION' ? 
r_metal_ion_other        ?     ?     ? ?   'X-RAY DIFFRACTION' ? 
r_symmetry_vdw_refined   0.101 0.200 ? 8   'X-RAY DIFFRACTION' ? 
r_symmetry_vdw_other     0.181 0.200 ? 28  'X-RAY DIFFRACTION' ? 
r_symmetry_hbond_refined 0.220 0.200 ? 47  'X-RAY DIFFRACTION' ? 
r_symmetry_hbond_other   ?     ?     ? ?   'X-RAY DIFFRACTION' ? 
r_mcbond_it              ?     ?     ? ?   'X-RAY DIFFRACTION' ? 
r_mcangle_it             ?     ?     ? ?   'X-RAY DIFFRACTION' ? 
r_scbond_it              2.232 3.000 ? 598 'X-RAY DIFFRACTION' ? 
r_scangle_it             2.954 4.500 ? 892 'X-RAY DIFFRACTION' ? 
r_rigid_bond_restr       1.653 2.000 ? 598 'X-RAY DIFFRACTION' ? 
r_sphericity_free        2.794 2.000 ? 175 'X-RAY DIFFRACTION' ? 
r_sphericity_bonded      2.406 2.000 ? 536 'X-RAY DIFFRACTION' ? 
# 
_refine_ls_shell.pdbx_total_number_of_bins_used   20 
_refine_ls_shell.d_res_high                       1.50 
_refine_ls_shell.d_res_low                        1.54 
_refine_ls_shell.number_reflns_R_work             637 
_refine_ls_shell.R_factor_R_work                  0.174 
_refine_ls_shell.percent_reflns_obs               ? 
_refine_ls_shell.R_factor_R_free                  0.268 
_refine_ls_shell.R_factor_R_free_error            ? 
_refine_ls_shell.percent_reflns_R_free            ? 
_refine_ls_shell.number_reflns_R_free             30 
_refine_ls_shell.redundancy_reflns_obs            ? 
_refine_ls_shell.pdbx_refine_id                   'X-RAY DIFFRACTION' 
_refine_ls_shell.number_reflns_all                ? 
_refine_ls_shell.R_factor_all                     ? 
# 
_struct.entry_id                  1PUY 
_struct.title                     '1.5 A resolution structure of a synthetic DNA hairpin with a stilbenediether linker' 
_struct.pdbx_model_details        ? 
_struct.pdbx_CASP_flag            ? 
_struct.pdbx_model_type_details   ? 
# 
_struct_keywords.entry_id        1PUY 
_struct_keywords.pdbx_keywords   DNA 
_struct_keywords.text            DNA 
# 
loop_
_struct_asym.id 
_struct_asym.pdbx_blank_PDB_chainid_flag 
_struct_asym.pdbx_modified 
_struct_asym.entity_id 
_struct_asym.details 
A N N 1 ? 
B N N 1 ? 
C N N 2 ? 
D N N 2 ? 
E N N 2 ? 
F N N 2 ? 
G N N 2 ? 
H N N 3 ? 
I N N 3 ? 
# 
_struct_ref.id                         1 
_struct_ref.entity_id                  1 
_struct_ref.db_name                    PDB 
_struct_ref.db_code                    1PUY 
_struct_ref.pdbx_db_accession          1PUY 
_struct_ref.pdbx_db_isoform            ? 
_struct_ref.pdbx_seq_one_letter_code   ? 
_struct_ref.pdbx_align_begin           ? 
# 
loop_
_struct_ref_seq.align_id 
_struct_ref_seq.ref_id 
_struct_ref_seq.pdbx_PDB_id_code 
_struct_ref_seq.pdbx_strand_id 
_struct_ref_seq.seq_align_beg 
_struct_ref_seq.pdbx_seq_align_beg_ins_code 
_struct_ref_seq.seq_align_end 
_struct_ref_seq.pdbx_seq_align_end_ins_code 
_struct_ref_seq.pdbx_db_accession 
_struct_ref_seq.db_align_beg 
_struct_ref_seq.pdbx_db_align_beg_ins_code 
_struct_ref_seq.db_align_end 
_struct_ref_seq.pdbx_db_align_end_ins_code 
_struct_ref_seq.pdbx_auth_seq_align_beg 
_struct_ref_seq.pdbx_auth_seq_align_end 
1 1 1PUY A 1 ? 13 ? 1PUY 1 ? 14 ? 1 14 
2 1 1PUY B 1 ? 13 ? 1PUY 1 ? 14 ? 1 14 
# 
loop_
_pdbx_struct_assembly.id 
_pdbx_struct_assembly.details 
_pdbx_struct_assembly.method_details 
_pdbx_struct_assembly.oligomeric_details 
_pdbx_struct_assembly.oligomeric_count 
1 author_defined_assembly ? monomeric 1 
2 author_defined_assembly ? monomeric 1 
# 
loop_
_pdbx_struct_assembly_gen.assembly_id 
_pdbx_struct_assembly_gen.oper_expression 
_pdbx_struct_assembly_gen.asym_id_list 
1 1 A,C,D,E,H 
2 1 B,F,G,I   
# 
_pdbx_struct_oper_list.id                   1 
_pdbx_struct_oper_list.type                 'identity operation' 
_pdbx_struct_oper_list.name                 1_555 
_pdbx_struct_oper_list.symmetry_operation   x,y,z 
_pdbx_struct_oper_list.matrix[1][1]         1.0000000000 
_pdbx_struct_oper_list.matrix[1][2]         0.0000000000 
_pdbx_struct_oper_list.matrix[1][3]         0.0000000000 
_pdbx_struct_oper_list.vector[1]            0.0000000000 
_pdbx_struct_oper_list.matrix[2][1]         0.0000000000 
_pdbx_struct_oper_list.matrix[2][2]         1.0000000000 
_pdbx_struct_oper_list.matrix[2][3]         0.0000000000 
_pdbx_struct_oper_list.vector[2]            0.0000000000 
_pdbx_struct_oper_list.matrix[3][1]         0.0000000000 
_pdbx_struct_oper_list.matrix[3][2]         0.0000000000 
_pdbx_struct_oper_list.matrix[3][3]         1.0000000000 
_pdbx_struct_oper_list.vector[3]            0.0000000000 
# 
loop_
_struct_biol.id 
_struct_biol.pdbx_parent_biol_id 
_struct_biol.details 
1 ? ? 
2 ? ? 
# 
loop_
_struct_conn.id 
_struct_conn.conn_type_id 
_struct_conn.pdbx_leaving_atom_flag 
_struct_conn.pdbx_PDB_id 
_struct_conn.ptnr1_label_asym_id 
_struct_conn.ptnr1_label_comp_id 
_struct_conn.ptnr1_label_seq_id 
_struct_conn.ptnr1_label_atom_id 
_struct_conn.pdbx_ptnr1_label_alt_id 
_struct_conn.pdbx_ptnr1_PDB_ins_code 
_struct_conn.pdbx_ptnr1_standard_comp_id 
_struct_conn.ptnr1_symmetry 
_struct_conn.ptnr2_label_asym_id 
_struct_conn.ptnr2_label_comp_id 
_struct_conn.ptnr2_label_seq_id 
_struct_conn.ptnr2_label_atom_id 
_struct_conn.pdbx_ptnr2_label_alt_id 
_struct_conn.pdbx_ptnr2_PDB_ins_code 
_struct_conn.ptnr1_auth_asym_id 
_struct_conn.ptnr1_auth_comp_id 
_struct_conn.ptnr1_auth_seq_id 
_struct_conn.ptnr2_auth_asym_id 
_struct_conn.ptnr2_auth_comp_id 
_struct_conn.ptnr2_auth_seq_id 
_struct_conn.ptnr2_symmetry 
_struct_conn.pdbx_ptnr3_label_atom_id 
_struct_conn.pdbx_ptnr3_label_seq_id 
_struct_conn.pdbx_ptnr3_label_comp_id 
_struct_conn.pdbx_ptnr3_label_asym_id 
_struct_conn.pdbx_ptnr3_label_alt_id 
_struct_conn.pdbx_ptnr3_PDB_ins_code 
_struct_conn.details 
_struct_conn.pdbx_dist_value 
_struct_conn.pdbx_value_order 
_struct_conn.pdbx_role 
covale1  covale both ? A DG  6 "O3'" ? ? ? 1_555 A S02 7  P  ? ? A DG  6   A S02 7   1_555 ? ? ? ? ? ? ?            1.578 ? ? 
covale2  covale one  ? A S02 7 "O3'" ? ? ? 1_555 A DC  8  P  ? ? A S02 7   A DC  9   1_555 ? ? ? ? ? ? ?            1.616 ? ? 
covale3  covale both ? B DG  6 "O3'" ? ? ? 1_555 B S02 7  P  ? ? B DG  6   B S02 7   1_555 ? ? ? ? ? ? ?            1.603 ? ? 
covale4  covale one  ? B S02 7 "O3'" ? ? ? 1_555 B DC  8  P  ? ? B S02 7   B DC  9   1_555 ? ? ? ? ? ? ?            1.603 ? ? 
metalc1  metalc ?    ? C MG  . MG    ? ? ? 1_555 H HOH .  O  ? ? A MG  201 A HOH 202 1_555 ? ? ? ? ? ? ?            2.068 ? ? 
metalc2  metalc ?    ? C MG  . MG    ? ? ? 1_555 H HOH .  O  ? ? A MG  201 A HOH 203 1_555 ? ? ? ? ? ? ?            2.017 ? ? 
metalc3  metalc ?    ? C MG  . MG    ? ? ? 1_555 H HOH .  O  ? ? A MG  201 A HOH 204 1_555 ? ? ? ? ? ? ?            2.150 ? ? 
metalc4  metalc ?    ? C MG  . MG    ? ? ? 1_555 H HOH .  O  ? ? A MG  201 A HOH 205 1_555 ? ? ? ? ? ? ?            2.090 ? ? 
metalc5  metalc ?    ? C MG  . MG    ? ? ? 1_555 H HOH .  O  ? ? A MG  201 A HOH 206 1_555 ? ? ? ? ? ? ?            2.127 ? ? 
metalc6  metalc ?    ? C MG  . MG    ? ? ? 1_555 H HOH .  O  ? ? A MG  201 A HOH 207 1_555 ? ? ? ? ? ? ?            2.089 ? ? 
metalc7  metalc ?    ? D MG  . MG    ? ? ? 1_555 H HOH .  O  ? ? A MG  301 A HOH 302 1_555 ? ? ? ? ? ? ?            2.025 ? ? 
metalc8  metalc ?    ? D MG  . MG    ? ? ? 1_555 H HOH .  O  ? ? A MG  301 A HOH 303 1_555 ? ? ? ? ? ? ?            2.126 ? ? 
metalc9  metalc ?    ? D MG  . MG    ? ? ? 1_555 H HOH .  O  ? ? A MG  301 A HOH 304 1_555 ? ? ? ? ? ? ?            2.154 ? ? 
metalc10 metalc ?    ? D MG  . MG    ? ? ? 1_555 H HOH .  O  ? ? A MG  301 A HOH 305 1_555 ? ? ? ? ? ? ?            2.087 ? ? 
metalc11 metalc ?    ? D MG  . MG    ? ? ? 1_555 H HOH .  O  ? ? A MG  301 A HOH 306 1_555 ? ? ? ? ? ? ?            2.430 ? ? 
metalc12 metalc ?    ? D MG  . MG    ? ? ? 1_555 H HOH .  O  ? ? A MG  301 A HOH 307 1_555 ? ? ? ? ? ? ?            1.910 ? ? 
metalc13 metalc ?    ? E MG  . MG    ? ? ? 1_555 H HOH .  O  ? ? A MG  308 A HOH 309 1_555 ? ? ? ? ? ? ?            1.974 ? ? 
metalc14 metalc ?    ? E MG  . MG    ? ? ? 1_555 H HOH .  O  ? ? A MG  308 A HOH 310 1_555 ? ? ? ? ? ? ?            2.248 ? ? 
metalc15 metalc ?    ? E MG  . MG    ? ? ? 1_555 H HOH .  O  ? ? A MG  308 A HOH 311 1_555 ? ? ? ? ? ? ?            2.073 ? ? 
metalc16 metalc ?    ? E MG  . MG    ? ? ? 1_555 H HOH .  O  ? ? A MG  308 A HOH 312 1_555 ? ? ? ? ? ? ?            2.395 ? ? 
metalc17 metalc ?    ? E MG  . MG    ? ? ? 1_555 H HOH .  O  ? ? A MG  308 A HOH 313 1_555 ? ? ? ? ? ? ?            2.695 ? ? 
metalc18 metalc ?    ? E MG  . MG    ? ? ? 1_555 H HOH .  O  ? ? A MG  308 A HOH 314 1_555 ? ? ? ? ? ? ?            1.932 ? ? 
metalc19 metalc ?    ? F MG  . MG    ? ? ? 1_555 I HOH .  O  ? ? B MG  208 B HOH 209 1_555 ? ? ? ? ? ? ?            2.060 ? ? 
metalc20 metalc ?    ? F MG  . MG    ? ? ? 1_555 I HOH .  O  ? ? B MG  208 B HOH 210 1_555 ? ? ? ? ? ? ?            2.017 ? ? 
metalc21 metalc ?    ? F MG  . MG    ? ? ? 1_555 I HOH .  O  ? ? B MG  208 B HOH 211 1_555 ? ? ? ? ? ? ?            2.019 ? ? 
metalc22 metalc ?    ? F MG  . MG    ? ? ? 1_555 I HOH .  O  ? ? B MG  208 B HOH 212 1_555 ? ? ? ? ? ? ?            2.017 ? ? 
metalc23 metalc ?    ? F MG  . MG    ? ? ? 1_555 I HOH .  O  ? ? B MG  208 B HOH 213 1_555 ? ? ? ? ? ? ?            2.010 ? ? 
metalc24 metalc ?    ? F MG  . MG    ? ? ? 1_555 I HOH .  O  ? ? B MG  208 B HOH 214 1_555 ? ? ? ? ? ? ?            2.087 ? ? 
metalc25 metalc ?    ? G MG  . MG    ? ? ? 1_555 I HOH .  O  ? ? B MG  315 B HOH 316 1_555 ? ? ? ? ? ? ?            2.110 ? ? 
metalc26 metalc ?    ? G MG  . MG    ? ? ? 1_555 I HOH .  O  ? ? B MG  315 B HOH 317 1_555 ? ? ? ? ? ? ?            2.036 ? ? 
metalc27 metalc ?    ? G MG  . MG    ? ? ? 1_555 I HOH .  O  ? ? B MG  315 B HOH 318 1_555 ? ? ? ? ? ? ?            1.969 ? ? 
metalc28 metalc ?    ? G MG  . MG    ? ? ? 1_555 I HOH .  O  ? ? B MG  315 B HOH 319 1_555 ? ? ? ? ? ? ?            1.880 ? ? 
metalc29 metalc ?    ? G MG  . MG    ? ? ? 1_555 I HOH .  O  ? ? B MG  315 B HOH 320 1_555 ? ? ? ? ? ? ?            2.296 ? ? 
metalc30 metalc ?    ? G MG  . MG    ? ? ? 1_555 I HOH .  O  ? ? B MG  315 B HOH 321 1_555 ? ? ? ? ? ? ?            2.079 ? ? 
hydrog1  hydrog ?    ? A DG  1 N1    ? ? ? 1_555 A DC  13 N3 ? ? A DG  1   A DC  14  1_555 ? ? ? ? ? ? WATSON-CRICK ?     ? ? 
hydrog2  hydrog ?    ? A DG  1 N2    ? ? ? 1_555 A DC  13 O2 ? ? A DG  1   A DC  14  1_555 ? ? ? ? ? ? WATSON-CRICK ?     ? ? 
hydrog3  hydrog ?    ? A DG  1 O6    ? ? ? 1_555 A DC  13 N4 ? ? A DG  1   A DC  14  1_555 ? ? ? ? ? ? WATSON-CRICK ?     ? ? 
hydrog4  hydrog ?    ? A DT  2 N3    ? ? ? 1_555 A DA  12 N1 ? ? A DT  2   A DA  13  1_555 ? ? ? ? ? ? WATSON-CRICK ?     ? ? 
hydrog5  hydrog ?    ? A DT  2 O4    ? ? ? 1_555 A DA  12 N6 ? ? A DT  2   A DA  13  1_555 ? ? ? ? ? ? WATSON-CRICK ?     ? ? 
hydrog6  hydrog ?    ? A DT  3 N3    ? ? ? 1_555 A DA  11 N1 ? ? A DT  3   A DA  12  1_555 ? ? ? ? ? ? WATSON-CRICK ?     ? ? 
hydrog7  hydrog ?    ? A DT  3 O4    ? ? ? 1_555 A DA  11 N6 ? ? A DT  3   A DA  12  1_555 ? ? ? ? ? ? WATSON-CRICK ?     ? ? 
hydrog8  hydrog ?    ? A DT  4 N3    ? ? ? 1_555 A DA  10 N1 ? ? A DT  4   A DA  11  1_555 ? ? ? ? ? ? WATSON-CRICK ?     ? ? 
hydrog9  hydrog ?    ? A DT  4 O4    ? ? ? 1_555 A DA  10 N6 ? ? A DT  4   A DA  11  1_555 ? ? ? ? ? ? WATSON-CRICK ?     ? ? 
hydrog10 hydrog ?    ? A DT  5 N3    ? ? ? 1_555 A DA  9  N1 ? ? A DT  5   A DA  10  1_555 ? ? ? ? ? ? WATSON-CRICK ?     ? ? 
hydrog11 hydrog ?    ? A DT  5 O4    ? ? ? 1_555 A DA  9  N6 ? ? A DT  5   A DA  10  1_555 ? ? ? ? ? ? WATSON-CRICK ?     ? ? 
hydrog12 hydrog ?    ? A DG  6 N1    ? ? ? 1_555 A DC  8  N3 ? ? A DG  6   A DC  9   1_555 ? ? ? ? ? ? WATSON-CRICK ?     ? ? 
hydrog13 hydrog ?    ? A DG  6 N2    ? ? ? 1_555 A DC  8  O2 ? ? A DG  6   A DC  9   1_555 ? ? ? ? ? ? WATSON-CRICK ?     ? ? 
hydrog14 hydrog ?    ? A DG  6 O6    ? ? ? 1_555 A DC  8  N4 ? ? A DG  6   A DC  9   1_555 ? ? ? ? ? ? WATSON-CRICK ?     ? ? 
hydrog15 hydrog ?    ? B DG  1 N1    ? ? ? 1_555 B DC  13 N3 ? ? B DG  1   B DC  14  1_555 ? ? ? ? ? ? WATSON-CRICK ?     ? ? 
hydrog16 hydrog ?    ? B DG  1 N2    ? ? ? 1_555 B DC  13 O2 ? ? B DG  1   B DC  14  1_555 ? ? ? ? ? ? WATSON-CRICK ?     ? ? 
hydrog17 hydrog ?    ? B DG  1 O6    ? ? ? 1_555 B DC  13 N4 ? ? B DG  1   B DC  14  1_555 ? ? ? ? ? ? WATSON-CRICK ?     ? ? 
hydrog18 hydrog ?    ? B DT  2 N3    ? ? ? 1_555 B DA  12 N1 ? ? B DT  2   B DA  13  1_555 ? ? ? ? ? ? WATSON-CRICK ?     ? ? 
hydrog19 hydrog ?    ? B DT  2 O4    ? ? ? 1_555 B DA  12 N6 ? ? B DT  2   B DA  13  1_555 ? ? ? ? ? ? WATSON-CRICK ?     ? ? 
hydrog20 hydrog ?    ? B DT  3 N3    ? ? ? 1_555 B DA  11 N1 ? ? B DT  3   B DA  12  1_555 ? ? ? ? ? ? WATSON-CRICK ?     ? ? 
hydrog21 hydrog ?    ? B DT  3 O4    ? ? ? 1_555 B DA  11 N6 ? ? B DT  3   B DA  12  1_555 ? ? ? ? ? ? WATSON-CRICK ?     ? ? 
hydrog22 hydrog ?    ? B DT  4 N3    ? ? ? 1_555 B DA  10 N1 ? ? B DT  4   B DA  11  1_555 ? ? ? ? ? ? WATSON-CRICK ?     ? ? 
hydrog23 hydrog ?    ? B DT  4 O4    ? ? ? 1_555 B DA  10 N6 ? ? B DT  4   B DA  11  1_555 ? ? ? ? ? ? WATSON-CRICK ?     ? ? 
hydrog24 hydrog ?    ? B DT  5 N3    ? ? ? 1_555 B DA  9  N1 ? ? B DT  5   B DA  10  1_555 ? ? ? ? ? ? WATSON-CRICK ?     ? ? 
hydrog25 hydrog ?    ? B DT  5 O4    ? ? ? 1_555 B DA  9  N6 ? ? B DT  5   B DA  10  1_555 ? ? ? ? ? ? WATSON-CRICK ?     ? ? 
hydrog26 hydrog ?    ? B DG  6 N1    ? ? ? 1_555 B DC  8  N3 ? ? B DG  6   B DC  9   1_555 ? ? ? ? ? ? WATSON-CRICK ?     ? ? 
hydrog27 hydrog ?    ? B DG  6 N2    ? ? ? 1_555 B DC  8  O2 ? ? B DG  6   B DC  9   1_555 ? ? ? ? ? ? WATSON-CRICK ?     ? ? 
hydrog28 hydrog ?    ? B DG  6 O6    ? ? ? 1_555 B DC  8  N4 ? ? B DG  6   B DC  9   1_555 ? ? ? ? ? ? WATSON-CRICK ?     ? ? 
# 
loop_
_struct_conn_type.id 
_struct_conn_type.criteria 
_struct_conn_type.reference 
covale ? ? 
metalc ? ? 
hydrog ? ? 
# 
loop_
_pdbx_struct_conn_angle.id 
_pdbx_struct_conn_angle.ptnr1_label_atom_id 
_pdbx_struct_conn_angle.ptnr1_label_alt_id 
_pdbx_struct_conn_angle.ptnr1_label_asym_id 
_pdbx_struct_conn_angle.ptnr1_label_comp_id 
_pdbx_struct_conn_angle.ptnr1_label_seq_id 
_pdbx_struct_conn_angle.ptnr1_auth_atom_id 
_pdbx_struct_conn_angle.ptnr1_auth_asym_id 
_pdbx_struct_conn_angle.ptnr1_auth_comp_id 
_pdbx_struct_conn_angle.ptnr1_auth_seq_id 
_pdbx_struct_conn_angle.ptnr1_PDB_ins_code 
_pdbx_struct_conn_angle.ptnr1_symmetry 
_pdbx_struct_conn_angle.ptnr2_label_atom_id 
_pdbx_struct_conn_angle.ptnr2_label_alt_id 
_pdbx_struct_conn_angle.ptnr2_label_asym_id 
_pdbx_struct_conn_angle.ptnr2_label_comp_id 
_pdbx_struct_conn_angle.ptnr2_label_seq_id 
_pdbx_struct_conn_angle.ptnr2_auth_atom_id 
_pdbx_struct_conn_angle.ptnr2_auth_asym_id 
_pdbx_struct_conn_angle.ptnr2_auth_comp_id 
_pdbx_struct_conn_angle.ptnr2_auth_seq_id 
_pdbx_struct_conn_angle.ptnr2_PDB_ins_code 
_pdbx_struct_conn_angle.ptnr2_symmetry 
_pdbx_struct_conn_angle.ptnr3_label_atom_id 
_pdbx_struct_conn_angle.ptnr3_label_alt_id 
_pdbx_struct_conn_angle.ptnr3_label_asym_id 
_pdbx_struct_conn_angle.ptnr3_label_comp_id 
_pdbx_struct_conn_angle.ptnr3_label_seq_id 
_pdbx_struct_conn_angle.ptnr3_auth_atom_id 
_pdbx_struct_conn_angle.ptnr3_auth_asym_id 
_pdbx_struct_conn_angle.ptnr3_auth_comp_id 
_pdbx_struct_conn_angle.ptnr3_auth_seq_id 
_pdbx_struct_conn_angle.ptnr3_PDB_ins_code 
_pdbx_struct_conn_angle.ptnr3_symmetry 
_pdbx_struct_conn_angle.value 
_pdbx_struct_conn_angle.value_esd 
1  O ? H HOH . ? A HOH 202 ? 1_555 MG ? C MG . ? A MG 201 ? 1_555 O ? H HOH . ? A HOH 203 ? 1_555 91.9  ? 
2  O ? H HOH . ? A HOH 202 ? 1_555 MG ? C MG . ? A MG 201 ? 1_555 O ? H HOH . ? A HOH 204 ? 1_555 88.3  ? 
3  O ? H HOH . ? A HOH 203 ? 1_555 MG ? C MG . ? A MG 201 ? 1_555 O ? H HOH . ? A HOH 204 ? 1_555 98.2  ? 
4  O ? H HOH . ? A HOH 202 ? 1_555 MG ? C MG . ? A MG 201 ? 1_555 O ? H HOH . ? A HOH 205 ? 1_555 97.3  ? 
5  O ? H HOH . ? A HOH 203 ? 1_555 MG ? C MG . ? A MG 201 ? 1_555 O ? H HOH . ? A HOH 205 ? 1_555 87.7  ? 
6  O ? H HOH . ? A HOH 204 ? 1_555 MG ? C MG . ? A MG 201 ? 1_555 O ? H HOH . ? A HOH 205 ? 1_555 171.8 ? 
7  O ? H HOH . ? A HOH 202 ? 1_555 MG ? C MG . ? A MG 201 ? 1_555 O ? H HOH . ? A HOH 206 ? 1_555 80.6  ? 
8  O ? H HOH . ? A HOH 203 ? 1_555 MG ? C MG . ? A MG 201 ? 1_555 O ? H HOH . ? A HOH 206 ? 1_555 171.4 ? 
9  O ? H HOH . ? A HOH 204 ? 1_555 MG ? C MG . ? A MG 201 ? 1_555 O ? H HOH . ? A HOH 206 ? 1_555 86.0  ? 
10 O ? H HOH . ? A HOH 205 ? 1_555 MG ? C MG . ? A MG 201 ? 1_555 O ? H HOH . ? A HOH 206 ? 1_555 89.0  ? 
11 O ? H HOH . ? A HOH 202 ? 1_555 MG ? C MG . ? A MG 201 ? 1_555 O ? H HOH . ? A HOH 207 ? 1_555 172.0 ? 
12 O ? H HOH . ? A HOH 203 ? 1_555 MG ? C MG . ? A MG 201 ? 1_555 O ? H HOH . ? A HOH 207 ? 1_555 92.2  ? 
13 O ? H HOH . ? A HOH 204 ? 1_555 MG ? C MG . ? A MG 201 ? 1_555 O ? H HOH . ? A HOH 207 ? 1_555 84.3  ? 
14 O ? H HOH . ? A HOH 205 ? 1_555 MG ? C MG . ? A MG 201 ? 1_555 O ? H HOH . ? A HOH 207 ? 1_555 89.7  ? 
15 O ? H HOH . ? A HOH 206 ? 1_555 MG ? C MG . ? A MG 201 ? 1_555 O ? H HOH . ? A HOH 207 ? 1_555 95.7  ? 
16 O ? H HOH . ? A HOH 302 ? 1_555 MG ? D MG . ? A MG 301 ? 1_555 O ? H HOH . ? A HOH 303 ? 1_555 89.2  ? 
17 O ? H HOH . ? A HOH 302 ? 1_555 MG ? D MG . ? A MG 301 ? 1_555 O ? H HOH . ? A HOH 304 ? 1_555 179.0 ? 
18 O ? H HOH . ? A HOH 303 ? 1_555 MG ? D MG . ? A MG 301 ? 1_555 O ? H HOH . ? A HOH 304 ? 1_555 89.8  ? 
19 O ? H HOH . ? A HOH 302 ? 1_555 MG ? D MG . ? A MG 301 ? 1_555 O ? H HOH . ? A HOH 305 ? 1_555 92.0  ? 
20 O ? H HOH . ? A HOH 303 ? 1_555 MG ? D MG . ? A MG 301 ? 1_555 O ? H HOH . ? A HOH 305 ? 1_555 175.6 ? 
21 O ? H HOH . ? A HOH 304 ? 1_555 MG ? D MG . ? A MG 301 ? 1_555 O ? H HOH . ? A HOH 305 ? 1_555 88.9  ? 
22 O ? H HOH . ? A HOH 302 ? 1_555 MG ? D MG . ? A MG 301 ? 1_555 O ? H HOH . ? A HOH 306 ? 1_555 91.8  ? 
23 O ? H HOH . ? A HOH 303 ? 1_555 MG ? D MG . ? A MG 301 ? 1_555 O ? H HOH . ? A HOH 306 ? 1_555 94.2  ? 
24 O ? H HOH . ? A HOH 304 ? 1_555 MG ? D MG . ? A MG 301 ? 1_555 O ? H HOH . ? A HOH 306 ? 1_555 88.2  ? 
25 O ? H HOH . ? A HOH 305 ? 1_555 MG ? D MG . ? A MG 301 ? 1_555 O ? H HOH . ? A HOH 306 ? 1_555 81.5  ? 
26 O ? H HOH . ? A HOH 302 ? 1_555 MG ? D MG . ? A MG 301 ? 1_555 O ? H HOH . ? A HOH 307 ? 1_555 88.3  ? 
27 O ? H HOH . ? A HOH 303 ? 1_555 MG ? D MG . ? A MG 301 ? 1_555 O ? H HOH . ? A HOH 307 ? 1_555 89.9  ? 
28 O ? H HOH . ? A HOH 304 ? 1_555 MG ? D MG . ? A MG 301 ? 1_555 O ? H HOH . ? A HOH 307 ? 1_555 91.8  ? 
29 O ? H HOH . ? A HOH 305 ? 1_555 MG ? D MG . ? A MG 301 ? 1_555 O ? H HOH . ? A HOH 307 ? 1_555 94.3  ? 
30 O ? H HOH . ? A HOH 306 ? 1_555 MG ? D MG . ? A MG 301 ? 1_555 O ? H HOH . ? A HOH 307 ? 1_555 175.9 ? 
31 O ? H HOH . ? A HOH 309 ? 1_555 MG ? E MG . ? A MG 308 ? 1_555 O ? H HOH . ? A HOH 310 ? 1_555 85.6  ? 
32 O ? H HOH . ? A HOH 309 ? 1_555 MG ? E MG . ? A MG 308 ? 1_555 O ? H HOH . ? A HOH 311 ? 1_555 97.0  ? 
33 O ? H HOH . ? A HOH 310 ? 1_555 MG ? E MG . ? A MG 308 ? 1_555 O ? H HOH . ? A HOH 311 ? 1_555 100.8 ? 
34 O ? H HOH . ? A HOH 309 ? 1_555 MG ? E MG . ? A MG 308 ? 1_555 O ? H HOH . ? A HOH 312 ? 1_555 169.8 ? 
35 O ? H HOH . ? A HOH 310 ? 1_555 MG ? E MG . ? A MG 308 ? 1_555 O ? H HOH . ? A HOH 312 ? 1_555 96.0  ? 
36 O ? H HOH . ? A HOH 311 ? 1_555 MG ? E MG . ? A MG 308 ? 1_555 O ? H HOH . ? A HOH 312 ? 1_555 92.6  ? 
37 O ? H HOH . ? A HOH 309 ? 1_555 MG ? E MG . ? A MG 308 ? 1_555 O ? H HOH . ? A HOH 313 ? 1_555 95.0  ? 
38 O ? H HOH . ? A HOH 310 ? 1_555 MG ? E MG . ? A MG 308 ? 1_555 O ? H HOH . ? A HOH 313 ? 1_555 167.4 ? 
39 O ? H HOH . ? A HOH 311 ? 1_555 MG ? E MG . ? A MG 308 ? 1_555 O ? H HOH . ? A HOH 313 ? 1_555 91.7  ? 
40 O ? H HOH . ? A HOH 312 ? 1_555 MG ? E MG . ? A MG 308 ? 1_555 O ? H HOH . ? A HOH 313 ? 1_555 81.3  ? 
41 O ? H HOH . ? A HOH 309 ? 1_555 MG ? E MG . ? A MG 308 ? 1_555 O ? H HOH . ? A HOH 314 ? 1_555 79.4  ? 
42 O ? H HOH . ? A HOH 310 ? 1_555 MG ? E MG . ? A MG 308 ? 1_555 O ? H HOH . ? A HOH 314 ? 1_555 79.0  ? 
43 O ? H HOH . ? A HOH 311 ? 1_555 MG ? E MG . ? A MG 308 ? 1_555 O ? H HOH . ? A HOH 314 ? 1_555 176.3 ? 
44 O ? H HOH . ? A HOH 312 ? 1_555 MG ? E MG . ? A MG 308 ? 1_555 O ? H HOH . ? A HOH 314 ? 1_555 91.1  ? 
45 O ? H HOH . ? A HOH 313 ? 1_555 MG ? E MG . ? A MG 308 ? 1_555 O ? H HOH . ? A HOH 314 ? 1_555 88.7  ? 
46 O ? I HOH . ? B HOH 209 ? 1_555 MG ? F MG . ? B MG 208 ? 1_555 O ? I HOH . ? B HOH 210 ? 1_555 90.4  ? 
47 O ? I HOH . ? B HOH 209 ? 1_555 MG ? F MG . ? B MG 208 ? 1_555 O ? I HOH . ? B HOH 211 ? 1_555 171.6 ? 
48 O ? I HOH . ? B HOH 210 ? 1_555 MG ? F MG . ? B MG 208 ? 1_555 O ? I HOH . ? B HOH 211 ? 1_555 91.9  ? 
49 O ? I HOH . ? B HOH 209 ? 1_555 MG ? F MG . ? B MG 208 ? 1_555 O ? I HOH . ? B HOH 212 ? 1_555 91.9  ? 
50 O ? I HOH . ? B HOH 210 ? 1_555 MG ? F MG . ? B MG 208 ? 1_555 O ? I HOH . ? B HOH 212 ? 1_555 177.3 ? 
51 O ? I HOH . ? B HOH 211 ? 1_555 MG ? F MG . ? B MG 208 ? 1_555 O ? I HOH . ? B HOH 212 ? 1_555 86.0  ? 
52 O ? I HOH . ? B HOH 209 ? 1_555 MG ? F MG . ? B MG 208 ? 1_555 O ? I HOH . ? B HOH 213 ? 1_555 95.4  ? 
53 O ? I HOH . ? B HOH 210 ? 1_555 MG ? F MG . ? B MG 208 ? 1_555 O ? I HOH . ? B HOH 213 ? 1_555 90.6  ? 
54 O ? I HOH . ? B HOH 211 ? 1_555 MG ? F MG . ? B MG 208 ? 1_555 O ? I HOH . ? B HOH 213 ? 1_555 92.6  ? 
55 O ? I HOH . ? B HOH 212 ? 1_555 MG ? F MG . ? B MG 208 ? 1_555 O ? I HOH . ? B HOH 213 ? 1_555 87.7  ? 
56 O ? I HOH . ? B HOH 209 ? 1_555 MG ? F MG . ? B MG 208 ? 1_555 O ? I HOH . ? B HOH 214 ? 1_555 84.8  ? 
57 O ? I HOH . ? B HOH 210 ? 1_555 MG ? F MG . ? B MG 208 ? 1_555 O ? I HOH . ? B HOH 214 ? 1_555 90.7  ? 
58 O ? I HOH . ? B HOH 211 ? 1_555 MG ? F MG . ? B MG 208 ? 1_555 O ? I HOH . ? B HOH 214 ? 1_555 87.0  ? 
59 O ? I HOH . ? B HOH 212 ? 1_555 MG ? F MG . ? B MG 208 ? 1_555 O ? I HOH . ? B HOH 214 ? 1_555 91.0  ? 
60 O ? I HOH . ? B HOH 213 ? 1_555 MG ? F MG . ? B MG 208 ? 1_555 O ? I HOH . ? B HOH 214 ? 1_555 178.7 ? 
61 O ? I HOH . ? B HOH 316 ? 1_555 MG ? G MG . ? B MG 315 ? 1_555 O ? I HOH . ? B HOH 317 ? 1_555 91.4  ? 
62 O ? I HOH . ? B HOH 316 ? 1_555 MG ? G MG . ? B MG 315 ? 1_555 O ? I HOH . ? B HOH 318 ? 1_555 164.0 ? 
63 O ? I HOH . ? B HOH 317 ? 1_555 MG ? G MG . ? B MG 315 ? 1_555 O ? I HOH . ? B HOH 318 ? 1_555 94.2  ? 
64 O ? I HOH . ? B HOH 316 ? 1_555 MG ? G MG . ? B MG 315 ? 1_555 O ? I HOH . ? B HOH 319 ? 1_555 95.7  ? 
65 O ? I HOH . ? B HOH 317 ? 1_555 MG ? G MG . ? B MG 315 ? 1_555 O ? I HOH . ? B HOH 319 ? 1_555 94.6  ? 
66 O ? I HOH . ? B HOH 318 ? 1_555 MG ? G MG . ? B MG 315 ? 1_555 O ? I HOH . ? B HOH 319 ? 1_555 98.7  ? 
67 O ? I HOH . ? B HOH 316 ? 1_555 MG ? G MG . ? B MG 315 ? 1_555 O ? I HOH . ? B HOH 320 ? 1_555 86.9  ? 
68 O ? I HOH . ? B HOH 317 ? 1_555 MG ? G MG . ? B MG 315 ? 1_555 O ? I HOH . ? B HOH 320 ? 1_555 83.1  ? 
69 O ? I HOH . ? B HOH 318 ? 1_555 MG ? G MG . ? B MG 315 ? 1_555 O ? I HOH . ? B HOH 320 ? 1_555 79.0  ? 
70 O ? I HOH . ? B HOH 319 ? 1_555 MG ? G MG . ? B MG 315 ? 1_555 O ? I HOH . ? B HOH 320 ? 1_555 176.6 ? 
71 O ? I HOH . ? B HOH 316 ? 1_555 MG ? G MG . ? B MG 315 ? 1_555 O ? I HOH . ? B HOH 321 ? 1_555 78.5  ? 
72 O ? I HOH . ? B HOH 317 ? 1_555 MG ? G MG . ? B MG 315 ? 1_555 O ? I HOH . ? B HOH 321 ? 1_555 164.0 ? 
73 O ? I HOH . ? B HOH 318 ? 1_555 MG ? G MG . ? B MG 315 ? 1_555 O ? I HOH . ? B HOH 321 ? 1_555 92.4  ? 
74 O ? I HOH . ? B HOH 319 ? 1_555 MG ? G MG . ? B MG 315 ? 1_555 O ? I HOH . ? B HOH 321 ? 1_555 98.7  ? 
75 O ? I HOH . ? B HOH 320 ? 1_555 MG ? G MG . ? B MG 315 ? 1_555 O ? I HOH . ? B HOH 321 ? 1_555 84.0  ? 
# 
loop_
_struct_site.id 
_struct_site.pdbx_evidence_code 
_struct_site.pdbx_auth_asym_id 
_struct_site.pdbx_auth_comp_id 
_struct_site.pdbx_auth_seq_id 
_struct_site.pdbx_auth_ins_code 
_struct_site.pdbx_num_residues 
_struct_site.details 
AC1 Software A MG 201 ? 6 'BINDING SITE FOR RESIDUE MG A 201' 
AC2 Software B MG 208 ? 6 'BINDING SITE FOR RESIDUE MG B 208' 
AC3 Software A MG 301 ? 6 'BINDING SITE FOR RESIDUE MG A 301' 
AC4 Software A MG 308 ? 6 'BINDING SITE FOR RESIDUE MG A 308' 
AC5 Software B MG 315 ? 6 'BINDING SITE FOR RESIDUE MG B 315' 
# 
loop_
_struct_site_gen.id 
_struct_site_gen.site_id 
_struct_site_gen.pdbx_num_res 
_struct_site_gen.label_comp_id 
_struct_site_gen.label_asym_id 
_struct_site_gen.label_seq_id 
_struct_site_gen.pdbx_auth_ins_code 
_struct_site_gen.auth_comp_id 
_struct_site_gen.auth_asym_id 
_struct_site_gen.auth_seq_id 
_struct_site_gen.label_atom_id 
_struct_site_gen.label_alt_id 
_struct_site_gen.symmetry 
_struct_site_gen.details 
1  AC1 6 HOH H . ? HOH A 202 . ? 1_555 ? 
2  AC1 6 HOH H . ? HOH A 203 . ? 1_555 ? 
3  AC1 6 HOH H . ? HOH A 204 . ? 1_555 ? 
4  AC1 6 HOH H . ? HOH A 205 . ? 1_555 ? 
5  AC1 6 HOH H . ? HOH A 206 . ? 1_555 ? 
6  AC1 6 HOH H . ? HOH A 207 . ? 1_555 ? 
7  AC2 6 HOH I . ? HOH B 209 . ? 1_555 ? 
8  AC2 6 HOH I . ? HOH B 210 . ? 1_555 ? 
9  AC2 6 HOH I . ? HOH B 211 . ? 1_555 ? 
10 AC2 6 HOH I . ? HOH B 212 . ? 1_555 ? 
11 AC2 6 HOH I . ? HOH B 213 . ? 1_555 ? 
12 AC2 6 HOH I . ? HOH B 214 . ? 1_555 ? 
13 AC3 6 HOH H . ? HOH A 302 . ? 1_555 ? 
14 AC3 6 HOH H . ? HOH A 303 . ? 1_555 ? 
15 AC3 6 HOH H . ? HOH A 304 . ? 1_555 ? 
16 AC3 6 HOH H . ? HOH A 305 . ? 1_555 ? 
17 AC3 6 HOH H . ? HOH A 306 . ? 1_555 ? 
18 AC3 6 HOH H . ? HOH A 307 . ? 1_555 ? 
19 AC4 6 HOH H . ? HOH A 309 . ? 1_555 ? 
20 AC4 6 HOH H . ? HOH A 310 . ? 1_555 ? 
21 AC4 6 HOH H . ? HOH A 311 . ? 1_555 ? 
22 AC4 6 HOH H . ? HOH A 312 . ? 1_555 ? 
23 AC4 6 HOH H . ? HOH A 313 . ? 1_555 ? 
24 AC4 6 HOH H . ? HOH A 314 . ? 1_555 ? 
25 AC5 6 HOH I . ? HOH B 316 . ? 1_555 ? 
26 AC5 6 HOH I . ? HOH B 317 . ? 1_555 ? 
27 AC5 6 HOH I . ? HOH B 318 . ? 1_555 ? 
28 AC5 6 HOH I . ? HOH B 319 . ? 1_555 ? 
29 AC5 6 HOH I . ? HOH B 320 . ? 1_555 ? 
30 AC5 6 HOH I . ? HOH B 321 . ? 1_555 ? 
# 
loop_
_pdbx_validate_close_contact.id 
_pdbx_validate_close_contact.PDB_model_num 
_pdbx_validate_close_contact.auth_atom_id_1 
_pdbx_validate_close_contact.auth_asym_id_1 
_pdbx_validate_close_contact.auth_comp_id_1 
_pdbx_validate_close_contact.auth_seq_id_1 
_pdbx_validate_close_contact.PDB_ins_code_1 
_pdbx_validate_close_contact.label_alt_id_1 
_pdbx_validate_close_contact.auth_atom_id_2 
_pdbx_validate_close_contact.auth_asym_id_2 
_pdbx_validate_close_contact.auth_comp_id_2 
_pdbx_validate_close_contact.auth_seq_id_2 
_pdbx_validate_close_contact.PDB_ins_code_2 
_pdbx_validate_close_contact.label_alt_id_2 
_pdbx_validate_close_contact.dist 
1 1 O A HOH 424 ? ? O A HOH 537 ? ? 2.14 
2 1 O A HOH 453 ? ? O B HOH 319 ? ? 2.18 
# 
_pdbx_validate_symm_contact.id                1 
_pdbx_validate_symm_contact.PDB_model_num     1 
_pdbx_validate_symm_contact.auth_atom_id_1    "O3'" 
_pdbx_validate_symm_contact.auth_asym_id_1    B 
_pdbx_validate_symm_contact.auth_comp_id_1    DC 
_pdbx_validate_symm_contact.auth_seq_id_1     14 
_pdbx_validate_symm_contact.PDB_ins_code_1    ? 
_pdbx_validate_symm_contact.label_alt_id_1    ? 
_pdbx_validate_symm_contact.site_symmetry_1   1_555 
_pdbx_validate_symm_contact.auth_atom_id_2    O 
_pdbx_validate_symm_contact.auth_asym_id_2    A 
_pdbx_validate_symm_contact.auth_comp_id_2    HOH 
_pdbx_validate_symm_contact.auth_seq_id_2     518 
_pdbx_validate_symm_contact.PDB_ins_code_2    ? 
_pdbx_validate_symm_contact.label_alt_id_2    ? 
_pdbx_validate_symm_contact.site_symmetry_2   2_555 
_pdbx_validate_symm_contact.dist              2.04 
# 
_pdbx_validate_rmsd_bond.id                        1 
_pdbx_validate_rmsd_bond.PDB_model_num             1 
_pdbx_validate_rmsd_bond.auth_atom_id_1            "O3'" 
_pdbx_validate_rmsd_bond.auth_asym_id_1            A 
_pdbx_validate_rmsd_bond.auth_comp_id_1            DA 
_pdbx_validate_rmsd_bond.auth_seq_id_1             13 
_pdbx_validate_rmsd_bond.PDB_ins_code_1            ? 
_pdbx_validate_rmsd_bond.label_alt_id_1            ? 
_pdbx_validate_rmsd_bond.auth_atom_id_2            P 
_pdbx_validate_rmsd_bond.auth_asym_id_2            A 
_pdbx_validate_rmsd_bond.auth_comp_id_2            DC 
_pdbx_validate_rmsd_bond.auth_seq_id_2             14 
_pdbx_validate_rmsd_bond.PDB_ins_code_2            ? 
_pdbx_validate_rmsd_bond.label_alt_id_2            ? 
_pdbx_validate_rmsd_bond.bond_value                1.532 
_pdbx_validate_rmsd_bond.bond_target_value         1.607 
_pdbx_validate_rmsd_bond.bond_deviation            -0.075 
_pdbx_validate_rmsd_bond.bond_standard_deviation   0.012 
_pdbx_validate_rmsd_bond.linker_flag               Y 
# 
loop_
_pdbx_validate_rmsd_angle.id 
_pdbx_validate_rmsd_angle.PDB_model_num 
_pdbx_validate_rmsd_angle.auth_atom_id_1 
_pdbx_validate_rmsd_angle.auth_asym_id_1 
_pdbx_validate_rmsd_angle.auth_comp_id_1 
_pdbx_validate_rmsd_angle.auth_seq_id_1 
_pdbx_validate_rmsd_angle.PDB_ins_code_1 
_pdbx_validate_rmsd_angle.label_alt_id_1 
_pdbx_validate_rmsd_angle.auth_atom_id_2 
_pdbx_validate_rmsd_angle.auth_asym_id_2 
_pdbx_validate_rmsd_angle.auth_comp_id_2 
_pdbx_validate_rmsd_angle.auth_seq_id_2 
_pdbx_validate_rmsd_angle.PDB_ins_code_2 
_pdbx_validate_rmsd_angle.label_alt_id_2 
_pdbx_validate_rmsd_angle.auth_atom_id_3 
_pdbx_validate_rmsd_angle.auth_asym_id_3 
_pdbx_validate_rmsd_angle.auth_comp_id_3 
_pdbx_validate_rmsd_angle.auth_seq_id_3 
_pdbx_validate_rmsd_angle.PDB_ins_code_3 
_pdbx_validate_rmsd_angle.label_alt_id_3 
_pdbx_validate_rmsd_angle.angle_value 
_pdbx_validate_rmsd_angle.angle_target_value 
_pdbx_validate_rmsd_angle.angle_deviation 
_pdbx_validate_rmsd_angle.angle_standard_deviation 
_pdbx_validate_rmsd_angle.linker_flag 
1  1 "O4'" A DT  3  ? ? "C1'" A DT  3  ? ? N1    A DT 3  ? ? 103.69 108.00 -4.31  0.70 N 
2  1 "O4'" A DT  4  ? ? "C1'" A DT  4  ? ? N1    A DT 4  ? ? 103.50 108.00 -4.50  0.70 N 
3  1 "O4'" A DT  5  ? ? "C1'" A DT  5  ? ? N1    A DT 5  ? ? 103.41 108.00 -4.59  0.70 N 
4  1 "C3'" A S02 7  ? ? "O3'" A S02 7  ? ? P     A DC 9  ? ? 110.59 119.70 -9.11  1.20 Y 
5  1 "O4'" A DC  9  ? ? "C1'" A DC  9  ? ? N1    A DC 9  ? ? 103.62 108.00 -4.38  0.70 N 
6  1 "C3'" A DC  9  ? ? "O3'" A DC  9  ? ? P     A DA 10 ? ? 127.21 119.70 7.51   1.20 Y 
7  1 "C3'" A DA  10 ? ? "O3'" A DA  10 ? ? P     A DA 11 ? ? 126.96 119.70 7.26   1.20 Y 
8  1 "C3'" A DA  11 ? ? "O3'" A DA  11 ? ? P     A DA 12 ? ? 126.90 119.70 7.20   1.20 Y 
9  1 "O5'" A DC  14 ? ? P     A DC  14 ? ? OP1   A DC 14 ? ? 95.65  105.70 -10.05 0.90 N 
10 1 "O5'" A DC  14 ? ? "C5'" A DC  14 ? ? "C4'" A DC 14 ? ? 100.40 109.40 -9.00  0.80 N 
11 1 P     A DC  14 ? ? "O5'" A DC  14 ? ? "C5'" A DC 14 ? ? 110.45 120.90 -10.45 1.60 N 
12 1 "O4'" A DC  14 ? ? "C4'" A DC  14 ? ? "C3'" A DC 14 ? ? 111.69 106.00 5.69   0.60 N 
13 1 "O4'" B DT  5  ? ? "C1'" B DT  5  ? ? N1    B DT 5  ? ? 103.41 108.00 -4.59  0.70 N 
14 1 "C3'" B S02 7  ? ? "O3'" B S02 7  ? ? P     B DC 9  ? ? 109.76 119.70 -9.94  1.20 Y 
15 1 "O4'" B DC  9  ? ? "C1'" B DC  9  ? ? N1    B DC 9  ? ? 110.46 108.30 2.16   0.30 N 
# 
loop_
_pdbx_validate_chiral.id 
_pdbx_validate_chiral.PDB_model_num 
_pdbx_validate_chiral.auth_atom_id 
_pdbx_validate_chiral.label_alt_id 
_pdbx_validate_chiral.auth_asym_id 
_pdbx_validate_chiral.auth_comp_id 
_pdbx_validate_chiral.auth_seq_id 
_pdbx_validate_chiral.PDB_ins_code 
_pdbx_validate_chiral.details 
_pdbx_validate_chiral.omega 
1 1 C4A ? A S02 7 ? PLANAR . 
2 1 C4B ? A S02 7 ? PLANAR . 
3 1 C4A ? B S02 7 ? PLANAR . 
4 1 C4B ? B S02 7 ? PLANAR . 
# 
loop_
_pdbx_refine_tls.id 
_pdbx_refine_tls.details 
_pdbx_refine_tls.method 
_pdbx_refine_tls.origin_x 
_pdbx_refine_tls.origin_y 
_pdbx_refine_tls.origin_z 
_pdbx_refine_tls.T[1][1] 
_pdbx_refine_tls.T[2][2] 
_pdbx_refine_tls.T[3][3] 
_pdbx_refine_tls.T[1][2] 
_pdbx_refine_tls.T[1][3] 
_pdbx_refine_tls.T[2][3] 
_pdbx_refine_tls.L[1][1] 
_pdbx_refine_tls.L[2][2] 
_pdbx_refine_tls.L[3][3] 
_pdbx_refine_tls.L[1][2] 
_pdbx_refine_tls.L[1][3] 
_pdbx_refine_tls.L[2][3] 
_pdbx_refine_tls.S[1][1] 
_pdbx_refine_tls.S[1][2] 
_pdbx_refine_tls.S[1][3] 
_pdbx_refine_tls.S[2][1] 
_pdbx_refine_tls.S[2][2] 
_pdbx_refine_tls.S[2][3] 
_pdbx_refine_tls.S[3][1] 
_pdbx_refine_tls.S[3][2] 
_pdbx_refine_tls.S[3][3] 
_pdbx_refine_tls.pdbx_refine_id 
1 ? refined -7.8512 -0.0865 -4.0022 0.0696 0.0113 0.0904 -0.0069 0.0077 0.0302 0.3885 0.3447  1.7781 0.2133  0.6332  0.2642 -0.0190 -0.0385 0.0232 -0.0056 -0.0143 -0.0549 -0.0460 -0.0188 0.0332 'X-RAY DIFFRACTION' 
2 ? refined 8.5105  -0.5943 3.6750  0.0904 0.0198 0.0756 -0.0093 0.0134 0.0164 1.4386 -0.0288 0.9056 -0.3669 -1.3108 0.0098 -0.1222 -0.0057 0.0213 0.0113  0.0691  -0.0250 0.1279  0.0315  0.0532 'X-RAY DIFFRACTION' 
# 
loop_
_pdbx_refine_tls_group.id 
_pdbx_refine_tls_group.refine_tls_id 
_pdbx_refine_tls_group.beg_label_asym_id 
_pdbx_refine_tls_group.beg_label_seq_id 
_pdbx_refine_tls_group.beg_auth_seq_id 
_pdbx_refine_tls_group.end_label_asym_id 
_pdbx_refine_tls_group.end_label_seq_id 
_pdbx_refine_tls_group.end_auth_seq_id 
_pdbx_refine_tls_group.selection 
_pdbx_refine_tls_group.beg_auth_asym_id 
_pdbx_refine_tls_group.end_auth_asym_id 
_pdbx_refine_tls_group.pdbx_refine_id 
_pdbx_refine_tls_group.selection_details 
1 1 A 1 1 A 13 14 ? A A 'X-RAY DIFFRACTION' ? 
2 2 B 1 1 B 13 14 ? B B 'X-RAY DIFFRACTION' ? 
# 
loop_
_chem_comp_atom.comp_id 
_chem_comp_atom.atom_id 
_chem_comp_atom.type_symbol 
_chem_comp_atom.pdbx_aromatic_flag 
_chem_comp_atom.pdbx_stereo_config 
_chem_comp_atom.pdbx_ordinal 
DA  OP3    O  N N 1   
DA  P      P  N N 2   
DA  OP1    O  N N 3   
DA  OP2    O  N N 4   
DA  "O5'"  O  N N 5   
DA  "C5'"  C  N N 6   
DA  "C4'"  C  N R 7   
DA  "O4'"  O  N N 8   
DA  "C3'"  C  N S 9   
DA  "O3'"  O  N N 10  
DA  "C2'"  C  N N 11  
DA  "C1'"  C  N R 12  
DA  N9     N  Y N 13  
DA  C8     C  Y N 14  
DA  N7     N  Y N 15  
DA  C5     C  Y N 16  
DA  C6     C  Y N 17  
DA  N6     N  N N 18  
DA  N1     N  Y N 19  
DA  C2     C  Y N 20  
DA  N3     N  Y N 21  
DA  C4     C  Y N 22  
DA  HOP3   H  N N 23  
DA  HOP2   H  N N 24  
DA  "H5'"  H  N N 25  
DA  "H5''" H  N N 26  
DA  "H4'"  H  N N 27  
DA  "H3'"  H  N N 28  
DA  "HO3'" H  N N 29  
DA  "H2'"  H  N N 30  
DA  "H2''" H  N N 31  
DA  "H1'"  H  N N 32  
DA  H8     H  N N 33  
DA  H61    H  N N 34  
DA  H62    H  N N 35  
DA  H2     H  N N 36  
DC  OP3    O  N N 37  
DC  P      P  N N 38  
DC  OP1    O  N N 39  
DC  OP2    O  N N 40  
DC  "O5'"  O  N N 41  
DC  "C5'"  C  N N 42  
DC  "C4'"  C  N R 43  
DC  "O4'"  O  N N 44  
DC  "C3'"  C  N S 45  
DC  "O3'"  O  N N 46  
DC  "C2'"  C  N N 47  
DC  "C1'"  C  N R 48  
DC  N1     N  N N 49  
DC  C2     C  N N 50  
DC  O2     O  N N 51  
DC  N3     N  N N 52  
DC  C4     C  N N 53  
DC  N4     N  N N 54  
DC  C5     C  N N 55  
DC  C6     C  N N 56  
DC  HOP3   H  N N 57  
DC  HOP2   H  N N 58  
DC  "H5'"  H  N N 59  
DC  "H5''" H  N N 60  
DC  "H4'"  H  N N 61  
DC  "H3'"  H  N N 62  
DC  "HO3'" H  N N 63  
DC  "H2'"  H  N N 64  
DC  "H2''" H  N N 65  
DC  "H1'"  H  N N 66  
DC  H41    H  N N 67  
DC  H42    H  N N 68  
DC  H5     H  N N 69  
DC  H6     H  N N 70  
DG  OP3    O  N N 71  
DG  P      P  N N 72  
DG  OP1    O  N N 73  
DG  OP2    O  N N 74  
DG  "O5'"  O  N N 75  
DG  "C5'"  C  N N 76  
DG  "C4'"  C  N R 77  
DG  "O4'"  O  N N 78  
DG  "C3'"  C  N S 79  
DG  "O3'"  O  N N 80  
DG  "C2'"  C  N N 81  
DG  "C1'"  C  N R 82  
DG  N9     N  Y N 83  
DG  C8     C  Y N 84  
DG  N7     N  Y N 85  
DG  C5     C  Y N 86  
DG  C6     C  N N 87  
DG  O6     O  N N 88  
DG  N1     N  N N 89  
DG  C2     C  N N 90  
DG  N2     N  N N 91  
DG  N3     N  N N 92  
DG  C4     C  Y N 93  
DG  HOP3   H  N N 94  
DG  HOP2   H  N N 95  
DG  "H5'"  H  N N 96  
DG  "H5''" H  N N 97  
DG  "H4'"  H  N N 98  
DG  "H3'"  H  N N 99  
DG  "HO3'" H  N N 100 
DG  "H2'"  H  N N 101 
DG  "H2''" H  N N 102 
DG  "H1'"  H  N N 103 
DG  H8     H  N N 104 
DG  H1     H  N N 105 
DG  H21    H  N N 106 
DG  H22    H  N N 107 
DT  OP3    O  N N 108 
DT  P      P  N N 109 
DT  OP1    O  N N 110 
DT  OP2    O  N N 111 
DT  "O5'"  O  N N 112 
DT  "C5'"  C  N N 113 
DT  "C4'"  C  N R 114 
DT  "O4'"  O  N N 115 
DT  "C3'"  C  N S 116 
DT  "O3'"  O  N N 117 
DT  "C2'"  C  N N 118 
DT  "C1'"  C  N R 119 
DT  N1     N  N N 120 
DT  C2     C  N N 121 
DT  O2     O  N N 122 
DT  N3     N  N N 123 
DT  C4     C  N N 124 
DT  O4     O  N N 125 
DT  C5     C  N N 126 
DT  C7     C  N N 127 
DT  C6     C  N N 128 
DT  HOP3   H  N N 129 
DT  HOP2   H  N N 130 
DT  "H5'"  H  N N 131 
DT  "H5''" H  N N 132 
DT  "H4'"  H  N N 133 
DT  "H3'"  H  N N 134 
DT  "HO3'" H  N N 135 
DT  "H2'"  H  N N 136 
DT  "H2''" H  N N 137 
DT  "H1'"  H  N N 138 
DT  H3     H  N N 139 
DT  H71    H  N N 140 
DT  H72    H  N N 141 
DT  H73    H  N N 142 
DT  H6     H  N N 143 
HOH O      O  N N 144 
HOH H1     H  N N 145 
HOH H2     H  N N 146 
MG  MG     MG N N 147 
S02 P      P  N N 148 
S02 O1P    O  N N 149 
S02 O2P    O  N N 150 
S02 O3P    O  N N 151 
S02 "O5'"  O  N N 152 
S02 "C5'"  C  N N 153 
S02 "CA'"  C  N N 154 
S02 "OB'"  O  N N 155 
S02 C1A    C  N N 156 
S02 C6A    C  N N 157 
S02 C2A    C  N N 158 
S02 C3A    C  N N 159 
S02 C4A    C  N R 160 
S02 C7A    C  N N 161 
S02 C5A    C  N N 162 
S02 C1B    C  N N 163 
S02 C6B    C  N N 164 
S02 C2B    C  N N 165 
S02 C3B    C  N N 166 
S02 C4B    C  N R 167 
S02 C7B    C  N N 168 
S02 C5B    C  N N 169 
S02 "OC'"  O  N N 170 
S02 "CD'"  C  N N 171 
S02 "C3'"  C  N N 172 
S02 "O3'"  O  N N 173 
S02 HOP2   H  N N 174 
S02 HOP3   H  N N 175 
S02 "H5'1" H  N N 176 
S02 "H5'2" H  N N 177 
S02 HA1    H  N N 178 
S02 HA2    H  N N 179 
S02 H1A    H  N N 180 
S02 H6A1   H  N N 181 
S02 H6A2   H  N N 182 
S02 H2A1   H  N N 183 
S02 H2A2   H  N N 184 
S02 H3A1   H  N N 185 
S02 H3A2   H  N N 186 
S02 H7A    H  N N 187 
S02 H5A1   H  N N 188 
S02 H5A2   H  N N 189 
S02 H1B    H  N N 190 
S02 H6B1   H  N N 191 
S02 H6B2   H  N N 192 
S02 H2B1   H  N N 193 
S02 H2B2   H  N N 194 
S02 H3B1   H  N N 195 
S02 H3B2   H  N N 196 
S02 H7B    H  N N 197 
S02 H5B1   H  N N 198 
S02 H5B2   H  N N 199 
S02 "HD'1" H  N N 200 
S02 "HD'2" H  N N 201 
S02 "H3'1" H  N N 202 
S02 "H3'2" H  N N 203 
S02 "HO3'" H  N N 204 
# 
loop_
_chem_comp_bond.comp_id 
_chem_comp_bond.atom_id_1 
_chem_comp_bond.atom_id_2 
_chem_comp_bond.value_order 
_chem_comp_bond.pdbx_aromatic_flag 
_chem_comp_bond.pdbx_stereo_config 
_chem_comp_bond.pdbx_ordinal 
DA  OP3   P      sing N N 1   
DA  OP3   HOP3   sing N N 2   
DA  P     OP1    doub N N 3   
DA  P     OP2    sing N N 4   
DA  P     "O5'"  sing N N 5   
DA  OP2   HOP2   sing N N 6   
DA  "O5'" "C5'"  sing N N 7   
DA  "C5'" "C4'"  sing N N 8   
DA  "C5'" "H5'"  sing N N 9   
DA  "C5'" "H5''" sing N N 10  
DA  "C4'" "O4'"  sing N N 11  
DA  "C4'" "C3'"  sing N N 12  
DA  "C4'" "H4'"  sing N N 13  
DA  "O4'" "C1'"  sing N N 14  
DA  "C3'" "O3'"  sing N N 15  
DA  "C3'" "C2'"  sing N N 16  
DA  "C3'" "H3'"  sing N N 17  
DA  "O3'" "HO3'" sing N N 18  
DA  "C2'" "C1'"  sing N N 19  
DA  "C2'" "H2'"  sing N N 20  
DA  "C2'" "H2''" sing N N 21  
DA  "C1'" N9     sing N N 22  
DA  "C1'" "H1'"  sing N N 23  
DA  N9    C8     sing Y N 24  
DA  N9    C4     sing Y N 25  
DA  C8    N7     doub Y N 26  
DA  C8    H8     sing N N 27  
DA  N7    C5     sing Y N 28  
DA  C5    C6     sing Y N 29  
DA  C5    C4     doub Y N 30  
DA  C6    N6     sing N N 31  
DA  C6    N1     doub Y N 32  
DA  N6    H61    sing N N 33  
DA  N6    H62    sing N N 34  
DA  N1    C2     sing Y N 35  
DA  C2    N3     doub Y N 36  
DA  C2    H2     sing N N 37  
DA  N3    C4     sing Y N 38  
DC  OP3   P      sing N N 39  
DC  OP3   HOP3   sing N N 40  
DC  P     OP1    doub N N 41  
DC  P     OP2    sing N N 42  
DC  P     "O5'"  sing N N 43  
DC  OP2   HOP2   sing N N 44  
DC  "O5'" "C5'"  sing N N 45  
DC  "C5'" "C4'"  sing N N 46  
DC  "C5'" "H5'"  sing N N 47  
DC  "C5'" "H5''" sing N N 48  
DC  "C4'" "O4'"  sing N N 49  
DC  "C4'" "C3'"  sing N N 50  
DC  "C4'" "H4'"  sing N N 51  
DC  "O4'" "C1'"  sing N N 52  
DC  "C3'" "O3'"  sing N N 53  
DC  "C3'" "C2'"  sing N N 54  
DC  "C3'" "H3'"  sing N N 55  
DC  "O3'" "HO3'" sing N N 56  
DC  "C2'" "C1'"  sing N N 57  
DC  "C2'" "H2'"  sing N N 58  
DC  "C2'" "H2''" sing N N 59  
DC  "C1'" N1     sing N N 60  
DC  "C1'" "H1'"  sing N N 61  
DC  N1    C2     sing N N 62  
DC  N1    C6     sing N N 63  
DC  C2    O2     doub N N 64  
DC  C2    N3     sing N N 65  
DC  N3    C4     doub N N 66  
DC  C4    N4     sing N N 67  
DC  C4    C5     sing N N 68  
DC  N4    H41    sing N N 69  
DC  N4    H42    sing N N 70  
DC  C5    C6     doub N N 71  
DC  C5    H5     sing N N 72  
DC  C6    H6     sing N N 73  
DG  OP3   P      sing N N 74  
DG  OP3   HOP3   sing N N 75  
DG  P     OP1    doub N N 76  
DG  P     OP2    sing N N 77  
DG  P     "O5'"  sing N N 78  
DG  OP2   HOP2   sing N N 79  
DG  "O5'" "C5'"  sing N N 80  
DG  "C5'" "C4'"  sing N N 81  
DG  "C5'" "H5'"  sing N N 82  
DG  "C5'" "H5''" sing N N 83  
DG  "C4'" "O4'"  sing N N 84  
DG  "C4'" "C3'"  sing N N 85  
DG  "C4'" "H4'"  sing N N 86  
DG  "O4'" "C1'"  sing N N 87  
DG  "C3'" "O3'"  sing N N 88  
DG  "C3'" "C2'"  sing N N 89  
DG  "C3'" "H3'"  sing N N 90  
DG  "O3'" "HO3'" sing N N 91  
DG  "C2'" "C1'"  sing N N 92  
DG  "C2'" "H2'"  sing N N 93  
DG  "C2'" "H2''" sing N N 94  
DG  "C1'" N9     sing N N 95  
DG  "C1'" "H1'"  sing N N 96  
DG  N9    C8     sing Y N 97  
DG  N9    C4     sing Y N 98  
DG  C8    N7     doub Y N 99  
DG  C8    H8     sing N N 100 
DG  N7    C5     sing Y N 101 
DG  C5    C6     sing N N 102 
DG  C5    C4     doub Y N 103 
DG  C6    O6     doub N N 104 
DG  C6    N1     sing N N 105 
DG  N1    C2     sing N N 106 
DG  N1    H1     sing N N 107 
DG  C2    N2     sing N N 108 
DG  C2    N3     doub N N 109 
DG  N2    H21    sing N N 110 
DG  N2    H22    sing N N 111 
DG  N3    C4     sing N N 112 
DT  OP3   P      sing N N 113 
DT  OP3   HOP3   sing N N 114 
DT  P     OP1    doub N N 115 
DT  P     OP2    sing N N 116 
DT  P     "O5'"  sing N N 117 
DT  OP2   HOP2   sing N N 118 
DT  "O5'" "C5'"  sing N N 119 
DT  "C5'" "C4'"  sing N N 120 
DT  "C5'" "H5'"  sing N N 121 
DT  "C5'" "H5''" sing N N 122 
DT  "C4'" "O4'"  sing N N 123 
DT  "C4'" "C3'"  sing N N 124 
DT  "C4'" "H4'"  sing N N 125 
DT  "O4'" "C1'"  sing N N 126 
DT  "C3'" "O3'"  sing N N 127 
DT  "C3'" "C2'"  sing N N 128 
DT  "C3'" "H3'"  sing N N 129 
DT  "O3'" "HO3'" sing N N 130 
DT  "C2'" "C1'"  sing N N 131 
DT  "C2'" "H2'"  sing N N 132 
DT  "C2'" "H2''" sing N N 133 
DT  "C1'" N1     sing N N 134 
DT  "C1'" "H1'"  sing N N 135 
DT  N1    C2     sing N N 136 
DT  N1    C6     sing N N 137 
DT  C2    O2     doub N N 138 
DT  C2    N3     sing N N 139 
DT  N3    C4     sing N N 140 
DT  N3    H3     sing N N 141 
DT  C4    O4     doub N N 142 
DT  C4    C5     sing N N 143 
DT  C5    C7     sing N N 144 
DT  C5    C6     doub N N 145 
DT  C7    H71    sing N N 146 
DT  C7    H72    sing N N 147 
DT  C7    H73    sing N N 148 
DT  C6    H6     sing N N 149 
HOH O     H1     sing N N 150 
HOH O     H2     sing N N 151 
S02 P     O1P    doub N N 152 
S02 P     O2P    sing N N 153 
S02 P     O3P    sing N N 154 
S02 P     "O5'"  sing N N 155 
S02 O2P   HOP2   sing N N 156 
S02 O3P   HOP3   sing N N 157 
S02 "O5'" "C5'"  sing N N 158 
S02 "C5'" "CA'"  sing N N 159 
S02 "C5'" "H5'1" sing N N 160 
S02 "C5'" "H5'2" sing N N 161 
S02 "CA'" "OB'"  sing N N 162 
S02 "CA'" HA1    sing N N 163 
S02 "CA'" HA2    sing N N 164 
S02 "OB'" C1A    sing N N 165 
S02 C1A   C6A    sing N N 166 
S02 C1A   C2A    sing N N 167 
S02 C1A   H1A    sing N N 168 
S02 C6A   C5A    sing N N 169 
S02 C6A   H6A1   sing N N 170 
S02 C6A   H6A2   sing N N 171 
S02 C2A   C3A    sing N N 172 
S02 C2A   H2A1   sing N N 173 
S02 C2A   H2A2   sing N N 174 
S02 C3A   C4A    sing N N 175 
S02 C3A   H3A1   sing N N 176 
S02 C3A   H3A2   sing N N 177 
S02 C4A   C7A    doub N N 178 
S02 C4A   C5A    sing N N 179 
S02 C7A   C7B    sing N N 180 
S02 C7A   H7A    sing N N 181 
S02 C5A   H5A1   sing N N 182 
S02 C5A   H5A2   sing N N 183 
S02 C1B   C6B    sing N N 184 
S02 C1B   C2B    sing N N 185 
S02 C1B   "OC'"  sing N N 186 
S02 C1B   H1B    sing N N 187 
S02 C6B   C5B    sing N N 188 
S02 C6B   H6B1   sing N N 189 
S02 C6B   H6B2   sing N N 190 
S02 C2B   C3B    sing N N 191 
S02 C2B   H2B1   sing N N 192 
S02 C2B   H2B2   sing N N 193 
S02 C3B   C4B    sing N N 194 
S02 C3B   H3B1   sing N N 195 
S02 C3B   H3B2   sing N N 196 
S02 C4B   C7B    doub N N 197 
S02 C4B   C5B    sing N N 198 
S02 C7B   H7B    sing N N 199 
S02 C5B   H5B1   sing N N 200 
S02 C5B   H5B2   sing N N 201 
S02 "OC'" "CD'"  sing N N 202 
S02 "CD'" "C3'"  sing N N 203 
S02 "CD'" "HD'1" sing N N 204 
S02 "CD'" "HD'2" sing N N 205 
S02 "C3'" "O3'"  sing N N 206 
S02 "C3'" "H3'1" sing N N 207 
S02 "C3'" "H3'2" sing N N 208 
S02 "O3'" "HO3'" sing N N 209 
# 
loop_
_ndb_struct_conf_na.entry_id 
_ndb_struct_conf_na.feature 
1PUY 'double helix'        
1PUY 'b-form double helix' 
1PUY 'hairpin loop'        
# 
loop_
_ndb_struct_na_base_pair.model_number 
_ndb_struct_na_base_pair.i_label_asym_id 
_ndb_struct_na_base_pair.i_label_comp_id 
_ndb_struct_na_base_pair.i_label_seq_id 
_ndb_struct_na_base_pair.i_symmetry 
_ndb_struct_na_base_pair.j_label_asym_id 
_ndb_struct_na_base_pair.j_label_comp_id 
_ndb_struct_na_base_pair.j_label_seq_id 
_ndb_struct_na_base_pair.j_symmetry 
_ndb_struct_na_base_pair.shear 
_ndb_struct_na_base_pair.stretch 
_ndb_struct_na_base_pair.stagger 
_ndb_struct_na_base_pair.buckle 
_ndb_struct_na_base_pair.propeller 
_ndb_struct_na_base_pair.opening 
_ndb_struct_na_base_pair.pair_number 
_ndb_struct_na_base_pair.pair_name 
_ndb_struct_na_base_pair.i_auth_asym_id 
_ndb_struct_na_base_pair.i_auth_seq_id 
_ndb_struct_na_base_pair.i_PDB_ins_code 
_ndb_struct_na_base_pair.j_auth_asym_id 
_ndb_struct_na_base_pair.j_auth_seq_id 
_ndb_struct_na_base_pair.j_PDB_ins_code 
_ndb_struct_na_base_pair.hbond_type_28 
_ndb_struct_na_base_pair.hbond_type_12 
1 A DG 1 1_555 A DC 13 1_555 -0.129 -0.089 0.002  -12.782 -19.059 -0.638 1  A_DG1:DC14_A A 1 ? A 14 ? 19 1 
1 A DT 2 1_555 A DA 12 1_555 -0.050 -0.130 0.011  -6.231  -11.471 0.994  2  A_DT2:DA13_A A 2 ? A 13 ? 20 1 
1 A DT 3 1_555 A DA 11 1_555 -0.041 -0.104 0.022  -7.406  -11.513 2.210  3  A_DT3:DA12_A A 3 ? A 12 ? 20 1 
1 A DT 4 1_555 A DA 10 1_555 -0.088 -0.167 -0.036 -7.828  -14.394 -0.240 4  A_DT4:DA11_A A 4 ? A 11 ? 20 1 
1 A DT 5 1_555 A DA 9  1_555 -0.056 -0.136 -0.043 -9.334  -17.679 2.281  5  A_DT5:DA10_A A 5 ? A 10 ? 20 1 
1 A DG 6 1_555 A DC 8  1_555 -0.144 -0.048 0.176  2.127   -4.572  -1.513 6  A_DG6:DC9_A  A 6 ? A 9  ? 19 1 
1 B DG 1 1_555 B DC 13 1_555 -0.347 -0.162 0.029  -5.555  -14.767 0.101  7  B_DG1:DC14_B B 1 ? B 14 ? 19 1 
1 B DT 2 1_555 B DA 12 1_555 -0.150 -0.166 0.299  -14.909 -17.022 1.460  8  B_DT2:DA13_B B 2 ? B 13 ? 20 1 
1 B DT 3 1_555 B DA 11 1_555 -0.062 -0.118 -0.165 -2.362  -13.153 3.534  9  B_DT3:DA12_B B 3 ? B 12 ? 20 1 
1 B DT 4 1_555 B DA 10 1_555 -0.126 -0.142 0.106  -7.816  -17.437 3.434  10 B_DT4:DA11_B B 4 ? B 11 ? 20 1 
1 B DT 5 1_555 B DA 9  1_555 -0.075 -0.139 0.029  -13.165 -15.763 0.337  11 B_DT5:DA10_B B 5 ? B 10 ? 20 1 
1 B DG 6 1_555 B DC 8  1_555 -0.211 -0.122 0.052  -6.828  0.899   0.226  12 B_DG6:DC9_B  B 6 ? B 9  ? 19 1 
# 
loop_
_ndb_struct_na_base_pair_step.model_number 
_ndb_struct_na_base_pair_step.i_label_asym_id_1 
_ndb_struct_na_base_pair_step.i_label_comp_id_1 
_ndb_struct_na_base_pair_step.i_label_seq_id_1 
_ndb_struct_na_base_pair_step.i_symmetry_1 
_ndb_struct_na_base_pair_step.j_label_asym_id_1 
_ndb_struct_na_base_pair_step.j_label_comp_id_1 
_ndb_struct_na_base_pair_step.j_label_seq_id_1 
_ndb_struct_na_base_pair_step.j_symmetry_1 
_ndb_struct_na_base_pair_step.i_label_asym_id_2 
_ndb_struct_na_base_pair_step.i_label_comp_id_2 
_ndb_struct_na_base_pair_step.i_label_seq_id_2 
_ndb_struct_na_base_pair_step.i_symmetry_2 
_ndb_struct_na_base_pair_step.j_label_asym_id_2 
_ndb_struct_na_base_pair_step.j_label_comp_id_2 
_ndb_struct_na_base_pair_step.j_label_seq_id_2 
_ndb_struct_na_base_pair_step.j_symmetry_2 
_ndb_struct_na_base_pair_step.shift 
_ndb_struct_na_base_pair_step.slide 
_ndb_struct_na_base_pair_step.rise 
_ndb_struct_na_base_pair_step.tilt 
_ndb_struct_na_base_pair_step.roll 
_ndb_struct_na_base_pair_step.twist 
_ndb_struct_na_base_pair_step.x_displacement 
_ndb_struct_na_base_pair_step.y_displacement 
_ndb_struct_na_base_pair_step.helical_rise 
_ndb_struct_na_base_pair_step.inclination 
_ndb_struct_na_base_pair_step.tip 
_ndb_struct_na_base_pair_step.helical_twist 
_ndb_struct_na_base_pair_step.step_number 
_ndb_struct_na_base_pair_step.step_name 
_ndb_struct_na_base_pair_step.i_auth_asym_id_1 
_ndb_struct_na_base_pair_step.i_auth_seq_id_1 
_ndb_struct_na_base_pair_step.i_PDB_ins_code_1 
_ndb_struct_na_base_pair_step.j_auth_asym_id_1 
_ndb_struct_na_base_pair_step.j_auth_seq_id_1 
_ndb_struct_na_base_pair_step.j_PDB_ins_code_1 
_ndb_struct_na_base_pair_step.i_auth_asym_id_2 
_ndb_struct_na_base_pair_step.i_auth_seq_id_2 
_ndb_struct_na_base_pair_step.i_PDB_ins_code_2 
_ndb_struct_na_base_pair_step.j_auth_asym_id_2 
_ndb_struct_na_base_pair_step.j_auth_seq_id_2 
_ndb_struct_na_base_pair_step.j_PDB_ins_code_2 
1 A DG 1 1_555 A DC 13 1_555 A DT 2 1_555 A DA 12 1_555 -0.596 -0.885 3.047 1.507  3.393  36.014 -1.862 1.154  2.928 5.470  -2.429 
36.198 1  AA_DG1DT2:DA13DC14_AA A 1 ? A 14 ? A 2 ? A 13 ? 
1 A DT 2 1_555 A DA 12 1_555 A DT 3 1_555 A DA 11 1_555 -0.195 -0.517 3.334 1.353  -5.047 37.114 -0.125 0.485  3.364 -7.882 -2.112 
37.467 2  AA_DT2DT3:DA12DA13_AA A 2 ? A 13 ? A 3 ? A 12 ? 
1 A DT 3 1_555 A DA 11 1_555 A DT 4 1_555 A DA 10 1_555 -0.011 -0.002 3.217 1.335  -2.858 39.394 0.327  0.170  3.208 -4.231 -1.977 
39.515 3  AA_DT3DT4:DA11DA12_AA A 3 ? A 12 ? A 4 ? A 11 ? 
1 A DT 4 1_555 A DA 10 1_555 A DT 5 1_555 A DA 9  1_555 0.133  0.533  3.259 0.717  -3.430 39.944 1.166  -0.112 3.206 -5.009 -1.047 
40.092 4  AA_DT4DT5:DA10DA11_AA A 4 ? A 11 ? A 5 ? A 10 ? 
1 A DT 5 1_555 A DA 9  1_555 A DG 6 1_555 A DC 8  1_555 -0.026 1.092  3.105 -2.961 9.611  27.510 0.066  -0.595 3.278 19.407 5.979  
29.257 5  AA_DT5DG6:DC9DA10_AA  A 5 ? A 10 ? A 6 ? A 9  ? 
1 B DG 1 1_555 B DC 13 1_555 B DT 2 1_555 B DA 12 1_555 -0.487 -1.538 3.527 -0.962 0.859  32.549 -2.903 0.688  3.499 1.532  1.716  
32.574 6  BB_DG1DT2:DA13DC14_BB B 1 ? B 14 ? B 2 ? B 13 ? 
1 B DT 2 1_555 B DA 12 1_555 B DT 3 1_555 B DA 11 1_555 -0.273 -0.570 2.976 5.441  4.173  31.532 -1.689 1.355  2.795 7.567  -9.868 
32.250 7  BB_DT2DT3:DA12DA13_BB B 2 ? B 13 ? B 3 ? B 12 ? 
1 B DT 3 1_555 B DA 11 1_555 B DT 4 1_555 B DA 10 1_555 -0.365 -0.375 3.425 -1.244 -1.212 36.174 -0.425 0.404  3.446 -1.951 2.001  
36.214 8  BB_DT3DT4:DA11DA12_BB B 3 ? B 12 ? B 4 ? B 11 ? 
1 B DT 4 1_555 B DA 10 1_555 B DT 5 1_555 B DA 9  1_555 -0.272 -0.032 3.322 0.722  0.200  38.037 -0.075 0.510  3.316 0.306  -1.108 
38.044 9  BB_DT4DT5:DA10DA11_BB B 4 ? B 11 ? B 5 ? B 10 ? 
1 B DT 5 1_555 B DA 9  1_555 B DG 6 1_555 B DC 8  1_555 1.034  0.867  3.185 -0.528 2.355  36.207 1.070  -1.732 3.218 3.784  0.849  
36.285 10 BB_DT5DG6:DC9DA10_BB  B 5 ? B 10 ? B 6 ? B 9  ? 
# 
_atom_sites.entry_id                    1PUY 
_atom_sites.fract_transf_matrix[1][1]   0.01359274 
_atom_sites.fract_transf_matrix[1][2]   0.00686050 
_atom_sites.fract_transf_matrix[1][3]   0.02979051 
_atom_sites.fract_transf_matrix[2][1]   -0.00490088 
_atom_sites.fract_transf_matrix[2][2]   -0.02219630 
_atom_sites.fract_transf_matrix[2][3]   0.00734778 
_atom_sites.fract_transf_matrix[3][1]   0.01742458 
_atom_sites.fract_transf_matrix[3][2]   -0.00602023 
_atom_sites.fract_transf_matrix[3][3]   -0.00656404 
_atom_sites.fract_transf_vector[1]      0.541443 
_atom_sites.fract_transf_vector[2]      0.040080 
_atom_sites.fract_transf_vector[3]      0.265103 
# 
loop_
_atom_type.symbol 
C  
MG 
N  
O  
P  
# 
loop_
_atom_site.group_PDB 
_atom_site.id 
_atom_site.type_symbol 
_atom_site.label_atom_id 
_atom_site.label_alt_id 
_atom_site.label_comp_id 
_atom_site.label_asym_id 
_atom_site.label_entity_id 
_atom_site.label_seq_id 
_atom_site.pdbx_PDB_ins_code 
_atom_site.Cartn_x 
_atom_site.Cartn_y 
_atom_site.Cartn_z 
_atom_site.occupancy 
_atom_site.B_iso_or_equiv 
_atom_site.pdbx_formal_charge 
_atom_site.auth_seq_id 
_atom_site.auth_comp_id 
_atom_site.auth_asym_id 
_atom_site.auth_atom_id 
_atom_site.pdbx_PDB_model_num 
ATOM   1   O  "O5'" . DG  A 1 1  ? -9.737  2.909   -17.490 1.00 16.65 ? 1   DG  A "O5'" 1 
ATOM   2   C  "C5'" . DG  A 1 1  ? -10.971 3.225   -18.128 1.00 14.90 ? 1   DG  A "C5'" 1 
ATOM   3   C  "C4'" . DG  A 1 1  ? -12.142 2.653   -17.360 1.00 12.91 ? 1   DG  A "C4'" 1 
ATOM   4   O  "O4'" . DG  A 1 1  ? -12.024 1.239   -17.271 1.00 12.56 ? 1   DG  A "O4'" 1 
ATOM   5   C  "C3'" . DG  A 1 1  ? -12.286 3.104   -15.919 1.00 11.45 ? 1   DG  A "C3'" 1 
ATOM   6   O  "O3'" . DG  A 1 1  ? -12.885 4.404   -15.895 1.00 14.51 ? 1   DG  A "O3'" 1 
ATOM   7   C  "C2'" . DG  A 1 1  ? -13.152 2.009   -15.331 1.00 12.01 ? 1   DG  A "C2'" 1 
ATOM   8   C  "C1'" . DG  A 1 1  ? -12.706 0.794   -16.134 1.00 13.26 ? 1   DG  A "C1'" 1 
ATOM   9   N  N9    . DG  A 1 1  ? -11.842 -0.162  -15.443 1.00 11.61 ? 1   DG  A N9    1 
ATOM   10  C  C8    . DG  A 1 1  ? -10.608 -0.627  -15.854 1.00 11.39 ? 1   DG  A C8    1 
ATOM   11  N  N7    . DG  A 1 1  ? -10.111 -1.556  -15.075 1.00 11.32 ? 1   DG  A N7    1 
ATOM   12  C  C5    . DG  A 1 1  ? -11.067 -1.697  -14.090 1.00 10.22 ? 1   DG  A C5    1 
ATOM   13  C  C6    . DG  A 1 1  ? -11.100 -2.572  -12.951 1.00 11.72 ? 1   DG  A C6    1 
ATOM   14  O  O6    . DG  A 1 1  ? -10.266 -3.413  -12.615 1.00 12.59 ? 1   DG  A O6    1 
ATOM   15  N  N1    . DG  A 1 1  ? -12.267 -2.382  -12.207 1.00 10.40 ? 1   DG  A N1    1 
ATOM   16  C  C2    . DG  A 1 1  ? -13.301 -1.517  -12.529 1.00 10.81 ? 1   DG  A C2    1 
ATOM   17  N  N2    . DG  A 1 1  ? -14.337 -1.438  -11.679 1.00 12.06 ? 1   DG  A N2    1 
ATOM   18  N  N3    . DG  A 1 1  ? -13.277 -0.722  -13.571 1.00 11.74 ? 1   DG  A N3    1 
ATOM   19  C  C4    . DG  A 1 1  ? -12.149 -0.879  -14.317 1.00 12.04 ? 1   DG  A C4    1 
ATOM   20  P  P     . DT  A 1 2  ? -12.636 5.349   -14.654 1.00 15.21 ? 2   DT  A P     1 
ATOM   21  O  OP1   . DT  A 1 2  ? -13.337 6.604   -14.959 1.00 16.70 ? 2   DT  A OP1   1 
ATOM   22  O  OP2   . DT  A 1 2  ? -11.183 5.308   -14.348 1.00 17.88 ? 2   DT  A OP2   1 
ATOM   23  O  "O5'" . DT  A 1 2  ? -13.321 4.629   -13.424 1.00 13.50 ? 2   DT  A "O5'" 1 
ATOM   24  C  "C5'" . DT  A 1 2  ? -14.720 4.444   -13.387 1.00 13.15 ? 2   DT  A "C5'" 1 
ATOM   25  C  "C4'" . DT  A 1 2  ? -15.156 4.075   -12.005 1.00 12.60 ? 2   DT  A "C4'" 1 
ATOM   26  O  "O4'" . DT  A 1 2  ? -14.630 2.757   -11.755 1.00 12.28 ? 2   DT  A "O4'" 1 
ATOM   27  C  "C3'" . DT  A 1 2  ? -14.674 4.974   -10.848 1.00 12.23 ? 2   DT  A "C3'" 1 
ATOM   28  O  "O3'" . DT  A 1 2  ? -15.674 5.097   -9.845  1.00 13.35 ? 2   DT  A "O3'" 1 
ATOM   29  C  "C2'" . DT  A 1 2  ? -13.450 4.253   -10.362 1.00 14.34 ? 2   DT  A "C2'" 1 
ATOM   30  C  "C1'" . DT  A 1 2  ? -13.840 2.809   -10.562 1.00 12.67 ? 2   DT  A "C1'" 1 
ATOM   31  N  N1    . DT  A 1 2  ? -12.655 1.916   -10.708 1.00 11.96 ? 2   DT  A N1    1 
ATOM   32  C  C2    . DT  A 1 2  ? -12.485 0.813   -9.873  1.00 11.44 ? 2   DT  A C2    1 
ATOM   33  O  O2    . DT  A 1 2  ? -13.236 0.516   -8.970  1.00 13.23 ? 2   DT  A O2    1 
ATOM   34  N  N3    . DT  A 1 2  ? -11.337 0.093   -10.114 1.00 11.24 ? 2   DT  A N3    1 
ATOM   35  C  C4    . DT  A 1 2  ? -10.400 0.323   -11.083 1.00 11.30 ? 2   DT  A C4    1 
ATOM   36  O  O4    . DT  A 1 2  ? -9.429  -0.412  -11.206 1.00 12.66 ? 2   DT  A O4    1 
ATOM   37  C  C5    . DT  A 1 2  ? -10.639 1.493   -11.918 1.00 11.30 ? 2   DT  A C5    1 
ATOM   38  C  C7    . DT  A 1 2  ? -9.691  1.862   -13.007 1.00 12.23 ? 2   DT  A C7    1 
ATOM   39  C  C6    . DT  A 1 2  ? -11.745 2.209   -11.704 1.00 10.60 ? 2   DT  A C6    1 
ATOM   40  P  P     . DT  A 1 3  ? -15.467 5.838   -8.455  1.00 14.86 ? 3   DT  A P     1 
ATOM   41  O  OP1   . DT  A 1 3  ? -16.793 6.457   -8.158  1.00 15.71 ? 3   DT  A OP1   1 
ATOM   42  O  OP2   . DT  A 1 3  ? -14.283 6.734   -8.552  1.00 15.76 ? 3   DT  A OP2   1 
ATOM   43  O  "O5'" . DT  A 1 3  ? -15.189 4.670   -7.450  1.00 14.99 ? 3   DT  A "O5'" 1 
ATOM   44  C  "C5'" . DT  A 1 3  ? -16.134 3.621   -7.291  1.00 14.15 ? 3   DT  A "C5'" 1 
ATOM   45  C  "C4'" . DT  A 1 3  ? -15.727 2.717   -6.167  1.00 14.79 ? 3   DT  A "C4'" 1 
ATOM   46  O  "O4'" . DT  A 1 3  ? -14.512 2.016   -6.524  1.00 14.61 ? 3   DT  A "O4'" 1 
ATOM   47  C  "C3'" . DT  A 1 3  ? -15.454 3.410   -4.827  1.00 15.83 ? 3   DT  A "C3'" 1 
ATOM   48  O  "O3'" . DT  A 1 3  ? -16.153 2.692   -3.835  1.00 17.32 ? 3   DT  A "O3'" 1 
ATOM   49  C  "C2'" . DT  A 1 3  ? -13.940 3.347   -4.694  1.00 14.86 ? 3   DT  A "C2'" 1 
ATOM   50  C  "C1'" . DT  A 1 3  ? -13.607 2.078   -5.426  1.00 14.30 ? 3   DT  A "C1'" 1 
ATOM   51  N  N1    . DT  A 1 3  ? -12.288 2.014   -6.060  1.00 11.97 ? 3   DT  A N1    1 
ATOM   52  C  C2    . DT  A 1 3  ? -11.471 0.929   -5.843  1.00 12.75 ? 3   DT  A C2    1 
ATOM   53  O  O2    . DT  A 1 3  ? -11.709 0.042   -5.083  1.00 14.94 ? 3   DT  A O2    1 
ATOM   54  N  N3    . DT  A 1 3  ? -10.307 0.947   -6.570  1.00 10.75 ? 3   DT  A N3    1 
ATOM   55  C  C4    . DT  A 1 3  ? -9.865  1.910   -7.438  1.00 10.69 ? 3   DT  A C4    1 
ATOM   56  O  O4    . DT  A 1 3  ? -8.817  1.760   -8.052  1.00 12.02 ? 3   DT  A O4    1 
ATOM   57  C  C5    . DT  A 1 3  ? -10.763 3.013   -7.636  1.00 11.64 ? 3   DT  A C5    1 
ATOM   58  C  C7    . DT  A 1 3  ? -10.411 4.081   -8.581  1.00 13.25 ? 3   DT  A C7    1 
ATOM   59  C  C6    . DT  A 1 3  ? -11.930 3.028   -6.955  1.00 11.84 ? 3   DT  A C6    1 
ATOM   60  P  P     . DT  A 1 4  ? -16.062 3.004   -2.278  1.00 20.43 ? 4   DT  A P     1 
ATOM   61  O  OP1   . DT  A 1 4  ? -17.369 2.640   -1.667  1.00 23.85 ? 4   DT  A OP1   1 
ATOM   62  O  OP2   . DT  A 1 4  ? -15.500 4.367   -2.165  1.00 18.48 ? 4   DT  A OP2   1 
ATOM   63  O  "O5'" . DT  A 1 4  ? -14.996 2.007   -1.692  1.00 18.74 ? 4   DT  A "O5'" 1 
ATOM   64  C  "C5'" . DT  A 1 4  ? -15.199 0.619   -1.849  1.00 17.25 ? 4   DT  A "C5'" 1 
ATOM   65  C  "C4'" . DT  A 1 4  ? -14.010 -0.122  -1.316  1.00 15.49 ? 4   DT  A "C4'" 1 
ATOM   66  O  "O4'" . DT  A 1 4  ? -12.834 0.111   -2.140  1.00 15.04 ? 4   DT  A "O4'" 1 
ATOM   67  C  "C3'" . DT  A 1 4  ? -13.639 0.324   0.101   1.00 16.23 ? 4   DT  A "C3'" 1 
ATOM   68  O  "O3'" . DT  A 1 4  ? -13.808 -0.787  0.973   1.00 18.02 ? 4   DT  A "O3'" 1 
ATOM   69  C  "C2'" . DT  A 1 4  ? -12.209 0.831   0.015   1.00 15.05 ? 4   DT  A "C2'" 1 
ATOM   70  C  "C1'" . DT  A 1 4  ? -11.702 0.239   -1.275  1.00 14.70 ? 4   DT  A "C1'" 1 
ATOM   71  N  N1    . DT  A 1 4  ? -10.761 1.058   -2.059  1.00 13.47 ? 4   DT  A N1    1 
ATOM   72  C  C2    . DT  A 1 4  ? -9.615  0.461   -2.507  1.00 12.49 ? 4   DT  A C2    1 
ATOM   73  O  O2    . DT  A 1 4  ? -9.283  -0.667  -2.172  1.00 14.86 ? 4   DT  A O2    1 
ATOM   74  N  N3    . DT  A 1 4  ? -8.858  1.273   -3.315  1.00 12.41 ? 4   DT  A N3    1 
ATOM   75  C  C4    . DT  A 1 4  ? -9.094  2.555   -3.704  1.00 12.99 ? 4   DT  A C4    1 
ATOM   76  O  O4    . DT  A 1 4  ? -8.348  3.117   -4.489  1.00 15.30 ? 4   DT  A O4    1 
ATOM   77  C  C5    . DT  A 1 4  ? -10.349 3.112   -3.240  1.00 13.70 ? 4   DT  A C5    1 
ATOM   78  C  C7    . DT  A 1 4  ? -10.738 4.512   -3.596  1.00 14.72 ? 4   DT  A C7    1 
ATOM   79  C  C6    . DT  A 1 4  ? -11.096 2.360   -2.443  1.00 13.04 ? 4   DT  A C6    1 
ATOM   80  P  P     . DT  A 1 5  ? -13.300 -0.760  2.504   1.00 20.77 ? 5   DT  A P     1 
ATOM   81  O  OP1   . DT  A 1 5  ? -14.173 -1.729  3.169   1.00 23.79 ? 5   DT  A OP1   1 
ATOM   82  O  OP2   . DT  A 1 5  ? -13.149 0.630   2.981   1.00 21.61 ? 5   DT  A OP2   1 
ATOM   83  O  "O5'" . DT  A 1 5  ? -11.851 -1.416  2.349   1.00 18.77 ? 5   DT  A "O5'" 1 
ATOM   84  C  "C5'" . DT  A 1 5  ? -11.737 -2.658  1.680   1.00 16.69 ? 5   DT  A "C5'" 1 
ATOM   85  C  "C4'" . DT  A 1 5  ? -10.297 -3.040  1.487   1.00 15.11 ? 5   DT  A "C4'" 1 
ATOM   86  O  "O4'" . DT  A 1 5  ? -9.640  -1.987  0.753   1.00 15.94 ? 5   DT  A "O4'" 1 
ATOM   87  C  "C3'" . DT  A 1 5  ? -9.498  -3.222  2.782   1.00 15.72 ? 5   DT  A "C3'" 1 
ATOM   88  O  "O3'" . DT  A 1 5  ? -8.800  -4.449  2.713   1.00 17.06 ? 5   DT  A "O3'" 1 
ATOM   89  C  "C2'" . DT  A 1 5  ? -8.574  -2.023  2.825   1.00 14.89 ? 5   DT  A "C2'" 1 
ATOM   90  C  "C1'" . DT  A 1 5  ? -8.353  -1.720  1.367   1.00 14.52 ? 5   DT  A "C1'" 1 
ATOM   91  N  N1    . DT  A 1 5  ? -8.068  -0.310  0.973   1.00 13.00 ? 5   DT  A N1    1 
ATOM   92  C  C2    . DT  A 1 5  ? -7.042  -0.047  0.111   1.00 14.31 ? 5   DT  A C2    1 
ATOM   93  O  O2    . DT  A 1 5  ? -6.202  -0.858  -0.263  1.00 14.31 ? 5   DT  A O2    1 
ATOM   94  N  N3    . DT  A 1 5  ? -6.986  1.241   -0.284  1.00 13.28 ? 5   DT  A N3    1 
ATOM   95  C  C4    . DT  A 1 5  ? -7.818  2.286   0.046   1.00 14.18 ? 5   DT  A C4    1 
ATOM   96  O  O4    . DT  A 1 5  ? -7.665  3.383   -0.432  1.00 14.68 ? 5   DT  A O4    1 
ATOM   97  C  C5    . DT  A 1 5  ? -8.887  1.962   0.933   1.00 14.20 ? 5   DT  A C5    1 
ATOM   98  C  C7    . DT  A 1 5  ? -9.865  2.996   1.378   1.00 14.46 ? 5   DT  A C7    1 
ATOM   99  C  C6    . DT  A 1 5  ? -8.978  0.684   1.318   1.00 14.07 ? 5   DT  A C6    1 
ATOM   100 P  P     . DG  A 1 6  ? -8.375  -5.267  4.031   1.00 17.97 ? 6   DG  A P     1 
ATOM   101 O  OP1   . DG  A 1 6  ? -8.242  -6.711  3.667   1.00 20.28 ? 6   DG  A OP1   1 
ATOM   102 O  OP2   . DG  A 1 6  ? -9.285  -4.872  5.112   1.00 20.26 ? 6   DG  A OP2   1 
ATOM   103 O  "O5'" . DG  A 1 6  ? -6.959  -4.615  4.369   1.00 15.47 ? 6   DG  A "O5'" 1 
ATOM   104 C  "C5'" . DG  A 1 6  ? -5.802  -4.946  3.634   1.00 14.80 ? 6   DG  A "C5'" 1 
ATOM   105 C  "C4'" . DG  A 1 6  ? -4.677  -4.074  4.099   1.00 13.76 ? 6   DG  A "C4'" 1 
ATOM   106 O  "O4'" . DG  A 1 6  ? -4.821  -2.737  3.548   1.00 14.39 ? 6   DG  A "O4'" 1 
ATOM   107 C  "C3'" . DG  A 1 6  ? -4.611  -3.889  5.604   1.00 14.59 ? 6   DG  A "C3'" 1 
ATOM   108 O  "O3'" . DG  A 1 6  ? -3.259  -4.051  5.998   1.00 16.29 ? 6   DG  A "O3'" 1 
ATOM   109 C  "C2'" . DG  A 1 6  ? -5.079  -2.461  5.808   1.00 14.35 ? 6   DG  A "C2'" 1 
ATOM   110 C  "C1'" . DG  A 1 6  ? -4.527  -1.810  4.566   1.00 14.88 ? 6   DG  A "C1'" 1 
ATOM   111 N  N9    . DG  A 1 6  ? -5.124  -0.556  4.219   1.00 14.66 ? 6   DG  A N9    1 
ATOM   112 C  C8    . DG  A 1 6  ? -6.326  -0.031  4.640   1.00 14.78 ? 6   DG  A C8    1 
ATOM   113 N  N7    . DG  A 1 6  ? -6.583  1.126   4.096   1.00 13.88 ? 6   DG  A N7    1 
ATOM   114 C  C5    . DG  A 1 6  ? -5.508  1.349   3.237   1.00 12.17 ? 6   DG  A C5    1 
ATOM   115 C  C6    . DG  A 1 6  ? -5.224  2.444   2.378   1.00 14.17 ? 6   DG  A C6    1 
ATOM   116 O  O6    . DG  A 1 6  ? -5.894  3.452   2.191   1.00 14.87 ? 6   DG  A O6    1 
ATOM   117 N  N1    . DG  A 1 6  ? -4.013  2.282   1.690   1.00 11.74 ? 6   DG  A N1    1 
ATOM   118 C  C2    . DG  A 1 6  ? -3.174  1.238   1.854   1.00 12.44 ? 6   DG  A C2    1 
ATOM   119 N  N2    . DG  A 1 6  ? -2.062  1.255   1.106   1.00 13.32 ? 6   DG  A N2    1 
ATOM   120 N  N3    . DG  A 1 6  ? -3.433  0.197   2.659   1.00 12.20 ? 6   DG  A N3    1 
ATOM   121 C  C4    . DG  A 1 6  ? -4.607  0.328   3.321   1.00 13.31 ? 6   DG  A C4    1 
HETATM 122 P  P     . S02 A 1 7  ? -2.897  -4.824  7.325   1.00 15.84 ? 7   S02 A P     1 
HETATM 123 O  O1P   . S02 A 1 7  ? -1.386  -4.910  7.300   1.00 17.60 ? 7   S02 A O1P   1 
HETATM 124 O  O2P   . S02 A 1 7  ? -3.680  -6.103  7.491   1.00 17.94 ? 7   S02 A O2P   1 
HETATM 125 O  "O5'" . S02 A 1 7  ? -3.310  -3.859  8.546   1.00 14.53 ? 7   S02 A "O5'" 1 
HETATM 126 C  "C5'" . S02 A 1 7  ? -2.381  -2.967  9.172   1.00 12.45 ? 7   S02 A "C5'" 1 
HETATM 127 C  "CA'" . S02 A 1 7  ? -2.081  -1.811  8.231   1.00 13.28 ? 7   S02 A "CA'" 1 
HETATM 128 O  "OB'" . S02 A 1 7  ? -3.172  -0.879  8.175   1.00 14.04 ? 7   S02 A "OB'" 1 
HETATM 129 C  C1A   . S02 A 1 7  ? -3.108  0.259   7.346   1.00 12.60 ? 7   S02 A C1A   1 
HETATM 130 C  C6A   . S02 A 1 7  ? -4.168  1.084   7.280   1.00 12.31 ? 7   S02 A C6A   1 
HETATM 131 C  C2A   . S02 A 1 7  ? -2.060  0.530   6.539   1.00 11.43 ? 7   S02 A C2A   1 
HETATM 132 C  C3A   . S02 A 1 7  ? -2.058  1.643   5.745   1.00 12.20 ? 7   S02 A C3A   1 
HETATM 133 C  C4A   . S02 A 1 7  ? -3.137  2.479   5.669   1.00 11.58 ? 7   S02 A C4A   1 
HETATM 134 C  C7A   . S02 A 1 7  ? -3.206  3.663   4.884   1.00 12.88 ? 7   S02 A C7A   1 
HETATM 135 C  C5A   . S02 A 1 7  ? -4.175  2.164   6.471   1.00 11.95 ? 7   S02 A C5A   1 
HETATM 136 C  C1B   . S02 A 1 7  ? -2.065  7.504   1.694   1.00 16.42 ? 7   S02 A C1B   1 
HETATM 137 C  C6B   . S02 A 1 7  ? -1.137  6.545   1.639   1.00 15.91 ? 7   S02 A C6B   1 
HETATM 138 C  C2B   . S02 A 1 7  ? -3.141  7.319   2.502   1.00 15.35 ? 7   S02 A C2B   1 
HETATM 139 C  C3B   . S02 A 1 7  ? -3.268  6.165   3.242   1.00 15.95 ? 7   S02 A C3B   1 
HETATM 140 C  C4B   . S02 A 1 7  ? -2.310  5.197   3.180   1.00 14.15 ? 7   S02 A C4B   1 
HETATM 141 C  C7B   . S02 A 1 7  ? -2.334  3.977   3.892   1.00 11.47 ? 7   S02 A C7B   1 
HETATM 142 C  C5B   . S02 A 1 7  ? -1.266  5.412   2.364   1.00 13.91 ? 7   S02 A C5B   1 
HETATM 143 O  "OC'" . S02 A 1 7  ? -1.756  8.728   1.009   1.00 21.79 ? 7   S02 A "OC'" 1 
HETATM 144 C  "CD'" . S02 A 1 7  ? -2.852  9.481   0.408   1.00 23.64 ? 7   S02 A "CD'" 1 
HETATM 145 C  "C3'" . S02 A 1 7  ? -2.379  10.191  -0.682  1.00 23.36 ? 7   S02 A "C3'" 1 
HETATM 146 O  "O3'" . S02 A 1 7  ? -2.298  9.372   -1.733  1.00 25.63 ? 7   S02 A "O3'" 1 
ATOM   147 P  P     . DC  A 1 8  ? -1.694  10.150  -3.014  1.00 25.45 ? 9   DC  A P     1 
ATOM   148 O  OP1   . DC  A 1 8  ? -1.106  11.449  -2.585  1.00 28.76 ? 9   DC  A OP1   1 
ATOM   149 O  OP2   . DC  A 1 8  ? -2.716  10.196  -4.073  1.00 27.08 ? 9   DC  A OP2   1 
ATOM   150 O  "O5'" . DC  A 1 8  ? -0.526  9.249   -3.674  1.00 26.20 ? 9   DC  A "O5'" 1 
ATOM   151 C  "C5'" . DC  A 1 8  ? 0.688   8.788   -2.888  1.00 24.30 ? 9   DC  A "C5'" 1 
ATOM   152 C  "C4'" . DC  A 1 8  ? 1.022   7.274   -2.825  1.00 21.31 ? 9   DC  A "C4'" 1 
ATOM   153 O  "O4'" . DC  A 1 8  ? 0.281   6.592   -1.785  1.00 21.44 ? 9   DC  A "O4'" 1 
ATOM   154 C  "C3'" . DC  A 1 8  ? 0.818   6.488   -4.106  1.00 21.97 ? 9   DC  A "C3'" 1 
ATOM   155 O  "O3'" . DC  A 1 8  ? 2.025   5.826   -4.382  1.00 26.05 ? 9   DC  A "O3'" 1 
ATOM   156 C  "C2'" . DC  A 1 8  ? -0.291  5.501   -3.798  1.00 20.05 ? 9   DC  A "C2'" 1 
ATOM   157 C  "C1'" . DC  A 1 8  ? -0.311  5.415   -2.284  1.00 18.08 ? 9   DC  A "C1'" 1 
ATOM   158 N  N1    . DC  A 1 8  ? -1.672  5.416   -1.664  1.00 15.78 ? 9   DC  A N1    1 
ATOM   159 C  C2    . DC  A 1 8  ? -2.067  4.398   -0.809  1.00 13.90 ? 9   DC  A C2    1 
ATOM   160 O  O2    . DC  A 1 8  ? -1.324  3.458   -0.597  1.00 14.51 ? 9   DC  A O2    1 
ATOM   161 N  N3    . DC  A 1 8  ? -3.280  4.473   -0.252  1.00 11.98 ? 9   DC  A N3    1 
ATOM   162 C  C4    . DC  A 1 8  ? -4.089  5.474   -0.465  1.00 13.39 ? 9   DC  A C4    1 
ATOM   163 N  N4    . DC  A 1 8  ? -5.267  5.465   0.159   1.00 13.65 ? 9   DC  A N4    1 
ATOM   164 C  C5    . DC  A 1 8  ? -3.730  6.530   -1.331  1.00 14.10 ? 9   DC  A C5    1 
ATOM   165 C  C6    . DC  A 1 8  ? -2.517  6.469   -1.909  1.00 14.59 ? 9   DC  A C6    1 
ATOM   166 P  P     . DA  A 1 9  ? 2.507   5.252   -5.782  1.00 30.26 ? 10  DA  A P     1 
ATOM   167 O  OP1   . DA  A 1 9  ? 3.988   5.310   -5.660  1.00 32.54 ? 10  DA  A OP1   1 
ATOM   168 O  OP2   . DA  A 1 9  ? 1.808   5.856   -6.934  1.00 31.57 ? 10  DA  A OP2   1 
ATOM   169 O  "O5'" . DA  A 1 9  ? 2.012   3.747   -5.698  1.00 27.90 ? 10  DA  A "O5'" 1 
ATOM   170 C  "C5'" . DA  A 1 9  ? 2.422   2.930   -4.635  1.00 29.06 ? 10  DA  A "C5'" 1 
ATOM   171 C  "C4'" . DA  A 1 9  ? 1.620   1.662   -4.644  1.00 28.31 ? 10  DA  A "C4'" 1 
ATOM   172 O  "O4'" . DA  A 1 9  ? 0.316   1.904   -4.066  1.00 27.47 ? 10  DA  A "O4'" 1 
ATOM   173 C  "C3'" . DA  A 1 9  ? 1.337   1.071   -6.013  1.00 27.87 ? 10  DA  A "C3'" 1 
ATOM   174 O  "O3'" . DA  A 1 9  ? 1.432   -0.324  -5.851  1.00 30.38 ? 10  DA  A "O3'" 1 
ATOM   175 C  "C2'" . DA  A 1 9  ? -0.084  1.526   -6.323  1.00 27.14 ? 10  DA  A "C2'" 1 
ATOM   176 C  "C1'" . DA  A 1 9  ? -0.687  1.436   -4.936  1.00 26.02 ? 10  DA  A "C1'" 1 
ATOM   177 N  N9    . DA  A 1 9  ? -1.867  2.237   -4.665  1.00 23.46 ? 10  DA  A N9    1 
ATOM   178 C  C8    . DA  A 1 9  ? -2.288  3.396   -5.250  1.00 22.15 ? 10  DA  A C8    1 
ATOM   179 N  N7    . DA  A 1 9  ? -3.387  3.897   -4.720  1.00 19.68 ? 10  DA  A N7    1 
ATOM   180 C  C5    . DA  A 1 9  ? -3.692  2.998   -3.709  1.00 17.77 ? 10  DA  A C5    1 
ATOM   181 C  C6    . DA  A 1 9  ? -4.734  2.938   -2.760  1.00 16.41 ? 10  DA  A C6    1 
ATOM   182 N  N6    . DA  A 1 9  ? -5.717  3.814   -2.674  1.00 15.76 ? 10  DA  A N6    1 
ATOM   183 N  N1    . DA  A 1 9  ? -4.740  1.875   -1.922  1.00 14.78 ? 10  DA  A N1    1 
ATOM   184 C  C2    . DA  A 1 9  ? -3.762  0.979   -1.985  1.00 15.09 ? 10  DA  A C2    1 
ATOM   185 N  N3    . DA  A 1 9  ? -2.713  0.936   -2.820  1.00 18.54 ? 10  DA  A N3    1 
ATOM   186 C  C4    . DA  A 1 9  ? -2.756  1.985   -3.659  1.00 19.89 ? 10  DA  A C4    1 
ATOM   187 P  P     . DA  A 1 10 ? 1.788   -1.387  -6.964  1.00 29.41 ? 11  DA  A P     1 
ATOM   188 O  OP1   . DA  A 1 10 ? 3.152   -1.928  -6.725  1.00 31.26 ? 11  DA  A OP1   1 
ATOM   189 O  OP2   . DA  A 1 10 ? 1.313   -0.992  -8.316  1.00 29.32 ? 11  DA  A OP2   1 
ATOM   190 O  "O5'" . DA  A 1 10 ? 0.749   -2.451  -6.443  1.00 25.18 ? 11  DA  A "O5'" 1 
ATOM   191 C  "C5'" . DA  A 1 10 ? 0.901   -3.020  -5.160  1.00 24.68 ? 11  DA  A "C5'" 1 
ATOM   192 C  "C4'" . DA  A 1 10 ? -0.372  -3.724  -4.796  1.00 23.01 ? 11  DA  A "C4'" 1 
ATOM   193 O  "O4'" . DA  A 1 10 ? -1.407  -2.741  -4.490  1.00 22.42 ? 11  DA  A "O4'" 1 
ATOM   194 C  "C3'" . DA  A 1 10 ? -0.929  -4.602  -5.911  1.00 23.71 ? 11  DA  A "C3'" 1 
ATOM   195 O  "O3'" . DA  A 1 10 ? -1.346  -5.826  -5.351  1.00 24.94 ? 11  DA  A "O3'" 1 
ATOM   196 C  "C2'" . DA  A 1 10 ? -2.084  -3.799  -6.478  1.00 22.58 ? 11  DA  A "C2'" 1 
ATOM   197 C  "C1'" . DA  A 1 10 ? -2.561  -3.025  -5.273  1.00 20.84 ? 11  DA  A "C1'" 1 
ATOM   198 N  N9    . DA  A 1 10 ? -3.232  -1.784  -5.633  1.00 17.97 ? 11  DA  A N9    1 
ATOM   199 C  C8    . DA  A 1 10 ? -2.962  -0.914  -6.655  1.00 17.29 ? 11  DA  A C8    1 
ATOM   200 N  N7    . DA  A 1 10 ? -3.760  0.113   -6.710  1.00 17.43 ? 11  DA  A N7    1 
ATOM   201 C  C5    . DA  A 1 10 ? -4.632  -0.087  -5.682  1.00 15.35 ? 11  DA  A C5    1 
ATOM   202 C  C6    . DA  A 1 10 ? -5.725  0.659   -5.225  1.00 14.17 ? 11  DA  A C6    1 
ATOM   203 N  N6    . DA  A 1 10 ? -6.140  1.798   -5.766  1.00 14.73 ? 11  DA  A N6    1 
ATOM   204 N  N1    . DA  A 1 10 ? -6.362  0.199   -4.171  1.00 12.85 ? 11  DA  A N1    1 
ATOM   205 C  C2    . DA  A 1 10 ? -5.964  -0.956  -3.599  1.00 13.74 ? 11  DA  A C2    1 
ATOM   206 N  N3    . DA  A 1 10 ? -4.950  -1.765  -3.938  1.00 14.08 ? 11  DA  A N3    1 
ATOM   207 C  C4    . DA  A 1 10 ? -4.330  -1.260  -5.011  1.00 14.72 ? 11  DA  A C4    1 
ATOM   208 P  P     . DA  A 1 11 ? -2.108  -7.022  -6.104  1.00 23.85 ? 12  DA  A P     1 
ATOM   209 O  OP1   . DA  A 1 11 ? -1.387  -8.258  -5.734  1.00 26.47 ? 12  DA  A OP1   1 
ATOM   210 O  OP2   . DA  A 1 11 ? -2.362  -6.726  -7.520  1.00 21.54 ? 12  DA  A OP2   1 
ATOM   211 O  "O5'" . DA  A 1 11 ? -3.521  -7.018  -5.367  1.00 20.50 ? 12  DA  A "O5'" 1 
ATOM   212 C  "C5'" . DA  A 1 11 ? -3.585  -7.184  -3.950  1.00 19.54 ? 12  DA  A "C5'" 1 
ATOM   213 C  "C4'" . DA  A 1 11 ? -5.015  -7.049  -3.455  1.00 16.34 ? 12  DA  A "C4'" 1 
ATOM   214 O  "O4'" . DA  A 1 11 ? -5.512  -5.719  -3.729  1.00 15.44 ? 12  DA  A "O4'" 1 
ATOM   215 C  "C3'" . DA  A 1 11 ? -5.959  -8.012  -4.126  1.00 16.04 ? 12  DA  A "C3'" 1 
ATOM   216 O  "O3'" . DA  A 1 11 ? -6.784  -8.567  -3.159  1.00 15.89 ? 12  DA  A "O3'" 1 
ATOM   217 C  "C2'" . DA  A 1 11 ? -6.715  -7.146  -5.138  1.00 15.01 ? 12  DA  A "C2'" 1 
ATOM   218 C  "C1'" . DA  A 1 11 ? -6.679  -5.771  -4.530  1.00 14.48 ? 12  DA  A "C1'" 1 
ATOM   219 N  N9    . DA  A 1 11 ? -6.590  -4.696  -5.512  1.00 13.26 ? 12  DA  A N9    1 
ATOM   220 C  C8    . DA  A 1 11 ? -5.715  -4.578  -6.523  1.00 13.37 ? 12  DA  A C8    1 
ATOM   221 N  N7    . DA  A 1 11 ? -5.853  -3.486  -7.232  1.00 13.62 ? 12  DA  A N7    1 
ATOM   222 C  C5    . DA  A 1 11 ? -6.916  -2.833  -6.627  1.00 14.55 ? 12  DA  A C5    1 
ATOM   223 C  C6    . DA  A 1 11 ? -7.558  -1.588  -6.893  1.00 13.43 ? 12  DA  A C6    1 
ATOM   224 N  N6    . DA  A 1 11 ? -7.207  -0.767  -7.897  1.00 12.94 ? 12  DA  A N6    1 
ATOM   225 N  N1    . DA  A 1 11 ? -8.592  -1.251  -6.083  1.00 12.10 ? 12  DA  A N1    1 
ATOM   226 C  C2    . DA  A 1 11 ? -8.922  -2.096  -5.070  1.00 12.84 ? 12  DA  A C2    1 
ATOM   227 N  N3    . DA  A 1 11 ? -8.384  -3.280  -4.725  1.00 12.96 ? 12  DA  A N3    1 
ATOM   228 C  C4    . DA  A 1 11 ? -7.376  -3.580  -5.560  1.00 14.08 ? 12  DA  A C4    1 
ATOM   229 P  P     . DA  A 1 12 ? -8.011  -9.485  -3.518  1.00 15.38 ? 13  DA  A P     1 
ATOM   230 O  OP1   . DA  A 1 12 ? -8.222  -10.388 -2.359  1.00 16.50 ? 13  DA  A OP1   1 
ATOM   231 O  OP2   . DA  A 1 12 ? -7.837  -10.087 -4.866  1.00 15.99 ? 13  DA  A OP2   1 
ATOM   232 O  "O5'" . DA  A 1 12 ? -9.200  -8.430  -3.631  1.00 15.16 ? 13  DA  A "O5'" 1 
ATOM   233 C  "C5'" . DA  A 1 12 ? -9.578  -7.702  -2.487  1.00 14.29 ? 13  DA  A "C5'" 1 
ATOM   234 C  "C4'" . DA  A 1 12 ? -10.749 -6.832  -2.816  1.00 12.98 ? 13  DA  A "C4'" 1 
ATOM   235 O  "O4'" . DA  A 1 12 ? -10.388 -5.865  -3.847  1.00 13.93 ? 13  DA  A "O4'" 1 
ATOM   236 C  "C3'" . DA  A 1 12 ? -11.973 -7.557  -3.344  1.00 14.30 ? 13  DA  A "C3'" 1 
ATOM   237 O  "O3'" . DA  A 1 12 ? -13.163 -6.985  -2.708  1.00 15.53 ? 13  DA  A "O3'" 1 
ATOM   238 C  "C2'" . DA  A 1 12 ? -11.932 -7.242  -4.864  1.00 13.21 ? 13  DA  A "C2'" 1 
ATOM   239 C  "C1'" . DA  A 1 12 ? -11.378 -5.851  -4.841  1.00 14.42 ? 13  DA  A "C1'" 1 
ATOM   240 N  N9    . DA  A 1 12 ? -10.758 -5.388  -6.077  1.00 13.37 ? 13  DA  A N9    1 
ATOM   241 C  C8    . DA  A 1 12 ? -9.719  -6.007  -6.765  1.00 11.18 ? 13  DA  A C8    1 
ATOM   242 N  N7    . DA  A 1 12 ? -9.302  -5.351  -7.803  1.00 13.27 ? 13  DA  A N7    1 
ATOM   243 C  C5    . DA  A 1 12 ? -10.053 -4.211  -7.783  1.00 11.76 ? 13  DA  A C5    1 
ATOM   244 C  C6    . DA  A 1 12 ? -10.032 -3.101  -8.644  1.00 10.49 ? 13  DA  A C6    1 
ATOM   245 N  N6    . DA  A 1 12 ? -9.203  -3.019  -9.686  1.00 12.19 ? 13  DA  A N6    1 
ATOM   246 N  N1    . DA  A 1 12 ? -10.913 -2.125  -8.413  1.00 12.48 ? 13  DA  A N1    1 
ATOM   247 C  C2    . DA  A 1 12 ? -11.722 -2.215  -7.343  1.00 11.42 ? 13  DA  A C2    1 
ATOM   248 N  N3    . DA  A 1 12 ? -11.845 -3.207  -6.437  1.00 11.60 ? 13  DA  A N3    1 
ATOM   249 C  C4    . DA  A 1 12 ? -10.932 -4.175  -6.719  1.00 11.91 ? 13  DA  A C4    1 
ATOM   250 P  P     . DC  A 1 13 ? -14.525 -7.674  -2.583  1.00 17.73 ? 14  DC  A P     1 
ATOM   251 O  OP1   . DC  A 1 13 ? -15.190 -7.166  -1.353  1.00 19.06 ? 14  DC  A OP1   1 
ATOM   252 O  OP2   . DC  A 1 13 ? -14.498 -9.133  -2.872  1.00 19.39 ? 14  DC  A OP2   1 
ATOM   253 O  "O5'" . DC  A 1 13 ? -15.573 -7.059  -3.592  1.00 20.85 ? 14  DC  A "O5'" 1 
ATOM   254 C  "C5'" . DC  A 1 13 ? -14.928 -6.745  -4.875  1.00 22.04 ? 14  DC  A "C5'" 1 
ATOM   255 C  "C4'" . DC  A 1 13 ? -15.687 -5.566  -5.268  1.00 20.54 ? 14  DC  A "C4'" 1 
ATOM   256 O  "O4'" . DC  A 1 13 ? -14.763 -4.847  -6.076  1.00 15.97 ? 14  DC  A "O4'" 1 
ATOM   257 C  "C3'" . DC  A 1 13 ? -16.893 -5.996  -6.053  1.00 20.28 ? 14  DC  A "C3'" 1 
ATOM   258 O  "O3'" . DC  A 1 13 ? -18.093 -5.338  -5.650  1.00 24.47 ? 14  DC  A "O3'" 1 
ATOM   259 C  "C2'" . DC  A 1 13 ? -16.449 -5.746  -7.473  1.00 16.51 ? 14  DC  A "C2'" 1 
ATOM   260 C  "C1'" . DC  A 1 13 ? -15.297 -4.759  -7.372  1.00 14.61 ? 14  DC  A "C1'" 1 
ATOM   261 N  N1    . DC  A 1 13 ? -14.194 -5.048  -8.300  1.00 13.42 ? 14  DC  A N1    1 
ATOM   262 C  C2    . DC  A 1 13 ? -13.827 -4.066  -9.202  1.00 12.80 ? 14  DC  A C2    1 
ATOM   263 O  O2    . DC  A 1 13 ? -14.462 -3.010  -9.196  1.00 11.87 ? 14  DC  A O2    1 
ATOM   264 N  N3    . DC  A 1 13 ? -12.787 -4.306  -10.066 1.00 12.47 ? 14  DC  A N3    1 
ATOM   265 C  C4    . DC  A 1 13 ? -12.134 -5.434  -10.030 1.00 12.90 ? 14  DC  A C4    1 
ATOM   266 N  N4    . DC  A 1 13 ? -11.135 -5.589  -10.880 1.00 13.06 ? 14  DC  A N4    1 
ATOM   267 C  C5    . DC  A 1 13 ? -12.494 -6.474  -9.105  1.00 13.13 ? 14  DC  A C5    1 
ATOM   268 C  C6    . DC  A 1 13 ? -13.519 -6.224  -8.249  1.00 12.85 ? 14  DC  A C6    1 
ATOM   269 O  "O5'" . DG  B 1 1  ? 16.730  5.469   -5.624  1.00 21.01 ? 1   DG  B "O5'" 1 
ATOM   270 C  "C5'" . DG  B 1 1  ? 16.674  5.174   -7.017  1.00 18.05 ? 1   DG  B "C5'" 1 
ATOM   271 C  "C4'" . DG  B 1 1  ? 16.501  3.708   -7.281  1.00 16.34 ? 1   DG  B "C4'" 1 
ATOM   272 O  "O4'" . DG  B 1 1  ? 17.593  2.986   -6.688  1.00 14.27 ? 1   DG  B "O4'" 1 
ATOM   273 C  "C3'" . DG  B 1 1  ? 15.252  3.107   -6.684  1.00 15.63 ? 1   DG  B "C3'" 1 
ATOM   274 O  "O3'" . DG  B 1 1  ? 14.125  3.355   -7.521  1.00 16.96 ? 1   DG  B "O3'" 1 
ATOM   275 C  "C2'" . DG  B 1 1  ? 15.635  1.660   -6.645  1.00 13.20 ? 1   DG  B "C2'" 1 
ATOM   276 C  "C1'" . DG  B 1 1  ? 17.090  1.726   -6.228  1.00 11.91 ? 1   DG  B "C1'" 1 
ATOM   277 N  N9    . DG  B 1 1  ? 17.276  1.648   -4.771  1.00 12.54 ? 1   DG  B N9    1 
ATOM   278 C  C8    . DG  B 1 1  ? 17.736  2.627   -3.918  1.00 14.01 ? 1   DG  B C8    1 
ATOM   279 N  N7    . DG  B 1 1  ? 17.799  2.244   -2.667  1.00 14.30 ? 1   DG  B N7    1 
ATOM   280 C  C5    . DG  B 1 1  ? 17.380  0.944   -2.697  1.00 10.90 ? 1   DG  B C5    1 
ATOM   281 C  C6    . DG  B 1 1  ? 17.250  0.002   -1.659  1.00 11.19 ? 1   DG  B C6    1 
ATOM   282 O  O6    . DG  B 1 1  ? 17.484  0.156   -0.454  1.00 11.69 ? 1   DG  B O6    1 
ATOM   283 N  N1    . DG  B 1 1  ? 16.776  -1.197  -2.132  1.00 11.44 ? 1   DG  B N1    1 
ATOM   284 C  C2    . DG  B 1 1  ? 16.487  -1.488  -3.439  1.00 12.48 ? 1   DG  B C2    1 
ATOM   285 N  N2    . DG  B 1 1  ? 16.055  -2.742  -3.722  1.00 11.76 ? 1   DG  B N2    1 
ATOM   286 N  N3    . DG  B 1 1  ? 16.614  -0.614  -4.400  1.00 12.78 ? 1   DG  B N3    1 
ATOM   287 C  C4    . DG  B 1 1  ? 17.052  0.561   -3.974  1.00 12.30 ? 1   DG  B C4    1 
ATOM   288 P  P     . DT  B 1 2  ? 12.647  3.366   -6.927  1.00 17.83 ? 2   DT  B P     1 
ATOM   289 O  OP1   . DT  B 1 2  ? 11.867  3.881   -8.076  1.00 19.38 ? 2   DT  B OP1   1 
ATOM   290 O  OP2   . DT  B 1 2  ? 12.651  4.090   -5.604  1.00 20.21 ? 2   DT  B OP2   1 
ATOM   291 O  "O5'" . DT  B 1 2  ? 12.327  1.847   -6.616  1.00 15.34 ? 2   DT  B "O5'" 1 
ATOM   292 C  "C5'" . DT  B 1 2  ? 12.350  0.883   -7.650  1.00 16.20 ? 2   DT  B "C5'" 1 
ATOM   293 C  "C4'" . DT  B 1 2  ? 12.164  -0.502  -7.070  1.00 15.72 ? 2   DT  B "C4'" 1 
ATOM   294 O  "O4'" . DT  B 1 2  ? 13.262  -0.793  -6.157  1.00 16.93 ? 2   DT  B "O4'" 1 
ATOM   295 C  "C3'" . DT  B 1 2  ? 10.898  -0.710  -6.254  1.00 17.80 ? 2   DT  B "C3'" 1 
ATOM   296 O  "O3'" . DT  B 1 2  ? 9.798   -1.002  -7.115  1.00 15.60 ? 2   DT  B "O3'" 1 
ATOM   297 C  "C2'" . DT  B 1 2  ? 11.300  -1.845  -5.334  1.00 18.22 ? 2   DT  B "C2'" 1 
ATOM   298 C  "C1'" . DT  B 1 2  ? 12.777  -1.565  -5.078  1.00 16.33 ? 2   DT  B "C1'" 1 
ATOM   299 N  N1    . DT  B 1 2  ? 13.077  -0.820  -3.806  1.00 17.16 ? 2   DT  B N1    1 
ATOM   300 C  C2    . DT  B 1 2  ? 13.023  -1.512  -2.629  1.00 17.03 ? 2   DT  B C2    1 
ATOM   301 O  O2    . DT  B 1 2  ? 12.670  -2.673  -2.554  1.00 17.64 ? 2   DT  B O2    1 
ATOM   302 N  N3    . DT  B 1 2  ? 13.338  -0.760  -1.514  1.00 16.49 ? 2   DT  B N3    1 
ATOM   303 C  C4    . DT  B 1 2  ? 13.742  0.551   -1.445  1.00 17.07 ? 2   DT  B C4    1 
ATOM   304 O  O4    . DT  B 1 2  ? 14.052  1.077   -0.371  1.00 17.71 ? 2   DT  B O4    1 
ATOM   305 C  C5    . DT  B 1 2  ? 13.787  1.244   -2.711  1.00 16.38 ? 2   DT  B C5    1 
ATOM   306 C  C7    . DT  B 1 2  ? 14.212  2.689   -2.789  1.00 16.41 ? 2   DT  B C7    1 
ATOM   307 C  C6    . DT  B 1 2  ? 13.479  0.514   -3.830  1.00 17.19 ? 2   DT  B C6    1 
ATOM   308 P  P     . DT  B 1 3  ? 8.283   -0.820  -6.652  1.00 16.73 ? 3   DT  B P     1 
ATOM   309 O  OP1   . DT  B 1 3  ? 7.461   -1.101  -7.871  1.00 18.10 ? 3   DT  B OP1   1 
ATOM   310 O  OP2   . DT  B 1 3  ? 8.130   0.498   -5.961  1.00 16.66 ? 3   DT  B OP2   1 
ATOM   311 O  "O5'" . DT  B 1 3  ? 8.030   -1.938  -5.538  1.00 15.64 ? 3   DT  B "O5'" 1 
ATOM   312 C  "C5'" . DT  B 1 3  ? 8.241   -3.308  -5.803  1.00 17.30 ? 3   DT  B "C5'" 1 
ATOM   313 C  "C4'" . DT  B 1 3  ? 8.188   -4.160  -4.550  1.00 17.55 ? 3   DT  B "C4'" 1 
ATOM   314 O  "O4'" . DT  B 1 3  ? 9.095   -3.659  -3.528  1.00 17.37 ? 3   DT  B "O4'" 1 
ATOM   315 C  "C3'" . DT  B 1 3  ? 6.827   -4.261  -3.879  1.00 19.04 ? 3   DT  B "C3'" 1 
ATOM   316 O  "O3'" . DT  B 1 3  ? 6.700   -5.604  -3.435  1.00 20.13 ? 3   DT  B "O3'" 1 
ATOM   317 C  "C2'" . DT  B 1 3  ? 6.919   -3.233  -2.771  1.00 17.68 ? 3   DT  B "C2'" 1 
ATOM   318 C  "C1'" . DT  B 1 3  ? 8.363   -3.393  -2.336  1.00 17.13 ? 3   DT  B "C1'" 1 
ATOM   319 N  N1    . DT  B 1 3  ? 8.971   -2.182  -1.704  1.00 15.86 ? 3   DT  B N1    1 
ATOM   320 C  C2    . DT  B 1 3  ? 9.479   -2.294  -0.419  1.00 15.46 ? 3   DT  B C2    1 
ATOM   321 O  O2    . DT  B 1 3  ? 9.452   -3.313  0.237   1.00 15.55 ? 3   DT  B O2    1 
ATOM   322 N  N3    . DT  B 1 3  ? 10.030  -1.161  0.069   1.00 14.71 ? 3   DT  B N3    1 
ATOM   323 C  C4    . DT  B 1 3  ? 10.167  0.059   -0.568  1.00 14.90 ? 3   DT  B C4    1 
ATOM   324 O  O4    . DT  B 1 3  ? 10.687  1.034   -0.024  1.00 16.59 ? 3   DT  B O4    1 
ATOM   325 C  C5    . DT  B 1 3  ? 9.605   0.095   -1.905  1.00 15.78 ? 3   DT  B C5    1 
ATOM   326 C  C7    . DT  B 1 3  ? 9.651   1.336   -2.738  1.00 16.09 ? 3   DT  B C7    1 
ATOM   327 C  C6    . DT  B 1 3  ? 9.060   -1.001  -2.400  1.00 15.51 ? 3   DT  B C6    1 
ATOM   328 P  P     . DT  B 1 4  ? 5.341   -6.223  -2.914  1.00 21.88 ? 4   DT  B P     1 
ATOM   329 O  OP1   . DT  B 1 4  ? 5.269   -7.648  -3.340  1.00 25.73 ? 4   DT  B OP1   1 
ATOM   330 O  OP2   . DT  B 1 4  ? 4.262   -5.230  -3.257  1.00 22.46 ? 4   DT  B OP2   1 
ATOM   331 O  "O5'" . DT  B 1 4  ? 5.528   -6.154  -1.355  1.00 21.20 ? 4   DT  B "O5'" 1 
ATOM   332 C  "C5'" . DT  B 1 4  ? 6.668   -6.743  -0.768  1.00 21.00 ? 4   DT  B "C5'" 1 
ATOM   333 C  "C4'" . DT  B 1 4  ? 6.568   -6.656  0.730   1.00 21.05 ? 4   DT  B "C4'" 1 
ATOM   334 O  "O4'" . DT  B 1 4  ? 7.016   -5.345  1.112   1.00 21.32 ? 4   DT  B "O4'" 1 
ATOM   335 C  "C3'" . DT  B 1 4  ? 5.169   -6.814  1.317   1.00 20.98 ? 4   DT  B "C3'" 1 
ATOM   336 O  "O3'" . DT  B 1 4  ? 5.289   -7.779  2.343   1.00 21.01 ? 4   DT  B "O3'" 1 
ATOM   337 C  "C2'" . DT  B 1 4  ? 4.783   -5.407  1.801   1.00 20.68 ? 4   DT  B "C2'" 1 
ATOM   338 C  "C1'" . DT  B 1 4  ? 6.129   -4.785  2.069   1.00 18.68 ? 4   DT  B "C1'" 1 
ATOM   339 N  N1    . DT  B 1 4  ? 6.286   -3.316  1.884   1.00 16.01 ? 4   DT  B N1    1 
ATOM   340 C  C2    . DT  B 1 4  ? 6.926   -2.620  2.879   1.00 15.95 ? 4   DT  B C2    1 
ATOM   341 O  O2    . DT  B 1 4  ? 7.281   -3.143  3.888   1.00 16.14 ? 4   DT  B O2    1 
ATOM   342 N  N3    . DT  B 1 4  ? 7.114   -1.295  2.643   1.00 13.98 ? 4   DT  B N3    1 
ATOM   343 C  C4    . DT  B 1 4  ? 6.762   -0.595  1.520   1.00 14.59 ? 4   DT  B C4    1 
ATOM   344 O  O4    . DT  B 1 4  ? 7.013   0.593   1.386   1.00 15.11 ? 4   DT  B O4    1 
ATOM   345 C  C5    . DT  B 1 4  ? 6.093   -1.373  0.495   1.00 16.17 ? 4   DT  B C5    1 
ATOM   346 C  C7    . DT  B 1 4  ? 5.659   -0.684  -0.771  1.00 18.02 ? 4   DT  B C7    1 
ATOM   347 C  C6    . DT  B 1 4  ? 5.889   -2.687  0.716   1.00 16.41 ? 4   DT  B C6    1 
ATOM   348 P  P     . DT  B 1 5  ? 4.124   -8.157  3.370   1.00 20.86 ? 5   DT  B P     1 
ATOM   349 O  OP1   . DT  B 1 5  ? 4.322   -9.562  3.796   1.00 24.05 ? 5   DT  B OP1   1 
ATOM   350 O  OP2   . DT  B 1 5  ? 2.814   -7.730  2.832   1.00 20.00 ? 5   DT  B OP2   1 
ATOM   351 O  "O5'" . DT  B 1 5  ? 4.378   -7.210  4.616   1.00 20.21 ? 5   DT  B "O5'" 1 
ATOM   352 C  "C5'" . DT  B 1 5  ? 5.594   -7.275  5.313   1.00 18.26 ? 5   DT  B "C5'" 1 
ATOM   353 C  "C4'" . DT  B 1 5  ? 5.513   -6.329  6.472   1.00 17.30 ? 5   DT  B "C4'" 1 
ATOM   354 O  "O4'" . DT  B 1 5  ? 5.558   -4.965  5.996   1.00 16.56 ? 5   DT  B "O4'" 1 
ATOM   355 C  "C3'" . DT  B 1 5  ? 4.232   -6.428  7.273   1.00 18.63 ? 5   DT  B "C3'" 1 
ATOM   356 O  "O3'" . DT  B 1 5  ? 4.602   -6.746  8.586   1.00 19.58 ? 5   DT  B "O3'" 1 
ATOM   357 C  "C2'" . DT  B 1 5  ? 3.559   -5.054  7.148   1.00 17.78 ? 5   DT  B "C2'" 1 
ATOM   358 C  "C1'" . DT  B 1 5  ? 4.710   -4.170  6.783   1.00 17.23 ? 5   DT  B "C1'" 1 
ATOM   359 N  N1    . DT  B 1 5  ? 4.433   -3.005  5.918   1.00 14.65 ? 5   DT  B N1    1 
ATOM   360 C  C2    . DT  B 1 5  ? 4.966   -1.793  6.256   1.00 14.91 ? 5   DT  B C2    1 
ATOM   361 O  O2    . DT  B 1 5  ? 5.595   -1.608  7.288   1.00 15.80 ? 5   DT  B O2    1 
ATOM   362 N  N3    . DT  B 1 5  ? 4.735   -0.805  5.338   1.00 15.56 ? 5   DT  B N3    1 
ATOM   363 C  C4    . DT  B 1 5  ? 4.036   -0.875  4.163   1.00 14.43 ? 5   DT  B C4    1 
ATOM   364 O  O4    . DT  B 1 5  ? 3.903   0.098   3.420   1.00 16.17 ? 5   DT  B O4    1 
ATOM   365 C  C5    . DT  B 1 5  ? 3.510   -2.174  3.849   1.00 14.84 ? 5   DT  B C5    1 
ATOM   366 C  C7    . DT  B 1 5  ? 2.750   -2.394  2.584   1.00 16.99 ? 5   DT  B C7    1 
ATOM   367 C  C6    . DT  B 1 5  ? 3.738   -3.169  4.725   1.00 14.49 ? 5   DT  B C6    1 
ATOM   368 P  P     . DG  B 1 6  ? 3.552   -7.054  9.725   1.00 19.64 ? 6   DG  B P     1 
ATOM   369 O  OP1   . DG  B 1 6  ? 4.254   -7.970  10.675  1.00 23.30 ? 6   DG  B OP1   1 
ATOM   370 O  OP2   . DG  B 1 6  ? 2.246   -7.518  9.173   1.00 18.34 ? 6   DG  B OP2   1 
ATOM   371 O  "O5'" . DG  B 1 6  ? 3.274   -5.628  10.392  1.00 17.04 ? 6   DG  B "O5'" 1 
ATOM   372 C  "C5'" . DG  B 1 6  ? 4.305   -4.878  10.993  1.00 16.59 ? 6   DG  B "C5'" 1 
ATOM   373 C  "C4'" . DG  B 1 6  ? 3.754   -3.519  11.346  1.00 15.40 ? 6   DG  B "C4'" 1 
ATOM   374 O  "O4'" . DG  B 1 6  ? 3.607   -2.756  10.147  1.00 14.79 ? 6   DG  B "O4'" 1 
ATOM   375 C  "C3'" . DG  B 1 6  ? 2.387   -3.569  12.003  1.00 15.49 ? 6   DG  B "C3'" 1 
ATOM   376 O  "O3'" . DG  B 1 6  ? 2.365   -2.786  13.193  1.00 17.95 ? 6   DG  B "O3'" 1 
ATOM   377 C  "C2'" . DG  B 1 6  ? 1.465   -3.005  10.950  1.00 12.84 ? 6   DG  B "C2'" 1 
ATOM   378 C  "C1'" . DG  B 1 6  ? 2.396   -2.036  10.238  1.00 11.91 ? 6   DG  B "C1'" 1 
ATOM   379 N  N9    . DG  B 1 6  ? 1.993   -1.678  8.887   1.00 11.43 ? 6   DG  B N9    1 
ATOM   380 C  C8    . DG  B 1 6  ? 1.353   -2.484  7.981   1.00 11.90 ? 6   DG  B C8    1 
ATOM   381 N  N7    . DG  B 1 6  ? 1.092   -1.921  6.862   1.00 11.25 ? 6   DG  B N7    1 
ATOM   382 C  C5    . DG  B 1 6  ? 1.618   -0.638  7.009   1.00 9.75  ? 6   DG  B C5    1 
ATOM   383 C  C6    . DG  B 1 6  ? 1.605   0.455   6.115   1.00 8.82  ? 6   DG  B C6    1 
ATOM   384 O  O6    . DG  B 1 6  ? 1.175   0.494   4.966   1.00 12.53 ? 6   DG  B O6    1 
ATOM   385 N  N1    . DG  B 1 6  ? 2.261   1.558   6.648   1.00 11.47 ? 6   DG  B N1    1 
ATOM   386 C  C2    . DG  B 1 6  ? 2.759   1.645   7.915   1.00 11.43 ? 6   DG  B C2    1 
ATOM   387 N  N2    . DG  B 1 6  ? 3.298   2.814   8.282   1.00 11.57 ? 6   DG  B N2    1 
ATOM   388 N  N3    . DG  B 1 6  ? 2.752   0.640   8.771   1.00 11.37 ? 6   DG  B N3    1 
ATOM   389 C  C4    . DG  B 1 6  ? 2.140   -0.448  8.254   1.00 9.26  ? 6   DG  B C4    1 
HETATM 390 P  P     . S02 B 1 7  ? 1.693   -3.326  14.545  1.00 18.05 ? 7   S02 B P     1 
HETATM 391 O  O1P   . S02 B 1 7  ? 1.960   -2.254  15.583  1.00 17.23 ? 7   S02 B O1P   1 
HETATM 392 O  O2P   . S02 B 1 7  ? 2.160   -4.737  14.868  1.00 18.95 ? 7   S02 B O2P   1 
HETATM 393 O  "O5'" . S02 B 1 7  ? 0.114   -3.535  14.160  1.00 20.49 ? 7   S02 B "O5'" 1 
HETATM 394 C  "C5'" . S02 B 1 7  ? -0.984  -2.793  14.726  1.00 17.92 ? 7   S02 B "C5'" 1 
HETATM 395 C  "CA'" . S02 B 1 7  ? -1.581  -1.835  13.676  1.00 19.28 ? 7   S02 B "CA'" 1 
HETATM 396 O  "OB'" . S02 B 1 7  ? -0.524  -1.092  13.135  1.00 21.54 ? 7   S02 B "OB'" 1 
HETATM 397 C  C1A   . S02 B 1 7  ? -0.663  -0.126  12.203  1.00 17.74 ? 7   S02 B C1A   1 
HETATM 398 C  C6A   . S02 B 1 7  ? 0.424   0.590   11.959  1.00 19.22 ? 7   S02 B C6A   1 
HETATM 399 C  C2A   . S02 B 1 7  ? -1.812  0.145   11.505  1.00 18.43 ? 7   S02 B C2A   1 
HETATM 400 C  C3A   . S02 B 1 7  ? -1.797  1.161   10.569  1.00 16.23 ? 7   S02 B C3A   1 
HETATM 401 C  C4A   . S02 B 1 7  ? -0.674  1.895   10.358  1.00 16.48 ? 7   S02 B C4A   1 
HETATM 402 C  C7A   . S02 B 1 7  ? -0.508  2.967   9.448   1.00 17.94 ? 7   S02 B C7A   1 
HETATM 403 C  C5A   . S02 B 1 7  ? 0.414   1.571   11.074  1.00 16.29 ? 7   S02 B C5A   1 
HETATM 404 C  C1B   . S02 B 1 7  ? -0.965  6.792   6.134   1.00 14.04 ? 7   S02 B C1B   1 
HETATM 405 C  C6B   . S02 B 1 7  ? 0.072   5.954   6.362   1.00 13.09 ? 7   S02 B C6B   1 
HETATM 406 C  C2B   . S02 B 1 7  ? -2.124  6.560   6.747   1.00 13.95 ? 7   S02 B C2B   1 
HETATM 407 C  C3B   . S02 B 1 7  ? -2.273  5.480   7.575   1.00 14.17 ? 7   S02 B C3B   1 
HETATM 408 C  C4B   . S02 B 1 7  ? -1.259  4.631   7.843   1.00 15.40 ? 7   S02 B C4B   1 
HETATM 409 C  C7B   . S02 B 1 7  ? -1.490  3.558   8.717   1.00 17.97 ? 7   S02 B C7B   1 
HETATM 410 C  C5B   . S02 B 1 7  ? -0.067  4.883   7.206   1.00 12.54 ? 7   S02 B C5B   1 
HETATM 411 O  "OC'" . S02 B 1 7  ? -0.853  7.921   5.293   1.00 17.52 ? 7   S02 B "OC'" 1 
HETATM 412 C  "CD'" . S02 B 1 7  ? 0.457   8.254   4.690   1.00 19.38 ? 7   S02 B "CD'" 1 
HETATM 413 C  "C3'" . S02 B 1 7  ? 0.345   9.395   3.928   1.00 23.00 ? 7   S02 B "C3'" 1 
HETATM 414 O  "O3'" . S02 B 1 7  ? -0.082  10.424  4.700   1.00 25.51 ? 7   S02 B "O3'" 1 
ATOM   415 P  P     . DC  B 1 8  ? 1.133   11.434  4.976   1.00 26.32 ? 9   DC  B P     1 
ATOM   416 O  OP1   . DC  B 1 8  ? 0.718   12.444  5.981   1.00 26.06 ? 9   DC  B OP1   1 
ATOM   417 O  OP2   . DC  B 1 8  ? 1.694   11.900  3.679   1.00 26.63 ? 9   DC  B OP2   1 
ATOM   418 O  "O5'" . DC  B 1 8  ? 2.306   10.655  5.693   1.00 23.45 ? 9   DC  B "O5'" 1 
ATOM   419 C  "C5'" . DC  B 1 8  ? 3.404   10.370  4.939   1.00 19.25 ? 9   DC  B "C5'" 1 
ATOM   420 C  "C4'" . DC  B 1 8  ? 4.192   9.317   5.641   1.00 16.56 ? 9   DC  B "C4'" 1 
ATOM   421 O  "O4'" . DC  B 1 8  ? 3.495   8.028   5.617   1.00 14.44 ? 9   DC  B "O4'" 1 
ATOM   422 C  "C3'" . DC  B 1 8  ? 5.485   9.107   4.934   1.00 15.41 ? 9   DC  B "C3'" 1 
ATOM   423 O  "O3'" . DC  B 1 8  ? 6.534   8.816   5.852   1.00 15.99 ? 9   DC  B "O3'" 1 
ATOM   424 C  "C2'" . DC  B 1 8  ? 5.183   7.903   4.082   1.00 14.75 ? 9   DC  B "C2'" 1 
ATOM   425 C  "C1'" . DC  B 1 8  ? 4.364   7.081   5.061   1.00 13.54 ? 9   DC  B "C1'" 1 
ATOM   426 N  N1    . DC  B 1 8  ? 3.602   5.952   4.494   1.00 12.07 ? 9   DC  B N1    1 
ATOM   427 C  C2    . DC  B 1 8  ? 3.352   4.863   5.318   1.00 12.23 ? 9   DC  B C2    1 
ATOM   428 O  O2    . DC  B 1 8  ? 3.751   4.895   6.451   1.00 13.60 ? 9   DC  B O2    1 
ATOM   429 N  N3    . DC  B 1 8  ? 2.674   3.818   4.830   1.00 12.90 ? 9   DC  B N3    1 
ATOM   430 C  C4    . DC  B 1 8  ? 2.230   3.830   3.567   1.00 11.74 ? 9   DC  B C4    1 
ATOM   431 N  N4    . DC  B 1 8  ? 1.561   2.785   3.110   1.00 14.52 ? 9   DC  B N4    1 
ATOM   432 C  C5    . DC  B 1 8  ? 2.449   4.932   2.723   1.00 11.93 ? 9   DC  B C5    1 
ATOM   433 C  C6    . DC  B 1 8  ? 3.141   5.960   3.217   1.00 13.39 ? 9   DC  B C6    1 
ATOM   434 P  P     . DA  B 1 9  ? 8.023   9.356   5.640   1.00 15.25 ? 10  DA  B P     1 
ATOM   435 O  OP1   . DA  B 1 9  ? 8.061   10.802  5.861   1.00 16.85 ? 10  DA  B OP1   1 
ATOM   436 O  OP2   . DA  B 1 9  ? 8.652   8.816   4.411   1.00 16.30 ? 10  DA  B OP2   1 
ATOM   437 O  "O5'" . DA  B 1 9  ? 8.717   8.588   6.863   1.00 15.49 ? 10  DA  B "O5'" 1 
ATOM   438 C  "C5'" . DA  B 1 9  ? 8.199   8.765   8.170   1.00 15.76 ? 10  DA  B "C5'" 1 
ATOM   439 C  "C4'" . DA  B 1 9  ? 8.572   7.616   9.063   1.00 17.93 ? 10  DA  B "C4'" 1 
ATOM   440 O  "O4'" . DA  B 1 9  ? 7.789   6.467   8.651   1.00 17.29 ? 10  DA  B "O4'" 1 
ATOM   441 C  "C3'" . DA  B 1 9  ? 10.020  7.159   9.005   1.00 18.82 ? 10  DA  B "C3'" 1 
ATOM   442 O  "O3'" . DA  B 1 9  ? 10.412  6.690   10.289  1.00 21.29 ? 10  DA  B "O3'" 1 
ATOM   443 C  "C2'" . DA  B 1 9  ? 10.012  6.056   7.954   1.00 17.41 ? 10  DA  B "C2'" 1 
ATOM   444 C  "C1'" . DA  B 1 9  ? 8.630   5.452   8.121   1.00 17.34 ? 10  DA  B "C1'" 1 
ATOM   445 N  N9    . DA  B 1 9  ? 8.001   4.969   6.892   1.00 15.70 ? 10  DA  B N9    1 
ATOM   446 C  C8    . DA  B 1 9  ? 7.971   5.558   5.649   1.00 16.67 ? 10  DA  B C8    1 
ATOM   447 N  N7    . DA  B 1 9  ? 7.307   4.865   4.747   1.00 15.99 ? 10  DA  B N7    1 
ATOM   448 C  C5    . DA  B 1 9  ? 6.844   3.767   5.457   1.00 13.73 ? 10  DA  B C5    1 
ATOM   449 C  C6    . DA  B 1 9  ? 6.036   2.682   5.079   1.00 13.61 ? 10  DA  B C6    1 
ATOM   450 N  N6    . DA  B 1 9  ? 5.569   2.497   3.831   1.00 13.82 ? 10  DA  B N6    1 
ATOM   451 N  N1    . DA  B 1 9  ? 5.779   1.737   6.029   1.00 13.05 ? 10  DA  B N1    1 
ATOM   452 C  C2    . DA  B 1 9  ? 6.249   1.929   7.262   1.00 13.43 ? 10  DA  B C2    1 
ATOM   453 N  N3    . DA  B 1 9  ? 6.989   2.919   7.741   1.00 14.19 ? 10  DA  B N3    1 
ATOM   454 C  C4    . DA  B 1 9  ? 7.249   3.829   6.773   1.00 15.15 ? 10  DA  B C4    1 
ATOM   455 P  P     . DA  B 1 10 ? 11.896  6.197   10.613  1.00 24.53 ? 11  DA  B P     1 
ATOM   456 O  OP1   . DA  B 1 10 ? 12.140  6.471   12.051  1.00 28.15 ? 11  DA  B OP1   1 
ATOM   457 O  OP2   . DA  B 1 10 ? 12.842  6.657   9.572   1.00 25.61 ? 11  DA  B OP2   1 
ATOM   458 O  "O5'" . DA  B 1 10 ? 11.687  4.629   10.461  1.00 23.49 ? 11  DA  B "O5'" 1 
ATOM   459 C  "C5'" . DA  B 1 10 ? 10.783  3.990   11.368  1.00 21.89 ? 11  DA  B "C5'" 1 
ATOM   460 C  "C4'" . DA  B 1 10 ? 10.679  2.510   11.120  1.00 20.80 ? 11  DA  B "C4'" 1 
ATOM   461 O  "O4'" . DA  B 1 10 ? 9.961   2.208   9.886   1.00 21.39 ? 11  DA  B "O4'" 1 
ATOM   462 C  "C3'" . DA  B 1 10 ? 12.027  1.820   10.994  1.00 20.65 ? 11  DA  B "C3'" 1 
ATOM   463 O  "O3'" . DA  B 1 10 ? 11.979  0.630   11.761  1.00 22.76 ? 11  DA  B "O3'" 1 
ATOM   464 C  "C2'" . DA  B 1 10 ? 12.180  1.567   9.502   1.00 19.59 ? 11  DA  B "C2'" 1 
ATOM   465 C  "C1'" . DA  B 1 10 ? 10.755  1.374   9.042   1.00 19.67 ? 11  DA  B "C1'" 1 
ATOM   466 N  N9    . DA  B 1 10 ? 10.494  1.761   7.650   1.00 18.39 ? 11  DA  B N9    1 
ATOM   467 C  C8    . DA  B 1 10 ? 10.962  2.846   6.987   1.00 17.50 ? 11  DA  B C8    1 
ATOM   468 N  N7    . DA  B 1 10 ? 10.562  2.940   5.746   1.00 17.29 ? 11  DA  B N7    1 
ATOM   469 C  C5    . DA  B 1 10 ? 9.777   1.811   5.590   1.00 16.02 ? 11  DA  B C5    1 
ATOM   470 C  C6    . DA  B 1 10 ? 9.039   1.327   4.482   1.00 14.42 ? 11  DA  B C6    1 
ATOM   471 N  N6    . DA  B 1 10 ? 8.993   1.976   3.303   1.00 16.37 ? 11  DA  B N6    1 
ATOM   472 N  N1    . DA  B 1 10 ? 8.384   0.183   4.645   1.00 14.05 ? 11  DA  B N1    1 
ATOM   473 C  C2    . DA  B 1 10 ? 8.438   -0.458  5.821   1.00 14.47 ? 11  DA  B C2    1 
ATOM   474 N  N3    . DA  B 1 10 ? 9.083   -0.095  6.942   1.00 16.04 ? 11  DA  B N3    1 
ATOM   475 C  C4    . DA  B 1 10 ? 9.738   1.060   6.741   1.00 16.02 ? 11  DA  B C4    1 
ATOM   476 P  P     . DA  B 1 11 ? 13.181  -0.402  11.921  1.00 26.67 ? 12  DA  B P     1 
ATOM   477 O  OP1   . DA  B 1 11 ? 12.977  -1.064  13.234  1.00 28.03 ? 12  DA  B OP1   1 
ATOM   478 O  OP2   . DA  B 1 11 ? 14.480  0.212   11.569  1.00 26.52 ? 12  DA  B OP2   1 
ATOM   479 O  "O5'" . DA  B 1 11 ? 12.775  -1.451  10.777  1.00 24.39 ? 12  DA  B "O5'" 1 
ATOM   480 C  "C5'" . DA  B 1 11 ? 11.621  -2.259  10.950  1.00 23.85 ? 12  DA  B "C5'" 1 
ATOM   481 C  "C4'" . DA  B 1 11 ? 11.382  -3.166  9.754   1.00 22.36 ? 12  DA  B "C4'" 1 
ATOM   482 O  "O4'" . DA  B 1 11 ? 11.192  -2.386  8.551   1.00 21.79 ? 12  DA  B "O4'" 1 
ATOM   483 C  "C3'" . DA  B 1 11 ? 12.504  -4.147  9.449   1.00 21.97 ? 12  DA  B "C3'" 1 
ATOM   484 O  "O3'" . DA  B 1 11 ? 11.944  -5.450  9.434   1.00 23.54 ? 12  DA  B "O3'" 1 
ATOM   485 C  "C2'" . DA  B 1 11 ? 13.050  -3.701  8.092   1.00 19.56 ? 12  DA  B "C2'" 1 
ATOM   486 C  "C1'" . DA  B 1 11 ? 11.866  -2.989  7.475   1.00 18.73 ? 12  DA  B "C1'" 1 
ATOM   487 N  N9    . DA  B 1 11 ? 12.145  -1.913  6.499   1.00 14.58 ? 12  DA  B N9    1 
ATOM   488 C  C8    . DA  B 1 11 ? 12.898  -0.793  6.648   1.00 13.91 ? 12  DA  B C8    1 
ATOM   489 N  N7    . DA  B 1 11 ? 12.923  -0.003  5.592   1.00 14.45 ? 12  DA  B N7    1 
ATOM   490 C  C5    . DA  B 1 11 ? 12.085  -0.666  4.692   1.00 13.51 ? 12  DA  B C5    1 
ATOM   491 C  C6    . DA  B 1 11 ? 11.632  -0.367  3.367   1.00 10.69 ? 12  DA  B C6    1 
ATOM   492 N  N6    . DA  B 1 11 ? 11.991  0.719   2.672   1.00 11.33 ? 12  DA  B N6    1 
ATOM   493 N  N1    . DA  B 1 11 ? 10.812  -1.259  2.787   1.00 12.84 ? 12  DA  B N1    1 
ATOM   494 C  C2    . DA  B 1 11 ? 10.425  -2.346  3.457   1.00 12.90 ? 12  DA  B C2    1 
ATOM   495 N  N3    . DA  B 1 11 ? 10.793  -2.741  4.679   1.00 14.70 ? 12  DA  B N3    1 
ATOM   496 C  C4    . DA  B 1 11 ? 11.606  -1.834  5.248   1.00 14.11 ? 12  DA  B C4    1 
ATOM   497 P  P     . DA  B 1 12 ? 12.808  -6.785  9.349   1.00 25.13 ? 13  DA  B P     1 
ATOM   498 O  OP1   . DA  B 1 12 ? 12.069  -7.948  9.902   1.00 28.98 ? 13  DA  B OP1   1 
ATOM   499 O  OP2   . DA  B 1 12 ? 14.174  -6.465  9.836   1.00 27.98 ? 13  DA  B OP2   1 
ATOM   500 O  "O5'" . DA  B 1 12 ? 12.945  -6.938  7.766   1.00 22.10 ? 13  DA  B "O5'" 1 
ATOM   501 C  "C5'" . DA  B 1 12 ? 11.798  -7.281  7.015   1.00 21.25 ? 13  DA  B "C5'" 1 
ATOM   502 C  "C4'" . DA  B 1 12 ? 12.137  -7.289  5.565   1.00 22.24 ? 13  DA  B "C4'" 1 
ATOM   503 O  "O4'" . DA  B 1 12 ? 12.360  -5.913  5.165   1.00 20.68 ? 13  DA  B "O4'" 1 
ATOM   504 C  "C3'" . DA  B 1 12 ? 13.432  -8.043  5.210   1.00 23.29 ? 13  DA  B "C3'" 1 
ATOM   505 O  "O3'" . DA  B 1 12 ? 13.220  -9.003  4.177   1.00 26.22 ? 13  DA  B "O3'" 1 
ATOM   506 C  "C2'" . DA  B 1 12 ? 14.378  -6.942  4.764   1.00 22.20 ? 13  DA  B "C2'" 1 
ATOM   507 C  "C1'" . DA  B 1 12 ? 13.388  -5.958  4.206   1.00 19.79 ? 13  DA  B "C1'" 1 
ATOM   508 N  N9    . DA  B 1 12 ? 13.888  -4.633  3.972   1.00 18.97 ? 13  DA  B N9    1 
ATOM   509 C  C8    . DA  B 1 12 ? 14.710  -3.872  4.732   1.00 17.03 ? 13  DA  B C8    1 
ATOM   510 N  N7    . DA  B 1 12 ? 14.989  -2.695  4.190   1.00 15.22 ? 13  DA  B N7    1 
ATOM   511 C  C5    . DA  B 1 12 ? 14.301  -2.735  2.991   1.00 14.55 ? 13  DA  B C5    1 
ATOM   512 C  C6    . DA  B 1 12 ? 14.202  -1.815  1.932   1.00 14.12 ? 13  DA  B C6    1 
ATOM   513 N  N6    . DA  B 1 12 ? 14.787  -0.608  1.924   1.00 15.27 ? 13  DA  B N6    1 
ATOM   514 N  N1    . DA  B 1 12 ? 13.444  -2.177  0.885   1.00 13.45 ? 13  DA  B N1    1 
ATOM   515 C  C2    . DA  B 1 12 ? 12.833  -3.355  0.892   1.00 12.51 ? 13  DA  B C2    1 
ATOM   516 N  N3    . DA  B 1 12 ? 12.886  -4.321  1.792   1.00 16.50 ? 13  DA  B N3    1 
ATOM   517 C  C4    . DA  B 1 12 ? 13.643  -3.928  2.839   1.00 15.67 ? 13  DA  B C4    1 
ATOM   518 P  P     . DC  B 1 13 ? 14.186  -10.265 4.038   1.00 29.03 ? 14  DC  B P     1 
ATOM   519 O  OP1   . DC  B 1 13 ? 13.343  -11.468 4.219   1.00 30.73 ? 14  DC  B OP1   1 
ATOM   520 O  OP2   . DC  B 1 13 ? 15.352  -10.082 4.930   1.00 29.65 ? 14  DC  B OP2   1 
ATOM   521 O  "O5'" . DC  B 1 13 ? 14.770  -10.349 2.588   1.00 30.90 ? 14  DC  B "O5'" 1 
ATOM   522 C  "C5'" . DC  B 1 13 ? 15.598  -9.355  2.125   1.00 28.82 ? 14  DC  B "C5'" 1 
ATOM   523 C  "C4'" . DC  B 1 13 ? 14.930  -8.783  0.916   1.00 27.35 ? 14  DC  B "C4'" 1 
ATOM   524 O  "O4'" . DC  B 1 13 ? 14.845  -7.368  1.124   1.00 24.25 ? 14  DC  B "O4'" 1 
ATOM   525 C  "C3'" . DC  B 1 13 ? 15.644  -9.015  -0.398  1.00 27.25 ? 14  DC  B "C3'" 1 
ATOM   526 O  "O3'" . DC  B 1 13 ? 14.721  -9.502  -1.353  1.00 30.75 ? 14  DC  B "O3'" 1 
ATOM   527 C  "C2'" . DC  B 1 13 ? 16.176  -7.648  -0.775  1.00 24.09 ? 14  DC  B "C2'" 1 
ATOM   528 C  "C1'" . DC  B 1 13 ? 15.288  -6.701  -0.018  1.00 22.72 ? 14  DC  B "C1'" 1 
ATOM   529 N  N1    . DC  B 1 13 ? 15.979  -5.488  0.419   1.00 19.19 ? 14  DC  B N1    1 
ATOM   530 C  C2    . DC  B 1 13 ? 16.020  -4.398  -0.446  1.00 15.33 ? 14  DC  B C2    1 
ATOM   531 O  O2    . DC  B 1 13 ? 15.481  -4.515  -1.535  1.00 17.14 ? 14  DC  B O2    1 
ATOM   532 N  N3    . DC  B 1 13 ? 16.652  -3.264  -0.070  1.00 12.66 ? 14  DC  B N3    1 
ATOM   533 C  C4    . DC  B 1 13 ? 17.244  -3.187  1.125   1.00 11.27 ? 14  DC  B C4    1 
ATOM   534 N  N4    . DC  B 1 13 ? 17.846  -2.062  1.468   1.00 13.53 ? 14  DC  B N4    1 
ATOM   535 C  C5    . DC  B 1 13 ? 17.226  -4.296  2.023   1.00 13.53 ? 14  DC  B C5    1 
ATOM   536 C  C6    . DC  B 1 13 ? 16.610  -5.423  1.626   1.00 17.19 ? 14  DC  B C6    1 
HETATM 537 MG MG    . MG  C 2 .  ? -3.503  -4.251  -0.323  1.00 21.50 ? 201 MG  A MG    1 
HETATM 538 MG MG    . MG  D 2 .  ? -1.957  9.672   -7.893  1.00 29.78 ? 301 MG  A MG    1 
HETATM 539 MG MG    . MG  E 2 .  ? -6.877  -10.541 -9.020  1.00 34.81 ? 308 MG  A MG    1 
HETATM 540 MG MG    . MG  F 2 .  ? 5.617   2.139   11.755  1.00 22.33 ? 208 MG  B MG    1 
HETATM 541 MG MG    . MG  G 2 .  ? 8.418   6.622   0.930   1.00 28.48 ? 315 MG  B MG    1 
HETATM 542 O  O     . HOH H 3 .  ? -4.449  -3.594  -2.041  1.00 25.66 ? 202 HOH A O     1 
HETATM 543 O  O     . HOH H 3 .  ? -4.939  -5.625  0.022   1.00 26.25 ? 203 HOH A O     1 
HETATM 544 O  O     . HOH H 3 .  ? -4.399  -2.601  0.724   1.00 23.46 ? 204 HOH A O     1 
HETATM 545 O  O     . HOH H 3 .  ? -2.378  -5.774  -1.207  1.00 26.38 ? 205 HOH A O     1 
HETATM 546 O  O     . HOH H 3 .  ? -2.058  -2.843  -0.997  1.00 28.80 ? 206 HOH A O     1 
HETATM 547 O  O     . HOH H 3 .  ? -2.575  -4.641  1.507   1.00 29.74 ? 207 HOH A O     1 
HETATM 548 O  O     . HOH H 3 .  ? -2.174  8.019   -6.743  1.00 35.02 ? 302 HOH A O     1 
HETATM 549 O  O     . HOH H 3 .  ? -0.084  10.041  -6.957  1.00 36.71 ? 303 HOH A O     1 
HETATM 550 O  O     . HOH H 3 .  ? -1.692  11.434  -9.104  1.00 31.18 ? 304 HOH A O     1 
HETATM 551 O  O     . HOH H 3 .  ? -3.713  9.262   -8.942  1.00 37.70 ? 305 HOH A O     1 
HETATM 552 O  O     . HOH H 3 .  ? -0.994  8.375   -9.709  1.00 38.35 ? 306 HOH A O     1 
HETATM 553 O  O     . HOH H 3 .  ? -2.836  10.672  -6.524  1.00 35.27 ? 307 HOH A O     1 
HETATM 554 O  O     . HOH H 3 .  ? -5.438  -9.320  -9.602  1.00 48.22 ? 309 HOH A O     1 
HETATM 555 O  O     . HOH H 3 .  ? -6.054  -10.248 -6.949  1.00 27.08 ? 310 HOH A O     1 
HETATM 556 O  O     . HOH H 3 .  ? -8.410  -9.145  -9.031  1.00 24.95 ? 311 HOH A O     1 
HETATM 557 O  O     . HOH H 3 .  ? -8.363  -12.329 -8.447  1.00 42.33 ? 312 HOH A O     1 
HETATM 558 O  O     . HOH H 3 .  ? -7.505  -11.364 -11.508 1.00 48.27 ? 313 HOH A O     1 
HETATM 559 O  O     . HOH H 3 .  ? -5.371  -11.751 -9.046  1.00 54.61 ? 314 HOH A O     1 
HETATM 560 O  O     . HOH H 3 .  ? -9.306  -3.476  -2.027  1.00 20.08 ? 401 HOH A O     1 
HETATM 561 O  O     . HOH H 3 .  ? -7.183  2.824   -9.869  1.00 27.72 ? 404 HOH A O     1 
HETATM 562 O  O     . HOH H 3 .  ? -15.158 -0.889  -7.525  1.00 21.41 ? 405 HOH A O     1 
HETATM 563 O  O     . HOH H 3 .  ? -9.071  -7.093  0.923   1.00 24.04 ? 406 HOH A O     1 
HETATM 564 O  O     . HOH H 3 .  ? -9.712  -9.443  -6.692  1.00 22.87 ? 407 HOH A O     1 
HETATM 565 O  O     . HOH H 3 .  ? -13.080 -2.275  -4.098  1.00 21.93 ? 410 HOH A O     1 
HETATM 566 O  O     . HOH H 3 .  ? -8.847  5.846   -0.559  1.00 28.73 ? 411 HOH A O     1 
HETATM 567 O  O     . HOH H 3 .  ? -5.989  1.246   -14.137 1.00 29.98 ? 412 HOH A O     1 
HETATM 568 O  O     . HOH H 3 .  ? -8.763  2.624   4.946   1.00 28.75 ? 413 HOH A O     1 
HETATM 569 O  O     . HOH H 3 .  ? -7.221  5.245   3.779   1.00 29.30 ? 415 HOH A O     1 
HETATM 570 O  O     . HOH H 3 .  ? -19.709 4.763   -5.030  1.00 35.80 ? 417 HOH A O     1 
HETATM 571 O  O     . HOH H 3 .  ? -13.165 4.116   -0.465  1.00 33.69 ? 418 HOH A O     1 
HETATM 572 O  O     . HOH H 3 .  ? -7.880  -9.335  0.257   1.00 31.64 ? 419 HOH A O     1 
HETATM 573 O  O     . HOH H 3 .  ? -4.294  -7.816  5.679   1.00 32.17 ? 420 HOH A O     1 
HETATM 574 O  O     . HOH H 3 .  ? -1.635  -2.078  2.686   1.00 29.05 ? 422 HOH A O     1 
HETATM 575 O  O     . HOH H 3 .  ? 3.799   8.746   -5.472  1.00 30.62 ? 423 HOH A O     1 
HETATM 576 O  O     . HOH H 3 .  ? 1.208   2.868   0.117   1.00 24.09 ? 424 HOH A O     1 
HETATM 577 O  O     . HOH H 3 .  ? -5.200  -0.721  -10.242 1.00 30.76 ? 425 HOH A O     1 
HETATM 578 O  O     . HOH H 3 .  ? -13.740 -5.148  -0.219  1.00 35.12 ? 428 HOH A O     1 
HETATM 579 O  O     . HOH H 3 .  ? -12.175 -3.587  -1.736  1.00 24.04 ? 431 HOH A O     1 
HETATM 580 O  O     . HOH H 3 .  ? -7.986  5.466   -5.784  1.00 30.25 ? 432 HOH A O     1 
HETATM 581 O  O     . HOH H 3 .  ? -9.942  7.287   -6.589  1.00 35.76 ? 433 HOH A O     1 
HETATM 582 O  O     . HOH H 3 .  ? 3.458   10.836  -3.766  1.00 35.11 ? 435 HOH A O     1 
HETATM 583 O  O     . HOH H 3 .  ? -16.672 -10.795 0.249   1.00 41.70 ? 436 HOH A O     1 
HETATM 584 O  O     . HOH H 3 .  ? -12.470 7.733   -10.256 1.00 36.97 ? 437 HOH A O     1 
HETATM 585 O  O     . HOH H 3 .  ? -5.803  -8.099  -11.976 1.00 40.47 ? 438 HOH A O     1 
HETATM 586 O  O     . HOH H 3 .  ? -7.571  -5.095  -0.440  1.00 27.01 ? 442 HOH A O     1 
HETATM 587 O  O     . HOH H 3 .  ? 3.309   8.796   1.052   1.00 31.22 ? 444 HOH A O     1 
HETATM 588 O  O     . HOH H 3 .  ? -12.628 6.322   -6.149  1.00 28.25 ? 445 HOH A O     1 
HETATM 589 O  O     . HOH H 3 .  ? -17.168 -10.266 -2.798  1.00 41.16 ? 447 HOH A O     1 
HETATM 590 O  O     . HOH H 3 .  ? 5.691   6.762   -2.030  1.00 46.24 ? 453 HOH A O     1 
HETATM 591 O  O     . HOH H 3 .  ? -18.855 0.936   -4.574  1.00 41.78 ? 456 HOH A O     1 
HETATM 592 O  O     . HOH H 3 .  ? -6.422  6.510   -3.931  1.00 41.43 ? 457 HOH A O     1 
HETATM 593 O  O     . HOH H 3 .  ? -7.093  -6.254  -9.191  1.00 40.98 ? 459 HOH A O     1 
HETATM 594 O  O     . HOH H 3 .  ? -1.693  -7.255  2.529   1.00 35.55 ? 462 HOH A O     1 
HETATM 595 O  O     . HOH H 3 .  ? -8.682  -14.097 -13.419 1.00 50.65 ? 463 HOH A O     1 
HETATM 596 O  O     . HOH H 3 .  ? -19.526 -2.177  -5.737  1.00 44.09 ? 464 HOH A O     1 
HETATM 597 O  O     . HOH H 3 .  ? -6.676  8.085   -0.429  1.00 42.68 ? 466 HOH A O     1 
HETATM 598 O  O     . HOH H 3 .  ? -11.879 -5.894  4.068   1.00 40.02 ? 467 HOH A O     1 
HETATM 599 O  O     . HOH H 3 .  ? -18.471 5.498   -2.508  1.00 47.21 ? 468 HOH A O     1 
HETATM 600 O  O     . HOH H 3 .  ? -4.278  6.525   -5.938  1.00 43.21 ? 469 HOH A O     1 
HETATM 601 O  O     . HOH H 3 .  ? -0.870  -1.080  -2.165  1.00 43.04 ? 470 HOH A O     1 
HETATM 602 O  O     . HOH H 3 .  ? 4.598   4.762   -3.022  1.00 47.82 ? 472 HOH A O     1 
HETATM 603 O  O     . HOH H 3 .  ? -15.703 -12.374 -5.179  1.00 33.54 ? 475 HOH A O     1 
HETATM 604 O  O     . HOH H 3 .  ? -18.548 -8.729  -7.694  1.00 46.55 ? 476 HOH A O     1 
HETATM 605 O  O     . HOH H 3 .  ? -21.187 1.588   -1.402  1.00 40.84 ? 477 HOH A O     1 
HETATM 606 O  O     . HOH H 3 .  ? -8.354  0.050   9.445   1.00 38.02 ? 478 HOH A O     1 
HETATM 607 O  O     . HOH H 3 .  ? 4.187   6.426   -0.323  1.00 36.75 ? 480 HOH A O     1 
HETATM 608 O  O     . HOH H 3 .  ? -17.430 -2.904  -1.637  1.00 55.11 ? 481 HOH A O     1 
HETATM 609 O  O     . HOH H 3 .  ? -13.398 3.463   2.382   1.00 41.87 ? 484 HOH A O     1 
HETATM 610 O  O     . HOH H 3 .  ? -17.115 -1.178  -5.492  1.00 45.96 ? 485 HOH A O     1 
HETATM 611 O  O     . HOH H 3 .  ? -17.481 -5.619  -0.901  1.00 41.04 ? 486 HOH A O     1 
HETATM 612 O  O     . HOH H 3 .  ? -4.474  10.631  2.979   1.00 41.73 ? 487 HOH A O     1 
HETATM 613 O  O     . HOH H 3 .  ? -10.841 0.505   4.408   1.00 39.22 ? 488 HOH A O     1 
HETATM 614 O  O     . HOH H 3 .  ? -6.060  9.804   -7.557  1.00 43.20 ? 492 HOH A O     1 
HETATM 615 O  O     . HOH H 3 .  ? -4.399  -3.187  -9.536  1.00 40.47 ? 494 HOH A O     1 
HETATM 616 O  O     . HOH H 3 .  ? -7.406  -2.359  8.790   1.00 54.99 ? 495 HOH A O     1 
HETATM 617 O  O     . HOH H 3 .  ? -19.865 -6.798  -3.751  1.00 52.75 ? 497 HOH A O     1 
HETATM 618 O  O     . HOH H 3 .  ? -21.327 -3.534  -4.409  1.00 58.59 ? 498 HOH A O     1 
HETATM 619 O  O     . HOH H 3 .  ? -20.429 4.035   -1.331  1.00 56.66 ? 499 HOH A O     1 
HETATM 620 O  O     . HOH H 3 .  ? -5.785  10.893  -0.853  1.00 47.10 ? 503 HOH A O     1 
HETATM 621 O  O     . HOH H 3 .  ? -6.835  8.611   2.514   1.00 48.79 ? 504 HOH A O     1 
HETATM 622 O  O     . HOH H 3 .  ? -0.358  -9.658  -3.312  1.00 46.75 ? 506 HOH A O     1 
HETATM 623 O  O     . HOH H 3 .  ? -3.352  -8.799  -0.599  1.00 46.48 ? 509 HOH A O     1 
HETATM 624 O  O     . HOH H 3 .  ? -13.258 -3.331  5.086   1.00 46.76 ? 511 HOH A O     1 
HETATM 625 O  O     . HOH H 3 .  ? -9.236  9.564   1.965   1.00 49.34 ? 512 HOH A O     1 
HETATM 626 O  O     . HOH H 3 .  ? -18.480 8.427   -14.965 1.00 55.40 ? 513 HOH A O     1 
HETATM 627 O  O     . HOH H 3 .  ? -16.685 10.391  -15.718 1.00 68.93 ? 516 HOH A O     1 
HETATM 628 O  O     . HOH H 3 .  ? -15.827 7.257   -16.213 1.00 38.15 ? 518 HOH A O     1 
HETATM 629 O  O     . HOH H 3 .  ? 4.189   -1.418  -4.243  1.00 32.18 ? 523 HOH A O     1 
HETATM 630 O  O     . HOH H 3 .  ? -15.694 -2.225  -3.446  1.00 30.26 ? 527 HOH A O     1 
HETATM 631 O  O     . HOH H 3 .  ? -8.103  6.894   1.902   1.00 43.78 ? 528 HOH A O     1 
HETATM 632 O  O     . HOH H 3 .  ? -11.930 9.009   -15.441 1.00 61.05 ? 529 HOH A O     1 
HETATM 633 O  O     . HOH H 3 .  ? -10.922 -1.092  6.011   1.00 52.56 ? 530 HOH A O     1 
HETATM 634 O  O     . HOH H 3 .  ? -5.667  13.570  -2.058  1.00 59.40 ? 531 HOH A O     1 
HETATM 635 O  O     . HOH H 3 .  ? 3.267   8.769   -1.955  1.00 60.60 ? 532 HOH A O     1 
HETATM 636 O  O     . HOH H 3 .  ? -13.879 -10.465 -5.128  1.00 33.58 ? 533 HOH A O     1 
HETATM 637 O  O     . HOH H 3 .  ? -16.274 -8.970  -9.457  1.00 49.76 ? 534 HOH A O     1 
HETATM 638 O  O     . HOH H 3 .  ? 1.307   5.001   -0.062  1.00 53.14 ? 537 HOH A O     1 
HETATM 639 O  O     . HOH I 3 .  ? 4.982   0.607   10.533  1.00 25.13 ? 209 HOH B O     1 
HETATM 640 O  O     . HOH I 3 .  ? 7.094   2.583   10.455  1.00 25.77 ? 210 HOH B O     1 
HETATM 641 O  O     . HOH I 3 .  ? 6.347   3.426   13.129  1.00 29.15 ? 211 HOH B O     1 
HETATM 642 O  O     . HOH I 3 .  ? 4.136   1.785   13.079  1.00 29.50 ? 212 HOH B O     1 
HETATM 643 O  O     . HOH I 3 .  ? 4.439   3.542   10.931  1.00 22.49 ? 213 HOH B O     1 
HETATM 644 O  O     . HOH I 3 .  ? 6.811   0.678   12.648  1.00 31.84 ? 214 HOH B O     1 
HETATM 645 O  O     . HOH I 3 .  ? 6.973   5.626   2.102   1.00 32.65 ? 316 HOH B O     1 
HETATM 646 O  O     . HOH I 3 .  ? 7.961   8.409   1.793   1.00 23.95 ? 317 HOH B O     1 
HETATM 647 O  O     . HOH I 3 .  ? 10.109  7.265   0.152   1.00 32.15 ? 318 HOH B O     1 
HETATM 648 O  O     . HOH I 3 .  ? 7.301   6.885   -0.559  1.00 47.52 ? 319 HOH B O     1 
HETATM 649 O  O     . HOH I 3 .  ? 9.830   6.429   2.731   1.00 38.05 ? 320 HOH B O     1 
HETATM 650 O  O     . HOH I 3 .  ? 8.920   4.632   0.601   1.00 30.56 ? 321 HOH B O     1 
HETATM 651 O  O     . HOH I 3 .  ? 3.646   6.659   8.540   1.00 22.24 ? 402 HOH B O     1 
HETATM 652 O  O     . HOH I 3 .  ? 4.332   11.002  15.063  1.00 26.76 ? 403 HOH B O     1 
HETATM 653 O  O     . HOH I 3 .  ? 5.163   5.707   14.210  1.00 25.05 ? 408 HOH B O     1 
HETATM 654 O  O     . HOH I 3 .  ? 5.213   3.941   1.177   1.00 32.13 ? 409 HOH B O     1 
HETATM 655 O  O     . HOH I 3 .  ? 1.615   11.784  14.908  1.00 29.66 ? 414 HOH B O     1 
HETATM 656 O  O     . HOH I 3 .  ? 8.842   -4.717  5.631   1.00 32.21 ? 416 HOH B O     1 
HETATM 657 O  O     . HOH I 3 .  ? -0.366  -3.196  5.013   1.00 27.80 ? 421 HOH B O     1 
HETATM 658 O  O     . HOH I 3 .  ? 8.132   3.128   -7.335  1.00 48.11 ? 426 HOH B O     1 
HETATM 659 O  O     . HOH I 3 .  ? 11.232  3.619   -0.519  1.00 28.91 ? 427 HOH B O     1 
HETATM 660 O  O     . HOH I 3 .  ? 5.666   5.821   10.183  1.00 24.18 ? 429 HOH B O     1 
HETATM 661 O  O     . HOH I 3 .  ? 4.210   -0.639  14.431  1.00 29.66 ? 430 HOH B O     1 
HETATM 662 O  O     . HOH I 3 .  ? 8.196   -1.821  8.888   1.00 38.63 ? 434 HOH B O     1 
HETATM 663 O  O     . HOH I 3 .  ? 11.334  10.648  8.827   1.00 38.15 ? 439 HOH B O     1 
HETATM 664 O  O     . HOH I 3 .  ? 17.587  2.159   1.272   1.00 31.58 ? 440 HOH B O     1 
HETATM 665 O  O     . HOH I 3 .  ? 2.644   0.497   0.902   1.00 29.30 ? 441 HOH B O     1 
HETATM 666 O  O     . HOH I 3 .  ? 7.144   2.716   -0.220  1.00 29.12 ? 443 HOH B O     1 
HETATM 667 O  O     . HOH I 3 .  ? 2.990   11.108  10.696  1.00 39.37 ? 446 HOH B O     1 
HETATM 668 O  O     . HOH I 3 .  ? -0.952  -5.990  11.714  1.00 43.18 ? 448 HOH B O     1 
HETATM 669 O  O     . HOH I 3 .  ? 16.218  1.584   3.808   1.00 41.16 ? 449 HOH B O     1 
HETATM 670 O  O     . HOH I 3 .  ? 0.322   -5.624  9.296   1.00 27.81 ? 450 HOH B O     1 
HETATM 671 O  O     . HOH I 3 .  ? 8.429   -4.660  8.245   1.00 38.72 ? 451 HOH B O     1 
HETATM 672 O  O     . HOH I 3 .  ? 6.002   0.726   -4.203  1.00 32.71 ? 452 HOH B O     1 
HETATM 673 O  O     . HOH I 3 .  ? 3.900   -10.669 9.971   1.00 39.59 ? 454 HOH B O     1 
HETATM 674 O  O     . HOH I 3 .  ? 8.759   4.330   13.979  1.00 43.42 ? 455 HOH B O     1 
HETATM 675 O  O     . HOH I 3 .  ? 8.292   -6.586  10.190  1.00 40.53 ? 458 HOH B O     1 
HETATM 676 O  O     . HOH I 3 .  ? 10.296  -5.805  1.601   1.00 40.32 ? 460 HOH B O     1 
HETATM 677 O  O     . HOH I 3 .  ? 7.391   10.578  16.699  1.00 50.35 ? 461 HOH B O     1 
HETATM 678 O  O     . HOH I 3 .  ? 16.784  -0.534  4.437   1.00 43.55 ? 465 HOH B O     1 
HETATM 679 O  O     . HOH I 3 .  ? 7.869   12.745  17.807  1.00 42.09 ? 471 HOH B O     1 
HETATM 680 O  O     . HOH I 3 .  ? 9.638   5.753   -6.401  1.00 52.06 ? 473 HOH B O     1 
HETATM 681 O  O     . HOH I 3 .  ? -0.028  15.385  5.247   1.00 50.37 ? 474 HOH B O     1 
HETATM 682 O  O     . HOH I 3 .  ? 7.228   -8.076  -5.539  1.00 38.54 ? 479 HOH B O     1 
HETATM 683 O  O     . HOH I 3 .  ? 9.066   -6.901  3.759   1.00 37.31 ? 482 HOH B O     1 
HETATM 684 O  O     . HOH I 3 .  ? 11.364  -11.718 12.439  1.00 42.31 ? 483 HOH B O     1 
HETATM 685 O  O     . HOH I 3 .  ? 13.367  6.717   -1.903  1.00 35.50 ? 490 HOH B O     1 
HETATM 686 O  O     . HOH I 3 .  ? 13.379  -3.635  13.684  1.00 54.05 ? 491 HOH B O     1 
HETATM 687 O  O     . HOH I 3 .  ? 10.757  4.524   -3.735  1.00 38.87 ? 493 HOH B O     1 
HETATM 688 O  O     . HOH I 3 .  ? 9.085   3.445   -5.237  1.00 59.28 ? 496 HOH B O     1 
HETATM 689 O  O     . HOH I 3 .  ? 5.629   11.733  18.598  1.00 52.55 ? 500 HOH B O     1 
HETATM 690 O  O     . HOH I 3 .  ? 2.484   13.123  8.547   1.00 43.99 ? 501 HOH B O     1 
HETATM 691 O  O     . HOH I 3 .  ? 15.916  -8.943  8.540   1.00 53.10 ? 502 HOH B O     1 
HETATM 692 O  O     . HOH I 3 .  ? 15.000  0.757   14.644  1.00 68.28 ? 505 HOH B O     1 
HETATM 693 O  O     . HOH I 3 .  ? 13.637  3.284   3.233   1.00 48.96 ? 507 HOH B O     1 
HETATM 694 O  O     . HOH I 3 .  ? 1.026   12.659  1.180   1.00 60.43 ? 508 HOH B O     1 
HETATM 695 O  O     . HOH I 3 .  ? 9.765   12.147  7.391   1.00 34.15 ? 510 HOH B O     1 
HETATM 696 O  O     . HOH I 3 .  ? 1.829   15.659  8.784   1.00 60.06 ? 514 HOH B O     1 
HETATM 697 O  O     . HOH I 3 .  ? 11.530  -10.526 10.168  1.00 70.45 ? 515 HOH B O     1 
HETATM 698 O  O     . HOH I 3 .  ? 12.824  -4.993  -2.434  1.00 37.70 ? 517 HOH B O     1 
HETATM 699 O  O     . HOH I 3 .  ? 14.101  6.271   -4.766  1.00 36.08 ? 519 HOH B O     1 
HETATM 700 O  O     . HOH I 3 .  ? 12.145  11.672  5.311   1.00 33.17 ? 520 HOH B O     1 
HETATM 701 O  O     . HOH I 3 .  ? 13.912  11.938  9.247   1.00 47.45 ? 521 HOH B O     1 
HETATM 702 O  O     . HOH I 3 .  ? 10.033  -6.127  -2.052  1.00 46.66 ? 522 HOH B O     1 
HETATM 703 O  O     . HOH I 3 .  ? 3.814   -5.086  -6.278  1.00 48.84 ? 524 HOH B O     1 
HETATM 704 O  O     . HOH I 3 .  ? 13.591  13.530  11.650  1.00 56.58 ? 525 HOH B O     1 
HETATM 705 O  O     . HOH I 3 .  ? 3.677   2.944   -0.622  1.00 60.80 ? 526 HOH B O     1 
HETATM 706 O  O     . HOH I 3 .  ? 7.248   -10.276 3.366   1.00 57.39 ? 535 HOH B O     1 
HETATM 707 O  O     . HOH I 3 .  ? 7.821   -12.884 4.273   1.00 52.80 ? 536 HOH B O     1 
HETATM 708 O  O     . HOH I 3 .  ? 16.316  -12.730 4.821   1.00 52.94 ? 538 HOH B O     1 
HETATM 709 O  O     . HOH I 3 .  ? 15.645  -14.339 6.431   1.00 53.17 ? 539 HOH B O     1 
HETATM 710 O  O     . HOH I 3 .  ? 12.095  -13.602 4.710   1.00 56.33 ? 540 HOH B O     1 
HETATM 711 O  O     . HOH I 3 .  ? 3.345   -3.716  -1.328  1.00 38.38 ? 541 HOH B O     1 
# 
loop_
_atom_site_anisotrop.id 
_atom_site_anisotrop.type_symbol 
_atom_site_anisotrop.pdbx_label_atom_id 
_atom_site_anisotrop.pdbx_label_alt_id 
_atom_site_anisotrop.pdbx_label_comp_id 
_atom_site_anisotrop.pdbx_label_asym_id 
_atom_site_anisotrop.pdbx_label_seq_id 
_atom_site_anisotrop.pdbx_PDB_ins_code 
_atom_site_anisotrop.U[1][1] 
_atom_site_anisotrop.U[2][2] 
_atom_site_anisotrop.U[3][3] 
_atom_site_anisotrop.U[1][2] 
_atom_site_anisotrop.U[1][3] 
_atom_site_anisotrop.U[2][3] 
_atom_site_anisotrop.pdbx_auth_seq_id 
_atom_site_anisotrop.pdbx_auth_comp_id 
_atom_site_anisotrop.pdbx_auth_asym_id 
_atom_site_anisotrop.pdbx_auth_atom_id 
1   O  "O5'" . DG  A 1  ? 0.1965 0.2082 0.2276 -0.0054 -0.0136 -0.0063 1   DG  A "O5'" 
2   C  "C5'" . DG  A 1  ? 0.1955 0.1952 0.1752 -0.0024 0.0047  0.0068  1   DG  A "C5'" 
3   C  "C4'" . DG  A 1  ? 0.1676 0.1611 0.1616 0.0006  -0.0028 -0.0029 1   DG  A "C4'" 
4   O  "O4'" . DG  A 1  ? 0.1691 0.1609 0.1472 0.0012  -0.0062 0.0008  1   DG  A "O4'" 
5   C  "C3'" . DG  A 1  ? 0.1592 0.1262 0.1496 -0.0106 -0.0101 0.0102  1   DG  A "C3'" 
6   O  "O3'" . DG  A 1  ? 0.1875 0.1697 0.1938 0.0085  -0.0053 -0.0003 1   DG  A "O3'" 
7   C  "C2'" . DG  A 1  ? 0.1523 0.1487 0.1554 0.0003  -0.0019 0.0006  1   DG  A "C2'" 
8   C  "C1'" . DG  A 1  ? 0.1673 0.1784 0.1582 0.0078  -0.0019 -0.0040 1   DG  A "C1'" 
9   N  N9    . DG  A 1  ? 0.1509 0.1401 0.1503 0.0100  0.0001  -0.0018 1   DG  A N9    
10  C  C8    . DG  A 1  ? 0.1410 0.1473 0.1441 0.0024  0.0108  0.0172  1   DG  A C8    
11  N  N7    . DG  A 1  ? 0.1285 0.1606 0.1411 -0.0016 -0.0076 0.0069  1   DG  A N7    
12  C  C5    . DG  A 1  ? 0.1308 0.1241 0.1332 -0.0112 0.0025  0.0103  1   DG  A C5    
13  C  C6    . DG  A 1  ? 0.1476 0.1534 0.1441 0.0043  -0.0012 0.0129  1   DG  A C6    
14  O  O6    . DG  A 1  ? 0.1689 0.1648 0.1446 -0.0014 -0.0163 0.0003  1   DG  A O6    
15  N  N1    . DG  A 1  ? 0.1480 0.1318 0.1152 -0.0059 -0.0009 0.0072  1   DG  A N1    
16  C  C2    . DG  A 1  ? 0.1457 0.1249 0.1398 0.0005  0.0061  -0.0004 1   DG  A C2    
17  N  N2    . DG  A 1  ? 0.1388 0.1665 0.1527 -0.0122 -0.0022 -0.0057 1   DG  A N2    
18  N  N3    . DG  A 1  ? 0.1524 0.1509 0.1425 -0.0029 0.0053  0.0018  1   DG  A N3    
19  C  C4    . DG  A 1  ? 0.1471 0.1548 0.1553 -0.0025 0.0018  -0.0055 1   DG  A C4    
20  P  P     . DT  A 2  ? 0.1952 0.1778 0.2049 -0.0057 0.0043  0.0161  2   DT  A P     
21  O  OP1   . DT  A 2  ? 0.2138 0.1820 0.2383 -0.0037 0.0078  0.0186  2   DT  A OP1   
22  O  OP2   . DT  A 2  ? 0.2075 0.2353 0.2362 -0.0117 0.0011  -0.0052 2   DT  A OP2   
23  O  "O5'" . DT  A 2  ? 0.1753 0.1776 0.1599 -0.0030 -0.0007 -0.0005 2   DT  A "O5'" 
24  C  "C5'" . DT  A 2  ? 0.1761 0.1462 0.1773 0.0127  0.0071  0.0042  2   DT  A "C5'" 
25  C  "C4'" . DT  A 2  ? 0.1602 0.1554 0.1631 0.0066  -0.0089 0.0017  2   DT  A "C4'" 
26  O  "O4'" . DT  A 2  ? 0.1593 0.1326 0.1745 -0.0127 -0.0105 0.0115  2   DT  A "O4'" 
27  C  "C3'" . DT  A 2  ? 0.1565 0.1434 0.1647 -0.0008 0.0061  0.0047  2   DT  A "C3'" 
28  O  "O3'" . DT  A 2  ? 0.1780 0.1579 0.1710 0.0098  0.0048  0.0074  2   DT  A "O3'" 
29  C  "C2'" . DT  A 2  ? 0.1838 0.1849 0.1762 0.0001  -0.0035 0.0065  2   DT  A "C2'" 
30  C  "C1'" . DT  A 2  ? 0.1601 0.1661 0.1550 -0.0016 -0.0041 -0.0031 2   DT  A "C1'" 
31  N  N1    . DT  A 2  ? 0.1505 0.1527 0.1511 -0.0035 -0.0020 -0.0025 2   DT  A N1    
32  C  C2    . DT  A 2  ? 0.1379 0.1386 0.1579 -0.0068 -0.0033 -0.0064 2   DT  A C2    
33  O  O2    . DT  A 2  ? 0.1691 0.1741 0.1593 0.0155  -0.0038 -0.0084 2   DT  A O2    
34  N  N3    . DT  A 2  ? 0.1389 0.1465 0.1413 -0.0091 -0.0101 0.0021  2   DT  A N3    
35  C  C4    . DT  A 2  ? 0.1459 0.1515 0.1321 0.0004  -0.0070 -0.0029 2   DT  A C4    
36  O  O4    . DT  A 2  ? 0.1658 0.1508 0.1643 0.0003  -0.0021 0.0010  2   DT  A O4    
37  C  C5    . DT  A 2  ? 0.1469 0.1338 0.1486 -0.0089 0.0025  -0.0060 2   DT  A C5    
38  C  C7    . DT  A 2  ? 0.1375 0.1714 0.1556 -0.0054 0.0034  -0.0053 2   DT  A C7    
39  C  C6    . DT  A 2  ? 0.1454 0.1033 0.1537 -0.0169 -0.0013 0.0007  2   DT  A C6    
40  P  P     . DT  A 3  ? 0.1808 0.1700 0.2138 -0.0039 -0.0057 -0.0050 3   DT  A P     
41  O  OP1   . DT  A 3  ? 0.1934 0.1783 0.2252 0.0062  0.0073  -0.0159 3   DT  A OP1   
42  O  OP2   . DT  A 3  ? 0.1909 0.1957 0.2120 -0.0166 0.0039  -0.0080 3   DT  A OP2   
43  O  "O5'" . DT  A 3  ? 0.1862 0.1931 0.1903 -0.0219 0.0017  0.0060  3   DT  A "O5'" 
44  C  "C5'" . DT  A 3  ? 0.1604 0.1849 0.1922 -0.0050 0.0054  -0.0094 3   DT  A "C5'" 
45  C  "C4'" . DT  A 3  ? 0.1757 0.1942 0.1919 0.0061  0.0006  -0.0133 3   DT  A "C4'" 
46  O  "O4'" . DT  A 3  ? 0.1741 0.2020 0.1790 0.0032  -0.0060 -0.0154 3   DT  A "O4'" 
47  C  "C3'" . DT  A 3  ? 0.1911 0.2111 0.1991 0.0090  -0.0182 0.0022  3   DT  A "C3'" 
48  O  "O3'" . DT  A 3  ? 0.2057 0.2275 0.2248 0.0189  0.0008  -0.0066 3   DT  A "O3'" 
49  C  "C2'" . DT  A 3  ? 0.1863 0.1901 0.1878 -0.0004 -0.0042 -0.0097 3   DT  A "C2'" 
50  C  "C1'" . DT  A 3  ? 0.1763 0.1893 0.1774 0.0007  -0.0103 -0.0057 3   DT  A "C1'" 
51  N  N1    . DT  A 3  ? 0.1488 0.1544 0.1513 -0.0070 -0.0160 -0.0029 3   DT  A N1    
52  C  C2    . DT  A 3  ? 0.1468 0.1698 0.1676 -0.0145 -0.0109 -0.0111 3   DT  A C2    
53  O  O2    . DT  A 3  ? 0.1767 0.1932 0.1976 0.0112  -0.0013 0.0006  3   DT  A O2    
54  N  N3    . DT  A 3  ? 0.1334 0.1382 0.1367 -0.0098 -0.0015 0.0139  3   DT  A N3    
55  C  C4    . DT  A 3  ? 0.1230 0.1358 0.1473 -0.0152 -0.0059 0.0003  3   DT  A C4    
56  O  O4    . DT  A 3  ? 0.1325 0.1606 0.1635 -0.0103 -0.0120 0.0003  3   DT  A O4    
57  C  C5    . DT  A 3  ? 0.1322 0.1501 0.1598 -0.0076 -0.0029 0.0046  3   DT  A C5    
58  C  C7    . DT  A 3  ? 0.1647 0.1517 0.1871 -0.0060 -0.0009 0.0082  3   DT  A C7    
59  C  C6    . DT  A 3  ? 0.1534 0.1471 0.1491 -0.0097 0.0111  -0.0048 3   DT  A C6    
60  P  P     . DT  A 4  ? 0.2652 0.2774 0.2334 0.0094  -0.0004 0.0094  4   DT  A P     
61  O  OP1   . DT  A 4  ? 0.2746 0.3346 0.2970 0.0072  0.0051  -0.0032 4   DT  A OP1   
62  O  OP2   . DT  A 4  ? 0.2438 0.2404 0.2178 0.0139  0.0035  -0.0179 4   DT  A OP2   
63  O  "O5'" . DT  A 4  ? 0.2547 0.2337 0.2235 0.0059  -0.0040 0.0010  4   DT  A "O5'" 
64  C  "C5'" . DT  A 4  ? 0.2175 0.2307 0.2071 -0.0034 -0.0088 -0.0037 4   DT  A "C5'" 
65  C  "C4'" . DT  A 4  ? 0.1904 0.2108 0.1874 -0.0044 0.0102  -0.0009 4   DT  A "C4'" 
66  O  "O4'" . DT  A 4  ? 0.1966 0.2103 0.1642 -0.0037 0.0073  -0.0094 4   DT  A "O4'" 
67  C  "C3'" . DT  A 4  ? 0.1960 0.2170 0.2034 0.0047  -0.0055 -0.0066 4   DT  A "C3'" 
68  O  "O3'" . DT  A 4  ? 0.2151 0.2549 0.2146 0.0096  -0.0055 0.0137  4   DT  A "O3'" 
69  C  "C2'" . DT  A 4  ? 0.1992 0.2061 0.1663 0.0031  -0.0015 0.0006  4   DT  A "C2'" 
70  C  "C1'" . DT  A 4  ? 0.1804 0.1929 0.1849 0.0049  0.0033  -0.0047 4   DT  A "C1'" 
71  N  N1    . DT  A 4  ? 0.1801 0.1675 0.1642 0.0020  -0.0024 -0.0078 4   DT  A N1    
72  C  C2    . DT  A 4  ? 0.1603 0.1598 0.1541 -0.0023 -0.0053 -0.0088 4   DT  A C2    
73  O  O2    . DT  A 4  ? 0.1706 0.2060 0.1879 0.0065  -0.0157 -0.0064 4   DT  A O2    
74  N  N3    . DT  A 4  ? 0.1526 0.1468 0.1722 0.0097  -0.0095 -0.0166 4   DT  A N3    
75  C  C4    . DT  A 4  ? 0.1572 0.1658 0.1702 -0.0029 -0.0184 -0.0089 4   DT  A C4    
76  O  O4    . DT  A 4  ? 0.1917 0.1868 0.2028 -0.0130 -0.0086 -0.0172 4   DT  A O4    
77  C  C5    . DT  A 4  ? 0.1713 0.1803 0.1687 -0.0015 -0.0178 -0.0179 4   DT  A C5    
78  C  C7    . DT  A 4  ? 0.1805 0.1853 0.1932 -0.0063 -0.0009 -0.0083 4   DT  A C7    
79  C  C6    . DT  A 4  ? 0.1545 0.1755 0.1655 0.0144  -0.0137 -0.0036 4   DT  A C6    
80  P  P     . DT  A 5  ? 0.2513 0.3037 0.2339 0.0326  -0.0151 -0.0024 5   DT  A P     
81  O  OP1   . DT  A 5  ? 0.2941 0.3129 0.2965 0.0044  -0.0135 0.0082  5   DT  A OP1   
82  O  OP2   . DT  A 5  ? 0.2714 0.3042 0.2453 0.0224  -0.0193 -0.0002 5   DT  A OP2   
83  O  "O5'" . DT  A 5  ? 0.2375 0.2605 0.2151 0.0238  0.0050  -0.0011 5   DT  A "O5'" 
84  C  "C5'" . DT  A 5  ? 0.2098 0.2160 0.2084 -0.0148 0.0011  0.0107  5   DT  A "C5'" 
85  C  "C4'" . DT  A 5  ? 0.2096 0.1804 0.1841 -0.0060 -0.0091 0.0004  5   DT  A "C4'" 
86  O  "O4'" . DT  A 5  ? 0.2035 0.2167 0.1852 -0.0189 -0.0100 0.0093  5   DT  A "O4'" 
87  C  "C3'" . DT  A 5  ? 0.1979 0.1995 0.1997 -0.0022 -0.0073 -0.0039 5   DT  A "C3'" 
88  O  "O3'" . DT  A 5  ? 0.2171 0.2206 0.2104 0.0196  -0.0047 0.0031  5   DT  A "O3'" 
89  C  "C2'" . DT  A 5  ? 0.1953 0.1903 0.1802 0.0031  -0.0079 0.0114  5   DT  A "C2'" 
90  C  "C1'" . DT  A 5  ? 0.1760 0.1916 0.1838 -0.0058 -0.0019 -0.0065 5   DT  A "C1'" 
91  N  N1    . DT  A 5  ? 0.1660 0.1777 0.1502 -0.0030 -0.0099 -0.0106 5   DT  A N1    
92  C  C2    . DT  A 5  ? 0.1773 0.1774 0.1890 -0.0015 0.0021  -0.0018 5   DT  A C2    
93  O  O2    . DT  A 5  ? 0.1771 0.1936 0.1728 0.0160  -0.0159 -0.0134 5   DT  A O2    
94  N  N3    . DT  A 5  ? 0.1772 0.1666 0.1606 -0.0044 -0.0015 0.0025  5   DT  A N3    
95  C  C4    . DT  A 5  ? 0.1788 0.1747 0.1851 -0.0047 -0.0087 0.0001  5   DT  A C4    
96  O  O4    . DT  A 5  ? 0.1999 0.1811 0.1766 -0.0268 -0.0131 -0.0026 5   DT  A O4    
97  C  C5    . DT  A 5  ? 0.1798 0.1904 0.1690 0.0005  -0.0119 -0.0001 5   DT  A C5    
98  C  C7    . DT  A 5  ? 0.1850 0.1618 0.2023 -0.0205 0.0057  0.0089  5   DT  A C7    
99  C  C6    . DT  A 5  ? 0.1678 0.1748 0.1918 -0.0075 -0.0025 -0.0043 5   DT  A C6    
100 P  P     . DG  A 6  ? 0.2470 0.2052 0.2306 -0.0051 -0.0085 0.0095  6   DG  A P     
101 O  OP1   . DG  A 6  ? 0.2723 0.2413 0.2566 0.0254  -0.0113 -0.0001 6   DG  A OP1   
102 O  OP2   . DG  A 6  ? 0.2430 0.2840 0.2426 0.0242  -0.0008 0.0152  6   DG  A OP2   
103 O  "O5'" . DG  A 6  ? 0.1928 0.2006 0.1942 0.0074  0.0192  -0.0025 6   DG  A "O5'" 
104 C  "C5'" . DG  A 6  ? 0.1872 0.1816 0.1931 -0.0088 0.0056  -0.0027 6   DG  A "C5'" 
105 C  "C4'" . DG  A 6  ? 0.1784 0.1716 0.1725 -0.0021 0.0092  0.0030  6   DG  A "C4'" 
106 O  "O4'" . DG  A 6  ? 0.2053 0.1724 0.1687 0.0019  0.0004  0.0085  6   DG  A "O4'" 
107 C  "C3'" . DG  A 6  ? 0.1921 0.1796 0.1824 -0.0085 -0.0094 0.0117  6   DG  A "C3'" 
108 O  "O3'" . DG  A 6  ? 0.2059 0.2031 0.2099 -0.0004 -0.0134 0.0101  6   DG  A "O3'" 
109 C  "C2'" . DG  A 6  ? 0.1835 0.1805 0.1811 -0.0094 0.0059  0.0061  6   DG  A "C2'" 
110 C  "C1'" . DG  A 6  ? 0.1850 0.2074 0.1730 -0.0020 -0.0023 -0.0016 6   DG  A "C1'" 
111 N  N9    . DG  A 6  ? 0.1868 0.1983 0.1719 -0.0047 -0.0004 -0.0125 6   DG  A N9    
112 C  C8    . DG  A 6  ? 0.1900 0.2075 0.1638 0.0078  -0.0074 0.0031  6   DG  A C8    
113 N  N7    . DG  A 6  ? 0.1655 0.1807 0.1809 0.0006  -0.0008 -0.0011 6   DG  A N7    
114 C  C5    . DG  A 6  ? 0.1495 0.1574 0.1554 0.0106  -0.0053 -0.0222 6   DG  A C5    
115 C  C6    . DG  A 6  ? 0.1618 0.2047 0.1719 -0.0025 0.0071  -0.0082 6   DG  A C6    
116 O  O6    . DG  A 6  ? 0.1857 0.2067 0.1723 0.0075  0.0057  -0.0022 6   DG  A O6    
117 N  N1    . DG  A 6  ? 0.1549 0.1597 0.1313 -0.0147 0.0049  0.0103  6   DG  A N1    
118 C  C2    . DG  A 6  ? 0.1446 0.1728 0.1550 0.0012  -0.0128 -0.0033 6   DG  A C2    
119 N  N2    . DG  A 6  ? 0.1654 0.1658 0.1748 -0.0212 0.0030  -0.0011 6   DG  A N2    
120 N  N3    . DG  A 6  ? 0.1520 0.1602 0.1512 -0.0164 -0.0027 -0.0159 6   DG  A N3    
121 C  C4    . DG  A 6  ? 0.1677 0.1729 0.1651 -0.0028 -0.0161 -0.0086 6   DG  A C4    
122 P  P     . S02 A 7  ? 0.2210 0.1738 0.2070 -0.0049 -0.0030 0.0158  7   S02 A P     
123 O  O1P   . S02 A 7  ? 0.2224 0.2039 0.2421 0.0003  -0.0012 -0.0034 7   S02 A O1P   
124 O  O2P   . S02 A 7  ? 0.2432 0.1995 0.2389 -0.0244 0.0153  0.0015  7   S02 A O2P   
125 O  "O5'" . S02 A 7  ? 0.1781 0.1873 0.1865 -0.0102 0.0052  0.0138  7   S02 A "O5'" 
126 C  "C5'" . S02 A 7  ? 0.1735 0.1461 0.1533 0.0142  -0.0055 -0.0022 7   S02 A "C5'" 
127 C  "CA'" . S02 A 7  ? 0.1777 0.1636 0.1631 -0.0008 0.0010  -0.0010 7   S02 A "CA'" 
128 O  "OB'" . S02 A 7  ? 0.1635 0.1894 0.1805 0.0095  -0.0006 0.0001  7   S02 A "OB'" 
129 C  C1A   . S02 A 7  ? 0.1574 0.1532 0.1682 -0.0031 0.0098  0.0055  7   S02 A C1A   
130 C  C6A   . S02 A 7  ? 0.1563 0.1556 0.1557 -0.0017 0.0055  0.0041  7   S02 A C6A   
131 C  C2A   . S02 A 7  ? 0.1300 0.1505 0.1534 0.0101  -0.0035 -0.0027 7   S02 A C2A   
132 C  C3A   . S02 A 7  ? 0.1553 0.1404 0.1675 0.0083  0.0039  0.0036  7   S02 A C3A   
133 C  C4A   . S02 A 7  ? 0.1374 0.1503 0.1519 0.0101  0.0017  -0.0007 7   S02 A C4A   
134 C  C7A   . S02 A 7  ? 0.1691 0.1525 0.1674 -0.0128 -0.0005 -0.0114 7   S02 A C7A   
135 C  C5A   . S02 A 7  ? 0.1521 0.1521 0.1499 0.0031  0.0003  0.0048  7   S02 A C5A   
136 C  C1B   . S02 A 7  ? 0.2173 0.2072 0.1993 -0.0089 -0.0058 0.0043  7   S02 A C1B   
137 C  C6B   . S02 A 7  ? 0.1947 0.2108 0.1989 -0.0158 -0.0103 -0.0018 7   S02 A C6B   
138 C  C2B   . S02 A 7  ? 0.1900 0.1938 0.1992 0.0036  -0.0123 -0.0101 7   S02 A C2B   
139 C  C3B   . S02 A 7  ? 0.2076 0.2100 0.1883 0.0057  -0.0109 0.0097  7   S02 A C3B   
140 C  C4B   . S02 A 7  ? 0.1865 0.1693 0.1816 -0.0100 -0.0014 -0.0048 7   S02 A C4B   
141 C  C7B   . S02 A 7  ? 0.1555 0.1504 0.1297 -0.0048 -0.0142 -0.0083 7   S02 A C7B   
142 C  C5B   . S02 A 7  ? 0.1816 0.1841 0.1628 -0.0127 -0.0100 -0.0085 7   S02 A C5B   
143 O  "OC'" . S02 A 7  ? 0.2868 0.2563 0.2845 -0.0029 -0.0072 0.0024  7   S02 A "OC'" 
144 C  "CD'" . S02 A 7  ? 0.2984 0.3032 0.2967 0.0018  -0.0025 0.0038  7   S02 A "CD'" 
145 C  "C3'" . S02 A 7  ? 0.2995 0.2771 0.3106 0.0047  -0.0011 0.0122  7   S02 A "C3'" 
146 O  "O3'" . S02 A 7  ? 0.3305 0.3358 0.3073 -0.0015 0.0053  0.0078  7   S02 A "O3'" 
147 P  P     . DC  A 8  ? 0.3433 0.2871 0.3362 0.0082  0.0080  0.0136  9   DC  A P     
148 O  OP1   . DC  A 8  ? 0.3610 0.3551 0.3766 -0.0059 -0.0006 -0.0095 9   DC  A OP1   
149 O  OP2   . DC  A 8  ? 0.3502 0.3333 0.3454 -0.0023 0.0035  0.0082  9   DC  A OP2   
150 O  "O5'" . DC  A 8  ? 0.3258 0.3396 0.3298 0.0025  0.0053  0.0036  9   DC  A "O5'" 
151 C  "C5'" . DC  A 8  ? 0.3147 0.2962 0.3122 -0.0041 0.0064  0.0042  9   DC  A "C5'" 
152 C  "C4'" . DC  A 8  ? 0.2670 0.2706 0.2720 -0.0064 0.0002  0.0083  9   DC  A "C4'" 
153 O  "O4'" . DC  A 8  ? 0.2694 0.2883 0.2570 -0.0168 -0.0023 -0.0049 9   DC  A "O4'" 
154 C  "C3'" . DC  A 8  ? 0.2922 0.2591 0.2834 -0.0119 -0.0025 0.0125  9   DC  A "C3'" 
155 O  "O3'" . DC  A 8  ? 0.3217 0.3114 0.3567 -0.0102 0.0109  0.0048  9   DC  A "O3'" 
156 C  "C2'" . DC  A 8  ? 0.2511 0.2558 0.2545 -0.0020 0.0096  -0.0108 9   DC  A "C2'" 
157 C  "C1'" . DC  A 8  ? 0.2213 0.2176 0.2479 0.0031  0.0039  0.0145  9   DC  A "C1'" 
158 N  N1    . DC  A 8  ? 0.1994 0.1865 0.2137 -0.0162 -0.0001 0.0139  9   DC  A N1    
159 C  C2    . DC  A 8  ? 0.1650 0.1786 0.1844 -0.0089 -0.0082 0.0041  9   DC  A C2    
160 O  O2    . DC  A 8  ? 0.1845 0.1652 0.2015 -0.0057 0.0069  0.0025  9   DC  A O2    
161 N  N3    . DC  A 8  ? 0.1593 0.1543 0.1414 -0.0118 -0.0016 -0.0093 9   DC  A N3    
162 C  C4    . DC  A 8  ? 0.1638 0.1860 0.1587 -0.0056 -0.0029 -0.0068 9   DC  A C4    
163 N  N4    . DC  A 8  ? 0.1613 0.2063 0.1510 -0.0131 0.0019  -0.0034 9   DC  A N4    
164 C  C5    . DC  A 8  ? 0.1768 0.1697 0.1890 -0.0102 -0.0100 0.0007  9   DC  A C5    
165 C  C6    . DC  A 8  ? 0.1832 0.1909 0.1802 -0.0050 -0.0076 -0.0172 9   DC  A C6    
166 P  P     . DA  A 9  ? 0.3913 0.3777 0.3806 -0.0100 0.0031  -0.0011 10  DA  A P     
167 O  OP1   . DA  A 9  ? 0.3988 0.4224 0.4149 0.0013  0.0004  0.0022  10  DA  A OP1   
168 O  OP2   . DA  A 9  ? 0.4100 0.3891 0.4004 0.0102  -0.0155 -0.0035 10  DA  A OP2   
169 O  "O5'" . DA  A 9  ? 0.3526 0.3464 0.3607 0.0072  0.0105  0.0055  10  DA  A "O5'" 
170 C  "C5'" . DA  A 9  ? 0.3624 0.3752 0.3664 0.0006  0.0064  0.0024  10  DA  A "C5'" 
171 C  "C4'" . DA  A 9  ? 0.3519 0.3637 0.3599 0.0034  0.0069  -0.0019 10  DA  A "C4'" 
172 O  "O4'" . DA  A 9  ? 0.3410 0.3558 0.3468 0.0091  0.0084  -0.0055 10  DA  A "O4'" 
173 C  "C3'" . DA  A 9  ? 0.3523 0.3504 0.3562 -0.0025 0.0069  0.0005  10  DA  A "C3'" 
174 O  "O3'" . DA  A 9  ? 0.3972 0.3668 0.3901 0.0010  0.0144  -0.0022 10  DA  A "O3'" 
175 C  "C2'" . DA  A 9  ? 0.3482 0.3406 0.3424 0.0006  0.0113  -0.0057 10  DA  A "C2'" 
176 C  "C1'" . DA  A 9  ? 0.3304 0.3229 0.3352 0.0043  0.0091  0.0037  10  DA  A "C1'" 
177 N  N9    . DA  A 9  ? 0.2962 0.3002 0.2950 -0.0104 0.0090  -0.0040 10  DA  A N9    
178 C  C8    . DA  A 9  ? 0.2768 0.2839 0.2808 -0.0125 0.0084  -0.0007 10  DA  A C8    
179 N  N7    . DA  A 9  ? 0.2550 0.2536 0.2391 -0.0201 -0.0017 0.0037  10  DA  A N7    
180 C  C5    . DA  A 9  ? 0.2260 0.2401 0.2090 -0.0282 -0.0052 -0.0068 10  DA  A C5    
181 C  C6    . DA  A 9  ? 0.2017 0.2059 0.2160 -0.0151 -0.0061 -0.0071 10  DA  A C6    
182 N  N6    . DA  A 9  ? 0.1937 0.1859 0.2190 -0.0303 -0.0258 -0.0156 10  DA  A N6    
183 N  N1    . DA  A 9  ? 0.1901 0.1979 0.1734 -0.0178 -0.0132 -0.0062 10  DA  A N1    
184 C  C2    . DA  A 9  ? 0.1918 0.1875 0.1939 -0.0246 -0.0008 -0.0115 10  DA  A C2    
185 N  N3    . DA  A 9  ? 0.2335 0.2199 0.2508 -0.0168 0.0181  -0.0138 10  DA  A N3    
186 C  C4    . DA  A 9  ? 0.2656 0.2486 0.2412 -0.0153 -0.0059 -0.0038 10  DA  A C4    
187 P  P     . DA  A 10 ? 0.3623 0.3770 0.3779 -0.0037 0.0223  -0.0080 11  DA  A P     
188 O  OP1   . DA  A 10 ? 0.3909 0.4122 0.3844 0.0008  -0.0092 -0.0029 11  DA  A OP1   
189 O  OP2   . DA  A 10 ? 0.3855 0.3542 0.3742 -0.0045 0.0088  0.0113  11  DA  A OP2   
190 O  "O5'" . DA  A 10 ? 0.3268 0.2996 0.3303 0.0034  0.0030  0.0050  11  DA  A "O5'" 
191 C  "C5'" . DA  A 10 ? 0.2969 0.3189 0.3216 -0.0001 0.0044  -0.0035 11  DA  A "C5'" 
192 C  "C4'" . DA  A 10 ? 0.2956 0.2738 0.3049 0.0072  0.0074  0.0011  11  DA  A "C4'" 
193 O  "O4'" . DA  A 10 ? 0.2728 0.2755 0.3035 0.0143  -0.0082 -0.0087 11  DA  A "O4'" 
194 C  "C3'" . DA  A 10 ? 0.2993 0.3057 0.2957 0.0035  -0.0034 0.0025  11  DA  A "C3'" 
195 O  "O3'" . DA  A 10 ? 0.3258 0.3003 0.3215 -0.0220 0.0072  -0.0161 11  DA  A "O3'" 
196 C  "C2'" . DA  A 10 ? 0.2814 0.2822 0.2945 -0.0023 0.0078  -0.0064 11  DA  A "C2'" 
197 C  "C1'" . DA  A 10 ? 0.2575 0.2613 0.2728 -0.0010 0.0013  0.0014  11  DA  A "C1'" 
198 N  N9    . DA  A 10 ? 0.2200 0.2301 0.2323 -0.0023 0.0140  -0.0055 11  DA  A N9    
199 C  C8    . DA  A 10 ? 0.2020 0.2352 0.2196 0.0029  0.0024  -0.0009 11  DA  A C8    
200 N  N7    . DA  A 10 ? 0.2155 0.2304 0.2163 -0.0042 0.0209  0.0029  11  DA  A N7    
201 C  C5    . DA  A 10 ? 0.1850 0.2049 0.1934 -0.0072 0.0016  -0.0091 11  DA  A C5    
202 C  C6    . DA  A 10 ? 0.1717 0.1854 0.1812 -0.0101 -0.0174 -0.0013 11  DA  A C6    
203 N  N6    . DA  A 10 ? 0.1890 0.1779 0.1924 0.0047  -0.0171 -0.0180 11  DA  A N6    
204 N  N1    . DA  A 10 ? 0.1636 0.1586 0.1658 -0.0077 -0.0097 0.0011  11  DA  A N1    
205 C  C2    . DA  A 10 ? 0.1818 0.1558 0.1843 0.0111  0.0027  0.0025  11  DA  A C2    
206 N  N3    . DA  A 10 ? 0.1675 0.1873 0.1800 -0.0020 -0.0030 0.0013  11  DA  A N3    
207 C  C4    . DA  A 10 ? 0.1581 0.1979 0.2033 -0.0184 0.0042  -0.0018 11  DA  A C4    
208 P  P     . DA  A 11 ? 0.3187 0.2739 0.3134 -0.0238 0.0151  -0.0208 12  DA  A P     
209 O  OP1   . DA  A 11 ? 0.3124 0.3438 0.3496 0.0116  0.0049  -0.0012 12  DA  A OP1   
210 O  OP2   . DA  A 11 ? 0.2823 0.2338 0.3024 -0.0250 0.0202  0.0016  12  DA  A OP2   
211 O  "O5'" . DA  A 11 ? 0.2619 0.2602 0.2565 -0.0082 -0.0031 -0.0100 12  DA  A "O5'" 
212 C  "C5'" . DA  A 11 ? 0.2287 0.2564 0.2572 0.0025  -0.0011 -0.0078 12  DA  A "C5'" 
213 C  "C4'" . DA  A 11 ? 0.2210 0.2058 0.1939 -0.0032 -0.0023 0.0116  12  DA  A "C4'" 
214 O  "O4'" . DA  A 11 ? 0.2027 0.1869 0.1970 0.0012  -0.0153 0.0003  12  DA  A "O4'" 
215 C  "C3'" . DA  A 11 ? 0.2040 0.2062 0.1993 0.0034  -0.0034 0.0085  12  DA  A "C3'" 
216 O  "O3'" . DA  A 11 ? 0.2027 0.2026 0.1983 0.0118  0.0007  0.0003  12  DA  A "O3'" 
217 C  "C2'" . DA  A 11 ? 0.1885 0.1911 0.1906 0.0051  -0.0068 -0.0023 12  DA  A "C2'" 
218 C  "C1'" . DA  A 11 ? 0.1868 0.1854 0.1779 -0.0039 -0.0020 0.0061  12  DA  A "C1'" 
219 N  N9    . DA  A 11 ? 0.1568 0.1643 0.1826 -0.0008 0.0065  -0.0013 12  DA  A N9    
220 C  C8    . DA  A 11 ? 0.1752 0.1719 0.1609 -0.0021 0.0021  -0.0017 12  DA  A C8    
221 N  N7    . DA  A 11 ? 0.1732 0.1635 0.1805 0.0162  -0.0080 -0.0035 12  DA  A N7    
222 C  C5    . DA  A 11 ? 0.1804 0.1911 0.1812 0.0130  0.0019  0.0014  12  DA  A C5    
223 C  C6    . DA  A 11 ? 0.1701 0.1769 0.1631 0.0111  0.0074  -0.0044 12  DA  A C6    
224 N  N6    . DA  A 11 ? 0.1505 0.1605 0.1806 -0.0010 -0.0085 -0.0024 12  DA  A N6    
225 N  N1    . DA  A 11 ? 0.1533 0.1606 0.1458 -0.0079 0.0008  -0.0072 12  DA  A N1    
226 C  C2    . DA  A 11 ? 0.1795 0.1495 0.1587 0.0071  0.0047  -0.0067 12  DA  A C2    
227 N  N3    . DA  A 11 ? 0.1683 0.1657 0.1582 -0.0075 0.0021  0.0089  12  DA  A N3    
228 C  C4    . DA  A 11 ? 0.1738 0.1749 0.1862 0.0097  -0.0025 0.0030  12  DA  A C4    
229 P  P     . DA  A 12 ? 0.2057 0.1794 0.1990 0.0081  -0.0003 0.0115  13  DA  A P     
230 O  OP1   . DA  A 12 ? 0.2372 0.1913 0.1983 0.0134  0.0071  0.0151  13  DA  A OP1   
231 O  OP2   . DA  A 12 ? 0.2142 0.1934 0.1999 0.0012  0.0096  0.0058  13  DA  A OP2   
232 O  "O5'" . DA  A 12 ? 0.1982 0.1982 0.1796 0.0028  0.0003  0.0080  13  DA  A "O5'" 
233 C  "C5'" . DA  A 12 ? 0.1749 0.1852 0.1827 0.0117  -0.0012 0.0003  13  DA  A "C5'" 
234 C  "C4'" . DA  A 12 ? 0.1789 0.1556 0.1587 0.0160  0.0091  0.0043  13  DA  A "C4'" 
235 O  "O4'" . DA  A 12 ? 0.1895 0.1785 0.1611 -0.0071 0.0007  0.0056  13  DA  A "O4'" 
236 C  "C3'" . DA  A 12 ? 0.1926 0.1679 0.1825 0.0154  0.0021  0.0174  13  DA  A "C3'" 
237 O  "O3'" . DA  A 12 ? 0.2076 0.1892 0.1930 0.0094  0.0077  0.0072  13  DA  A "O3'" 
238 C  "C2'" . DA  A 12 ? 0.1607 0.1689 0.1721 -0.0044 0.0019  -0.0088 13  DA  A "C2'" 
239 C  "C1'" . DA  A 12 ? 0.1777 0.1848 0.1854 -0.0008 -0.0073 0.0013  13  DA  A "C1'" 
240 N  N9    . DA  A 12 ? 0.1718 0.1729 0.1632 0.0013  -0.0022 0.0068  13  DA  A N9    
241 C  C8    . DA  A 12 ? 0.1494 0.1313 0.1438 0.0074  -0.0050 0.0124  13  DA  A C8    
242 N  N7    . DA  A 12 ? 0.1815 0.1642 0.1584 0.0014  -0.0128 -0.0010 13  DA  A N7    
243 C  C5    . DA  A 12 ? 0.1691 0.1278 0.1496 -0.0099 -0.0076 -0.0048 13  DA  A C5    
244 C  C6    . DA  A 12 ? 0.1329 0.1353 0.1300 -0.0076 -0.0024 0.0044  13  DA  A C6    
245 N  N6    . DA  A 12 ? 0.1600 0.1666 0.1363 -0.0162 0.0043  -0.0109 13  DA  A N6    
246 N  N1    . DA  A 12 ? 0.1593 0.1654 0.1494 0.0016  -0.0016 -0.0172 13  DA  A N1    
247 C  C2    . DA  A 12 ? 0.1599 0.1308 0.1431 -0.0057 0.0111  0.0117  13  DA  A C2    
248 N  N3    . DA  A 12 ? 0.1748 0.1208 0.1449 0.0042  0.0004  0.0141  13  DA  A N3    
249 C  C4    . DA  A 12 ? 0.1547 0.1321 0.1657 -0.0096 -0.0056 -0.0117 13  DA  A C4    
250 P  P     . DC  A 13 ? 0.2262 0.2143 0.2331 0.0104  -0.0048 -0.0002 14  DC  A P     
251 O  OP1   . DC  A 13 ? 0.2230 0.2393 0.2618 -0.0010 0.0256  -0.0033 14  DC  A OP1   
252 O  OP2   . DC  A 13 ? 0.2450 0.2250 0.2667 0.0013  0.0118  -0.0091 14  DC  A OP2   
253 O  "O5'" . DC  A 13 ? 0.2530 0.2728 0.2661 0.0095  -0.0098 -0.0078 14  DC  A "O5'" 
254 C  "C5'" . DC  A 13 ? 0.2719 0.2764 0.2889 0.0058  -0.0054 -0.0048 14  DC  A "C5'" 
255 C  "C4'" . DC  A 13 ? 0.2490 0.2682 0.2629 -0.0051 0.0104  0.0008  14  DC  A "C4'" 
256 O  "O4'" . DC  A 13 ? 0.1721 0.2366 0.1980 -0.0104 -0.0093 -0.0137 14  DC  A "O4'" 
257 C  "C3'" . DC  A 13 ? 0.2572 0.2635 0.2495 0.0026  0.0040  -0.0013 14  DC  A "C3'" 
258 O  "O3'" . DC  A 13 ? 0.2818 0.3315 0.3161 0.0163  0.0092  -0.0098 14  DC  A "O3'" 
259 C  "C2'" . DC  A 13 ? 0.1969 0.2158 0.2147 -0.0157 -0.0076 0.0021  14  DC  A "C2'" 
260 C  "C1'" . DC  A 13 ? 0.1907 0.1953 0.1690 -0.0115 0.0098  0.0060  14  DC  A "C1'" 
261 N  N1    . DC  A 13 ? 0.1660 0.1815 0.1621 -0.0017 -0.0105 -0.0012 14  DC  A N1    
262 C  C2    . DC  A 13 ? 0.1598 0.1562 0.1703 -0.0082 0.0031  -0.0030 14  DC  A C2    
263 O  O2    . DC  A 13 ? 0.1236 0.1737 0.1537 0.0091  -0.0045 0.0170  14  DC  A O2    
264 N  N3    . DC  A 13 ? 0.1605 0.1689 0.1441 0.0029  -0.0061 -0.0055 14  DC  A N3    
265 C  C4    . DC  A 13 ? 0.1773 0.1709 0.1420 -0.0005 -0.0080 -0.0013 14  DC  A C4    
266 N  N4    . DC  A 13 ? 0.1783 0.1707 0.1471 0.0159  -0.0017 0.0105  14  DC  A N4    
267 C  C5    . DC  A 13 ? 0.1784 0.1594 0.1608 -0.0065 0.0086  0.0033  14  DC  A C5    
268 C  C6    . DC  A 13 ? 0.1570 0.1668 0.1644 -0.0112 -0.0073 -0.0147 14  DC  A C6    
269 O  "O5'" . DG  B 1  ? 0.2815 0.2594 0.2574 -0.0264 -0.0030 0.0010  1   DG  B "O5'" 
270 C  "C5'" . DG  B 1  ? 0.2348 0.2110 0.2400 -0.0041 0.0051  0.0039  1   DG  B "C5'" 
271 C  "C4'" . DG  B 1  ? 0.2087 0.2028 0.2091 -0.0015 0.0036  0.0051  1   DG  B "C4'" 
272 O  "O4'" . DG  B 1  ? 0.1871 0.1667 0.1883 -0.0188 0.0105  0.0063  1   DG  B "O4'" 
273 C  "C3'" . DG  B 1  ? 0.1991 0.1946 0.2000 0.0054  -0.0026 -0.0029 1   DG  B "C3'" 
274 O  "O3'" . DG  B 1  ? 0.2237 0.2111 0.2096 0.0048  -0.0130 0.0080  1   DG  B "O3'" 
275 C  "C2'" . DG  B 1  ? 0.1724 0.1704 0.1588 -0.0048 -0.0072 -0.0050 1   DG  B "C2'" 
276 C  "C1'" . DG  B 1  ? 0.1556 0.1378 0.1591 -0.0043 0.0043  0.0004  1   DG  B "C1'" 
277 N  N9    . DG  B 1  ? 0.1626 0.1546 0.1590 -0.0111 -0.0056 0.0030  1   DG  B N9    
278 C  C8    . DG  B 1  ? 0.1841 0.1766 0.1716 -0.0073 -0.0086 -0.0080 1   DG  B C8    
279 N  N7    . DG  B 1  ? 0.1956 0.1710 0.1766 -0.0105 0.0040  -0.0062 1   DG  B N7    
280 C  C5    . DG  B 1  ? 0.1250 0.1455 0.1435 0.0000  -0.0058 0.0136  1   DG  B C5    
281 C  C6    . DG  B 1  ? 0.1458 0.1395 0.1398 0.0033  -0.0011 0.0079  1   DG  B C6    
282 O  O6    . DG  B 1  ? 0.1787 0.1272 0.1381 0.0116  0.0005  0.0073  1   DG  B O6    
283 N  N1    . DG  B 1  ? 0.1541 0.1384 0.1421 0.0092  -0.0067 0.0144  1   DG  B N1    
284 C  C2    . DG  B 1  ? 0.1548 0.1580 0.1613 -0.0090 -0.0083 -0.0007 1   DG  B C2    
285 N  N2    . DG  B 1  ? 0.1530 0.1203 0.1735 -0.0007 -0.0148 0.0090  1   DG  B N2    
286 N  N3    . DG  B 1  ? 0.1531 0.1781 0.1542 -0.0064 -0.0169 0.0086  1   DG  B N3    
287 C  C4    . DG  B 1  ? 0.1523 0.1671 0.1477 0.0075  0.0124  0.0002  1   DG  B C4    
288 P  P     . DT  B 2  ? 0.2312 0.2214 0.2248 0.0251  -0.0108 -0.0068 2   DT  B P     
289 O  OP1   . DT  B 2  ? 0.2379 0.2456 0.2526 0.0306  -0.0146 -0.0037 2   DT  B OP1   
290 O  OP2   . DT  B 2  ? 0.2541 0.2534 0.2603 0.0170  -0.0084 -0.0157 2   DT  B OP2   
291 O  "O5'" . DT  B 2  ? 0.1776 0.2058 0.1995 0.0116  0.0140  -0.0023 2   DT  B "O5'" 
292 C  "C5'" . DT  B 2  ? 0.2062 0.2051 0.2041 -0.0047 -0.0071 0.0007  2   DT  B "C5'" 
293 C  "C4'" . DT  B 2  ? 0.1982 0.1966 0.2024 -0.0006 0.0042  -0.0016 2   DT  B "C4'" 
294 O  "O4'" . DT  B 2  ? 0.2064 0.2377 0.1990 -0.0034 0.0073  -0.0031 2   DT  B "O4'" 
295 C  "C3'" . DT  B 2  ? 0.2169 0.2361 0.2233 0.0025  0.0018  -0.0116 2   DT  B "C3'" 
296 O  "O3'" . DT  B 2  ? 0.1957 0.1918 0.2048 -0.0117 0.0185  -0.0085 2   DT  B "O3'" 
297 C  "C2'" . DT  B 2  ? 0.2275 0.2424 0.2223 -0.0058 -0.0013 -0.0073 2   DT  B "C2'" 
298 C  "C1'" . DT  B 2  ? 0.2140 0.1999 0.2063 -0.0007 -0.0007 0.0062  2   DT  B "C1'" 
299 N  N1    . DT  B 2  ? 0.2006 0.2446 0.2067 -0.0074 0.0095  -0.0052 2   DT  B N1    
300 C  C2    . DT  B 2  ? 0.2294 0.2121 0.2056 0.0080  -0.0010 -0.0084 2   DT  B C2    
301 O  O2    . DT  B 2  ? 0.2202 0.2463 0.2037 -0.0187 0.0182  0.0025  2   DT  B O2    
302 N  N3    . DT  B 2  ? 0.1912 0.2393 0.1958 -0.0065 0.0001  -0.0115 2   DT  B N3    
303 C  C4    . DT  B 2  ? 0.2113 0.2292 0.2081 0.0136  0.0067  -0.0114 2   DT  B C4    
304 O  O4    . DT  B 2  ? 0.2256 0.2403 0.2067 0.0157  -0.0079 -0.0047 2   DT  B O4    
305 C  C5    . DT  B 2  ? 0.1971 0.2163 0.2086 -0.0111 0.0024  -0.0087 2   DT  B C5    
306 C  C7    . DT  B 2  ? 0.2091 0.2187 0.1956 0.0004  0.0022  0.0002  2   DT  B C7    
307 C  C6    . DT  B 2  ? 0.2182 0.2322 0.2026 0.0032  -0.0004 -0.0135 2   DT  B C6    
308 P  P     . DT  B 3  ? 0.2030 0.2165 0.2160 0.0023  0.0024  -0.0031 3   DT  B P     
309 O  OP1   . DT  B 3  ? 0.2085 0.2298 0.2491 0.0028  0.0013  -0.0120 3   DT  B OP1   
310 O  OP2   . DT  B 3  ? 0.1972 0.2227 0.2129 0.0004  0.0106  -0.0164 3   DT  B OP2   
311 O  "O5'" . DT  B 3  ? 0.1731 0.2096 0.2115 0.0012  0.0046  0.0053  3   DT  B "O5'" 
312 C  "C5'" . DT  B 3  ? 0.2181 0.2280 0.2113 0.0027  -0.0068 -0.0085 3   DT  B "C5'" 
313 C  "C4'" . DT  B 3  ? 0.2198 0.2238 0.2232 -0.0050 -0.0024 -0.0042 3   DT  B "C4'" 
314 O  "O4'" . DT  B 3  ? 0.2181 0.2391 0.2027 -0.0021 0.0076  -0.0145 3   DT  B "O4'" 
315 C  "C3'" . DT  B 3  ? 0.2507 0.2441 0.2285 0.0016  0.0031  -0.0022 3   DT  B "C3'" 
316 O  "O3'" . DT  B 3  ? 0.2699 0.2543 0.2402 -0.0245 0.0089  0.0005  3   DT  B "O3'" 
317 C  "C2'" . DT  B 3  ? 0.2208 0.2314 0.2191 -0.0146 0.0080  0.0077  3   DT  B "C2'" 
318 C  "C1'" . DT  B 3  ? 0.2229 0.2210 0.2069 -0.0037 0.0021  -0.0118 3   DT  B "C1'" 
319 N  N1    . DT  B 3  ? 0.2152 0.1878 0.1993 -0.0154 0.0034  0.0053  3   DT  B N1    
320 C  C2    . DT  B 3  ? 0.1910 0.2032 0.1932 0.0037  0.0036  -0.0034 3   DT  B C2    
321 O  O2    . DT  B 3  ? 0.1939 0.2037 0.1932 -0.0025 0.0193  -0.0073 3   DT  B O2    
322 N  N3    . DT  B 3  ? 0.1667 0.1973 0.1948 -0.0074 0.0102  0.0040  3   DT  B N3    
323 C  C4    . DT  B 3  ? 0.1796 0.1889 0.1976 0.0124  -0.0009 0.0089  3   DT  B C4    
324 O  O4    . DT  B 3  ? 0.1897 0.2368 0.2038 0.0067  -0.0005 -0.0009 3   DT  B O4    
325 C  C5    . DT  B 3  ? 0.2045 0.1976 0.1971 -0.0017 -0.0041 0.0108  3   DT  B C5    
326 C  C7    . DT  B 3  ? 0.2177 0.1909 0.2027 -0.0019 -0.0014 0.0121  3   DT  B C7    
327 C  C6    . DT  B 3  ? 0.2043 0.2023 0.1826 0.0058  -0.0004 -0.0024 3   DT  B C6    
328 P  P     . DT  B 4  ? 0.2712 0.2656 0.2944 -0.0108 0.0103  0.0052  4   DT  B P     
329 O  OP1   . DT  B 4  ? 0.3376 0.2953 0.3448 0.0068  -0.0039 -0.0072 4   DT  B OP1   
330 O  OP2   . DT  B 4  ? 0.2604 0.3148 0.2779 0.0195  0.0206  0.0160  4   DT  B OP2   
331 O  "O5'" . DT  B 4  ? 0.2681 0.2586 0.2785 -0.0124 0.0075  0.0003  4   DT  B "O5'" 
332 C  "C5'" . DT  B 4  ? 0.2739 0.2582 0.2655 -0.0060 -0.0016 -0.0050 4   DT  B "C5'" 
333 C  "C4'" . DT  B 4  ? 0.2719 0.2609 0.2668 -0.0052 0.0068  -0.0050 4   DT  B "C4'" 
334 O  "O4'" . DT  B 4  ? 0.2767 0.2541 0.2791 -0.0076 0.0191  -0.0167 4   DT  B "O4'" 
335 C  "C3'" . DT  B 4  ? 0.2729 0.2559 0.2683 -0.0072 -0.0032 -0.0063 4   DT  B "C3'" 
336 O  "O3'" . DT  B 4  ? 0.2754 0.2606 0.2622 -0.0214 0.0029  0.0015  4   DT  B "O3'" 
337 C  "C2'" . DT  B 4  ? 0.2582 0.2679 0.2595 0.0016  0.0070  0.0003  4   DT  B "C2'" 
338 C  "C1'" . DT  B 4  ? 0.2528 0.2228 0.2341 0.0041  0.0070  0.0039  4   DT  B "C1'" 
339 N  N1    . DT  B 4  ? 0.2112 0.1999 0.1970 -0.0065 0.0080  -0.0121 4   DT  B N1    
340 C  C2    . DT  B 4  ? 0.1906 0.2174 0.1979 -0.0008 0.0061  0.0009  4   DT  B C2    
341 O  O2    . DT  B 4  ? 0.1885 0.2208 0.2036 0.0021  0.0173  0.0092  4   DT  B O2    
342 N  N3    . DT  B 4  ? 0.1499 0.1922 0.1891 0.0090  0.0121  -0.0123 4   DT  B N3    
343 C  C4    . DT  B 4  ? 0.1653 0.2080 0.1809 -0.0046 0.0036  -0.0056 4   DT  B C4    
344 O  O4    . DT  B 4  ? 0.1749 0.2058 0.1932 0.0114  0.0037  0.0011  4   DT  B O4    
345 C  C5    . DT  B 4  ? 0.2040 0.2061 0.2042 -0.0045 0.0073  -0.0162 4   DT  B C5    
346 C  C7    . DT  B 4  ? 0.2368 0.2285 0.2193 -0.0022 -0.0054 -0.0071 4   DT  B C7    
347 C  C6    . DT  B 4  ? 0.2165 0.2116 0.1952 -0.0015 0.0133  -0.0041 4   DT  B C6    
348 P  P     . DT  B 5  ? 0.2866 0.2598 0.2459 -0.0296 0.0076  0.0039  5   DT  B P     
349 O  OP1   . DT  B 5  ? 0.3301 0.2869 0.2969 -0.0005 -0.0124 0.0033  5   DT  B OP1   
350 O  OP2   . DT  B 5  ? 0.2654 0.2387 0.2557 -0.0173 0.0064  0.0074  5   DT  B OP2   
351 O  "O5'" . DT  B 5  ? 0.2702 0.2447 0.2531 -0.0133 -0.0049 0.0066  5   DT  B "O5'" 
352 C  "C5'" . DT  B 5  ? 0.2411 0.2216 0.2310 -0.0059 0.0090  0.0008  5   DT  B "C5'" 
353 C  "C4'" . DT  B 5  ? 0.2297 0.2033 0.2241 0.0060  -0.0028 0.0041  5   DT  B "C4'" 
354 O  "O4'" . DT  B 5  ? 0.2056 0.1899 0.2336 -0.0017 0.0044  0.0089  5   DT  B "O4'" 
355 C  "C3'" . DT  B 5  ? 0.2396 0.2303 0.2378 -0.0021 -0.0035 0.0050  5   DT  B "C3'" 
356 O  "O3'" . DT  B 5  ? 0.2570 0.2365 0.2503 0.0129  -0.0194 0.0070  5   DT  B "O3'" 
357 C  "C2'" . DT  B 5  ? 0.2286 0.2291 0.2179 -0.0021 0.0069  -0.0033 5   DT  B "C2'" 
358 C  "C1'" . DT  B 5  ? 0.2195 0.2191 0.2159 -0.0006 -0.0063 -0.0054 5   DT  B "C1'" 
359 N  N1    . DT  B 5  ? 0.1796 0.1872 0.1898 -0.0178 0.0115  0.0006  5   DT  B N1    
360 C  C2    . DT  B 5  ? 0.1787 0.1925 0.1951 0.0060  0.0002  -0.0154 5   DT  B C2    
361 O  O2    . DT  B 5  ? 0.2058 0.2124 0.1819 0.0072  0.0035  -0.0125 5   DT  B O2    
362 N  N3    . DT  B 5  ? 0.1958 0.2031 0.1924 -0.0013 0.0185  -0.0094 5   DT  B N3    
363 C  C4    . DT  B 5  ? 0.1741 0.1784 0.1956 0.0066  0.0069  -0.0060 5   DT  B C4    
364 O  O4    . DT  B 5  ? 0.1793 0.2184 0.2166 -0.0076 0.0078  0.0075  5   DT  B O4    
365 C  C5    . DT  B 5  ? 0.1801 0.1938 0.1897 -0.0147 0.0107  0.0044  5   DT  B C5    
366 C  C7    . DT  B 5  ? 0.2053 0.2313 0.2089 -0.0084 0.0037  0.0089  5   DT  B C7    
367 C  C6    . DT  B 5  ? 0.1958 0.1727 0.1820 -0.0053 0.0021  -0.0079 5   DT  B C6    
368 P  P     . DG  B 6  ? 0.2778 0.2246 0.2436 0.0212  -0.0137 0.0008  6   DG  B P     
369 O  OP1   . DG  B 6  ? 0.2982 0.2891 0.2976 0.0263  -0.0268 0.0086  6   DG  B OP1   
370 O  OP2   . DG  B 6  ? 0.2526 0.2021 0.2420 0.0085  -0.0007 0.0078  6   DG  B OP2   
371 O  "O5'" . DG  B 6  ? 0.2240 0.2158 0.2074 0.0082  -0.0192 -0.0026 6   DG  B "O5'" 
372 C  "C5'" . DG  B 6  ? 0.2237 0.1936 0.2127 0.0044  -0.0043 0.0009  6   DG  B "C5'" 
373 C  "C4'" . DG  B 6  ? 0.2055 0.1897 0.1900 0.0021  -0.0088 0.0005  6   DG  B "C4'" 
374 O  "O4'" . DG  B 6  ? 0.1648 0.1970 0.1998 -0.0068 -0.0003 0.0047  6   DG  B "O4'" 
375 C  "C3'" . DG  B 6  ? 0.2023 0.1804 0.2057 -0.0111 -0.0125 0.0059  6   DG  B "C3'" 
376 O  "O3'" . DG  B 6  ? 0.2360 0.2290 0.2167 -0.0065 0.0149  -0.0006 6   DG  B "O3'" 
377 C  "C2'" . DG  B 6  ? 0.1500 0.1606 0.1769 -0.0067 0.0025  -0.0039 6   DG  B "C2'" 
378 C  "C1'" . DG  B 6  ? 0.1679 0.1165 0.1681 -0.0078 -0.0045 0.0017  6   DG  B "C1'" 
379 N  N9    . DG  B 6  ? 0.1402 0.1320 0.1621 -0.0160 0.0030  0.0098  6   DG  B N9    
380 C  C8    . DG  B 6  ? 0.1543 0.1519 0.1459 -0.0022 -0.0072 -0.0004 6   DG  B C8    
381 N  N7    . DG  B 6  ? 0.1341 0.1300 0.1632 0.0139  0.0024  0.0133  6   DG  B N7    
382 C  C5    . DG  B 6  ? 0.1165 0.1173 0.1367 0.0041  0.0085  0.0053  6   DG  B C5    
383 C  C6    . DG  B 6  ? 0.1065 0.1047 0.1239 0.0086  0.0058  0.0060  6   DG  B C6    
384 O  O6    . DG  B 6  ? 0.1502 0.1539 0.1719 0.0089  -0.0144 -0.0102 6   DG  B O6    
385 N  N1    . DG  B 6  ? 0.1471 0.1284 0.1603 -0.0037 -0.0138 0.0015  6   DG  B N1    
386 C  C2    . DG  B 6  ? 0.1410 0.1453 0.1478 -0.0216 0.0068  0.0103  6   DG  B C2    
387 N  N2    . DG  B 6  ? 0.1489 0.1381 0.1524 0.0088  -0.0045 -0.0170 6   DG  B N2    
388 N  N3    . DG  B 6  ? 0.1414 0.1509 0.1394 -0.0026 -0.0060 0.0078  6   DG  B N3    
389 C  C4    . DG  B 6  ? 0.1010 0.1147 0.1362 0.0046  0.0020  0.0082  6   DG  B C4    
390 P  P     . S02 B 7  ? 0.2266 0.2557 0.2034 0.0101  -0.0011 0.0081  7   S02 B P     
391 O  O1P   . S02 B 7  ? 0.2387 0.1921 0.2236 0.0019  0.0115  0.0268  7   S02 B O1P   
392 O  O2P   . S02 B 7  ? 0.2465 0.2236 0.2498 -0.0107 -0.0108 0.0008  7   S02 B O2P   
393 O  "O5'" . S02 B 7  ? 0.2456 0.2845 0.2482 -0.0019 0.0047  0.0056  7   S02 B "O5'" 
394 C  "C5'" . S02 B 7  ? 0.2259 0.2202 0.2347 -0.0007 0.0041  0.0075  7   S02 B "C5'" 
395 C  "CA'" . S02 B 7  ? 0.2430 0.2332 0.2560 -0.0039 -0.0034 0.0057  7   S02 B "CA'" 
396 O  "OB'" . S02 B 7  ? 0.2750 0.2820 0.2611 0.0077  0.0024  -0.0011 7   S02 B "OB'" 
397 C  C1A   . S02 B 7  ? 0.2397 0.1958 0.2382 0.0019  -0.0011 -0.0032 7   S02 B C1A   
398 C  C6A   . S02 B 7  ? 0.2421 0.2462 0.2416 -0.0012 -0.0023 -0.0063 7   S02 B C6A   
399 C  C2A   . S02 B 7  ? 0.2383 0.2263 0.2355 0.0011  0.0047  -0.0033 7   S02 B C2A   
400 C  C3A   . S02 B 7  ? 0.2125 0.1952 0.2089 0.0192  0.0042  0.0032  7   S02 B C3A   
401 C  C4A   . S02 B 7  ? 0.2089 0.2142 0.2030 0.0076  0.0021  -0.0070 7   S02 B C4A   
402 C  C7A   . S02 B 7  ? 0.2302 0.2152 0.2362 0.0138  0.0030  0.0058  7   S02 B C7A   
403 C  C5A   . S02 B 7  ? 0.2140 0.1871 0.2174 0.0021  -0.0064 -0.0129 7   S02 B C5A   
404 C  C1B   . S02 B 7  ? 0.1885 0.1704 0.1743 0.0003  -0.0067 0.0025  7   S02 B C1B   
405 C  C6B   . S02 B 7  ? 0.1682 0.1596 0.1693 -0.0040 -0.0154 -0.0199 7   S02 B C6B   
406 C  C2B   . S02 B 7  ? 0.1709 0.1746 0.1841 -0.0164 -0.0100 -0.0098 7   S02 B C2B   
407 C  C3B   . S02 B 7  ? 0.1843 0.1716 0.1823 0.0041  -0.0079 -0.0098 7   S02 B C3B   
408 C  C4B   . S02 B 7  ? 0.1862 0.1912 0.2078 0.0003  0.0068  -0.0107 7   S02 B C4B   
409 C  C7B   . S02 B 7  ? 0.2238 0.2370 0.2218 0.0113  0.0013  0.0000  7   S02 B C7B   
410 C  C5B   . S02 B 7  ? 0.1642 0.1500 0.1624 0.0044  0.0009  -0.0114 7   S02 B C5B   
411 O  "OC'" . S02 B 7  ? 0.2262 0.2207 0.2187 0.0049  0.0003  -0.0034 7   S02 B "OC'" 
412 C  "CD'" . S02 B 7  ? 0.2438 0.2465 0.2460 -0.0045 0.0055  0.0013  7   S02 B "CD'" 
413 C  "C3'" . S02 B 7  ? 0.2949 0.2878 0.2910 0.0007  0.0001  0.0123  7   S02 B "C3'" 
414 O  "O3'" . S02 B 7  ? 0.3341 0.3212 0.3138 0.0067  -0.0012 0.0066  7   S02 B "O3'" 
415 P  P     . DC  B 8  ? 0.3563 0.3296 0.3140 0.0072  0.0015  0.0303  9   DC  B P     
416 O  OP1   . DC  B 8  ? 0.3472 0.3068 0.3363 -0.0159 -0.0023 0.0157  9   DC  B OP1   
417 O  OP2   . DC  B 8  ? 0.3269 0.3552 0.3296 -0.0114 0.0120  0.0207  9   DC  B OP2   
418 O  "O5'" . DC  B 8  ? 0.2916 0.2927 0.3063 -0.0074 0.0084  -0.0005 9   DC  B "O5'" 
419 C  "C5'" . DC  B 8  ? 0.2528 0.2256 0.2530 -0.0052 -0.0012 0.0031  9   DC  B "C5'" 
420 C  "C4'" . DC  B 8  ? 0.2117 0.2070 0.2103 -0.0069 -0.0087 -0.0019 9   DC  B "C4'" 
421 O  "O4'" . DC  B 8  ? 0.1745 0.1752 0.1987 0.0064  0.0259  -0.0050 9   DC  B "O4'" 
422 C  "C3'" . DC  B 8  ? 0.1980 0.1997 0.1875 -0.0038 -0.0008 0.0038  9   DC  B "C3'" 
423 O  "O3'" . DC  B 8  ? 0.1944 0.2194 0.1938 -0.0043 -0.0073 0.0013  9   DC  B "O3'" 
424 C  "C2'" . DC  B 8  ? 0.1856 0.1901 0.1844 -0.0096 0.0053  0.0029  9   DC  B "C2'" 
425 C  "C1'" . DC  B 8  ? 0.1737 0.1636 0.1769 -0.0058 0.0053  -0.0044 9   DC  B "C1'" 
426 N  N1    . DC  B 8  ? 0.1598 0.1482 0.1504 0.0088  0.0115  -0.0012 9   DC  B N1    
427 C  C2    . DC  B 8  ? 0.1437 0.1674 0.1533 0.0069  0.0046  0.0024  9   DC  B C2    
428 O  O2    . DC  B 8  ? 0.1437 0.2180 0.1548 -0.0048 0.0149  0.0006  9   DC  B O2    
429 N  N3    . DC  B 8  ? 0.1565 0.1631 0.1704 -0.0146 0.0147  0.0037  9   DC  B N3    
430 C  C4    . DC  B 8  ? 0.1393 0.1465 0.1601 -0.0001 0.0099  0.0097  9   DC  B C4    
431 N  N4    . DC  B 8  ? 0.1856 0.1706 0.1953 -0.0029 -0.0040 0.0036  9   DC  B N4    
432 C  C5    . DC  B 8  ? 0.1724 0.1462 0.1347 0.0122  0.0072  0.0053  9   DC  B C5    
433 C  C6    . DC  B 8  ? 0.1828 0.1658 0.1602 -0.0057 -0.0018 -0.0016 9   DC  B C6    
434 P  P     . DA  B 9  ? 0.1982 0.1748 0.2064 -0.0141 0.0029  0.0021  10  DA  B P     
435 O  OP1   . DA  B 9  ? 0.2427 0.1842 0.2133 -0.0119 -0.0012 -0.0161 10  DA  B OP1   
436 O  OP2   . DA  B 9  ? 0.2402 0.1859 0.1931 -0.0317 0.0152  0.0014  10  DA  B OP2   
437 O  "O5'" . DA  B 9  ? 0.2136 0.1668 0.2079 -0.0060 0.0023  0.0075  10  DA  B "O5'" 
438 C  "C5'" . DA  B 9  ? 0.2038 0.1932 0.2018 -0.0071 -0.0042 -0.0107 10  DA  B "C5'" 
439 C  "C4'" . DA  B 9  ? 0.2354 0.2179 0.2277 -0.0014 0.0017  0.0051  10  DA  B "C4'" 
440 O  "O4'" . DA  B 9  ? 0.2224 0.2112 0.2233 -0.0009 0.0171  -0.0092 10  DA  B "O4'" 
441 C  "C3'" . DA  B 9  ? 0.2357 0.2381 0.2409 -0.0125 -0.0015 -0.0017 10  DA  B "C3'" 
442 O  "O3'" . DA  B 9  ? 0.2705 0.2739 0.2644 0.0034  -0.0015 0.0069  10  DA  B "O3'" 
443 C  "C2'" . DA  B 9  ? 0.2241 0.2132 0.2241 0.0007  0.0034  0.0128  10  DA  B "C2'" 
444 C  "C1'" . DA  B 9  ? 0.2173 0.2113 0.2302 0.0085  0.0036  0.0064  10  DA  B "C1'" 
445 N  N9    . DA  B 9  ? 0.1980 0.1944 0.2039 0.0131  0.0201  0.0057  10  DA  B N9    
446 C  C8    . DA  B 9  ? 0.2171 0.2062 0.2101 0.0041  0.0076  0.0042  10  DA  B C8    
447 N  N7    . DA  B 9  ? 0.2016 0.2076 0.1981 0.0011  0.0151  0.0153  10  DA  B N7    
448 C  C5    . DA  B 9  ? 0.1626 0.1662 0.1925 0.0254  0.0118  0.0064  10  DA  B C5    
449 C  C6    . DA  B 9  ? 0.1616 0.1772 0.1782 0.0155  0.0166  0.0093  10  DA  B C6    
450 N  N6    . DA  B 9  ? 0.1453 0.1967 0.1830 0.0107  0.0228  -0.0030 10  DA  B N6    
451 N  N1    . DA  B 9  ? 0.1674 0.1526 0.1759 0.0205  0.0156  0.0085  10  DA  B N1    
452 C  C2    . DA  B 9  ? 0.1519 0.1759 0.1824 0.0021  0.0117  0.0049  10  DA  B C2    
453 N  N3    . DA  B 9  ? 0.1759 0.1800 0.1832 0.0195  0.0082  -0.0112 10  DA  B N3    
454 C  C4    . DA  B 9  ? 0.1925 0.1837 0.1993 0.0058  0.0082  -0.0042 10  DA  B C4    
455 P  P     . DA  B 10 ? 0.2986 0.3306 0.3026 0.0139  -0.0153 0.0236  11  DA  B P     
456 O  OP1   . DA  B 10 ? 0.3646 0.3679 0.3371 0.0002  -0.0117 -0.0009 11  DA  B OP1   
457 O  OP2   . DA  B 10 ? 0.3084 0.3383 0.3261 0.0085  -0.0033 0.0210  11  DA  B OP2   
458 O  "O5'" . DA  B 10 ? 0.2761 0.3180 0.2982 0.0047  -0.0022 -0.0038 11  DA  B "O5'" 
459 C  "C5'" . DA  B 10 ? 0.2751 0.2815 0.2748 0.0096  -0.0074 0.0034  11  DA  B "C5'" 
460 C  "C4'" . DA  B 10 ? 0.2595 0.2738 0.2570 0.0052  0.0025  -0.0010 11  DA  B "C4'" 
461 O  "O4'" . DA  B 10 ? 0.2533 0.2850 0.2745 0.0221  -0.0065 -0.0118 11  DA  B "O4'" 
462 C  "C3'" . DA  B 10 ? 0.2597 0.2629 0.2618 0.0054  -0.0057 0.0021  11  DA  B "C3'" 
463 O  "O3'" . DA  B 10 ? 0.3124 0.2690 0.2831 0.0028  -0.0037 0.0059  11  DA  B "O3'" 
464 C  "C2'" . DA  B 10 ? 0.2501 0.2351 0.2591 0.0069  -0.0027 -0.0036 11  DA  B "C2'" 
465 C  "C1'" . DA  B 10 ? 0.2460 0.2517 0.2496 0.0042  0.0022  -0.0069 11  DA  B "C1'" 
466 N  N9    . DA  B 10 ? 0.2256 0.2296 0.2436 0.0137  -0.0014 -0.0246 11  DA  B N9    
467 C  C8    . DA  B 10 ? 0.2023 0.2354 0.2268 0.0201  0.0003  -0.0104 11  DA  B C8    
468 N  N7    . DA  B 10 ? 0.2088 0.2238 0.2241 0.0061  0.0018  -0.0249 11  DA  B N7    
469 C  C5    . DA  B 10 ? 0.1886 0.2147 0.2054 0.0046  0.0050  -0.0111 11  DA  B C5    
470 C  C6    . DA  B 10 ? 0.1783 0.1903 0.1790 0.0056  0.0082  -0.0037 11  DA  B C6    
471 N  N6    . DA  B 10 ? 0.1990 0.2334 0.1895 0.0076  -0.0072 0.0061  11  DA  B N6    
472 N  N1    . DA  B 10 ? 0.1575 0.1934 0.1827 0.0160  0.0071  -0.0191 11  DA  B N1    
473 C  C2    . DA  B 10 ? 0.1644 0.1972 0.1879 0.0187  -0.0041 -0.0103 11  DA  B C2    
474 N  N3    . DA  B 10 ? 0.1887 0.2184 0.2023 0.0354  -0.0064 -0.0271 11  DA  B N3    
475 C  C4    . DA  B 10 ? 0.1737 0.2326 0.2025 0.0208  0.0032  -0.0135 11  DA  B C4    
476 P  P     . DA  B 11 ? 0.3297 0.3453 0.3385 0.0232  -0.0091 -0.0125 12  DA  B P     
477 O  OP1   . DA  B 11 ? 0.3627 0.3449 0.3574 0.0052  0.0089  -0.0015 12  DA  B OP1   
478 O  OP2   . DA  B 11 ? 0.3535 0.3041 0.3498 0.0044  -0.0072 0.0122  12  DA  B OP2   
479 O  "O5'" . DA  B 11 ? 0.3054 0.2986 0.3227 0.0171  -0.0056 -0.0013 12  DA  B "O5'" 
480 C  "C5'" . DA  B 11 ? 0.3098 0.3037 0.2927 0.0048  0.0005  -0.0029 12  DA  B "C5'" 
481 C  "C4'" . DA  B 11 ? 0.2950 0.2748 0.2796 0.0011  0.0011  0.0063  12  DA  B "C4'" 
482 O  "O4'" . DA  B 11 ? 0.2833 0.2919 0.2527 0.0074  0.0012  -0.0052 12  DA  B "O4'" 
483 C  "C3'" . DA  B 11 ? 0.2786 0.2930 0.2629 -0.0056 -0.0034 -0.0001 12  DA  B "C3'" 
484 O  "O3'" . DA  B 11 ? 0.3124 0.2981 0.2836 -0.0094 -0.0051 0.0021  12  DA  B "O3'" 
485 C  "C2'" . DA  B 11 ? 0.2581 0.2395 0.2454 -0.0032 -0.0081 -0.0045 12  DA  B "C2'" 
486 C  "C1'" . DA  B 11 ? 0.2425 0.2382 0.2307 0.0026  0.0050  0.0101  12  DA  B "C1'" 
487 N  N9    . DA  B 11 ? 0.1800 0.1903 0.1834 0.0017  0.0012  -0.0121 12  DA  B N9    
488 C  C8    . DA  B 11 ? 0.1796 0.1691 0.1797 0.0114  -0.0004 0.0027  12  DA  B C8    
489 N  N7    . DA  B 11 ? 0.1741 0.2010 0.1738 0.0155  -0.0019 -0.0078 12  DA  B N7    
490 C  C5    . DA  B 11 ? 0.1771 0.1741 0.1619 0.0090  -0.0054 -0.0085 12  DA  B C5    
491 C  C6    . DA  B 11 ? 0.1297 0.1473 0.1291 0.0108  0.0283  -0.0012 12  DA  B C6    
492 N  N6    . DA  B 11 ? 0.1392 0.1466 0.1444 0.0105  0.0245  0.0047  12  DA  B N6    
493 N  N1    . DA  B 11 ? 0.1471 0.1786 0.1621 0.0056  0.0167  -0.0032 12  DA  B N1    
494 C  C2    . DA  B 11 ? 0.1505 0.1765 0.1630 0.0177  0.0184  0.0077  12  DA  B C2    
495 N  N3    . DA  B 11 ? 0.1784 0.2007 0.1791 0.0163  -0.0062 -0.0134 12  DA  B N3    
496 C  C4    . DA  B 11 ? 0.1652 0.1879 0.1828 0.0118  0.0109  -0.0021 12  DA  B C4    
497 P  P     . DA  B 12 ? 0.3509 0.3061 0.2979 -0.0082 0.0007  0.0189  13  DA  B P     
498 O  OP1   . DA  B 12 ? 0.3818 0.3474 0.3716 -0.0212 -0.0046 0.0176  13  DA  B OP1   
499 O  OP2   . DA  B 12 ? 0.3587 0.3533 0.3509 0.0047  -0.0226 -0.0093 13  DA  B OP2   
500 O  "O5'" . DA  B 12 ? 0.2930 0.2594 0.2871 0.0005  0.0010  -0.0013 13  DA  B "O5'" 
501 C  "C5'" . DA  B 12 ? 0.2824 0.2450 0.2800 0.0052  -0.0008 0.0091  13  DA  B "C5'" 
502 C  "C4'" . DA  B 12 ? 0.2868 0.2701 0.2878 -0.0041 0.0029  0.0054  13  DA  B "C4'" 
503 O  "O4'" . DA  B 12 ? 0.2700 0.2464 0.2693 0.0142  0.0142  -0.0006 13  DA  B "O4'" 
504 C  "C3'" . DA  B 12 ? 0.2958 0.2959 0.2930 0.0034  0.0059  0.0117  13  DA  B "C3'" 
505 O  "O3'" . DA  B 12 ? 0.3423 0.3337 0.3200 -0.0229 0.0053  0.0094  13  DA  B "O3'" 
506 C  "C2'" . DA  B 12 ? 0.2834 0.2750 0.2848 0.0045  -0.0049 -0.0033 13  DA  B "C2'" 
507 C  "C1'" . DA  B 12 ? 0.2571 0.2455 0.2493 -0.0080 0.0002  0.0067  13  DA  B "C1'" 
508 N  N9    . DA  B 12 ? 0.2491 0.2457 0.2258 -0.0039 -0.0003 0.0020  13  DA  B N9    
509 C  C8    . DA  B 12 ? 0.2244 0.2105 0.2121 -0.0006 -0.0016 0.0068  13  DA  B C8    
510 N  N7    . DA  B 12 ? 0.2045 0.2120 0.1617 0.0106  -0.0006 0.0112  13  DA  B N7    
511 C  C5    . DA  B 12 ? 0.1795 0.1944 0.1787 0.0067  0.0003  -0.0044 13  DA  B C5    
512 C  C6    . DA  B 12 ? 0.1660 0.2041 0.1663 0.0079  0.0121  -0.0023 13  DA  B C6    
513 N  N6    . DA  B 12 ? 0.1792 0.2104 0.1903 0.0146  -0.0003 -0.0024 13  DA  B N6    
514 N  N1    . DA  B 12 ? 0.1633 0.1832 0.1643 -0.0036 0.0188  -0.0129 13  DA  B N1    
515 C  C2    . DA  B 12 ? 0.1561 0.1603 0.1587 0.0085  0.0076  -0.0171 13  DA  B C2    
516 N  N3    . DA  B 12 ? 0.2051 0.2277 0.1940 -0.0102 0.0096  0.0076  13  DA  B N3    
517 C  C4    . DA  B 12 ? 0.2002 0.2123 0.1826 -0.0094 0.0063  0.0046  13  DA  B C4    
518 P  P     . DC  B 13 ? 0.3873 0.3623 0.3534 -0.0098 0.0192  0.0184  14  DC  B P     
519 O  OP1   . DC  B 13 ? 0.3940 0.3707 0.4028 -0.0195 0.0046  0.0010  14  DC  B OP1   
520 O  OP2   . DC  B 13 ? 0.3726 0.3763 0.3776 -0.0057 0.0070  0.0019  14  DC  B OP2   
521 O  "O5'" . DC  B 13 ? 0.3841 0.4073 0.3826 -0.0020 0.0130  0.0009  14  DC  B "O5'" 
522 C  "C5'" . DC  B 13 ? 0.3756 0.3481 0.3714 0.0035  -0.0079 0.0015  14  DC  B "C5'" 
523 C  "C4'" . DC  B 13 ? 0.3600 0.3287 0.3501 -0.0050 -0.0003 -0.0011 14  DC  B "C4'" 
524 O  "O4'" . DC  B 13 ? 0.3338 0.2868 0.3008 -0.0191 0.0109  0.0207  14  DC  B "O4'" 
525 C  "C3'" . DC  B 13 ? 0.3571 0.3246 0.3537 -0.0088 -0.0001 0.0029  14  DC  B "C3'" 
526 O  "O3'" . DC  B 13 ? 0.3956 0.3964 0.3762 -0.0087 -0.0140 -0.0059 14  DC  B "O3'" 
527 C  "C2'" . DC  B 13 ? 0.3130 0.2997 0.3026 0.0035  0.0039  0.0073  14  DC  B "C2'" 
528 C  "C1'" . DC  B 13 ? 0.2936 0.2916 0.2779 -0.0131 0.0048  0.0036  14  DC  B "C1'" 
529 N  N1    . DC  B 13 ? 0.2672 0.2349 0.2269 -0.0018 0.0121  0.0171  14  DC  B N1    
530 C  C2    . DC  B 13 ? 0.1847 0.1871 0.2107 0.0040  0.0035  0.0091  14  DC  B C2    
531 O  O2    . DC  B 13 ? 0.2358 0.2106 0.2044 -0.0059 0.0049  0.0018  14  DC  B O2    
532 N  N3    . DC  B 13 ? 0.1531 0.1651 0.1625 0.0153  0.0087  -0.0093 14  DC  B N3    
533 C  C4    . DC  B 13 ? 0.1270 0.1464 0.1546 0.0232  0.0154  0.0037  14  DC  B C4    
534 N  N4    . DC  B 13 ? 0.1484 0.1839 0.1815 0.0061  0.0030  0.0180  14  DC  B N4    
535 C  C5    . DC  B 13 ? 0.1695 0.1824 0.1618 0.0019  0.0169  0.0175  14  DC  B C5    
536 C  C6    . DC  B 13 ? 0.2251 0.2051 0.2226 0.0008  0.0054  0.0007  14  DC  B C6    
537 MG MG    . MG  C .  ? 0.2760 0.2226 0.3179 -0.0205 0.0128  0.0194  201 MG  A MG    
538 MG MG    . MG  D .  ? 0.3970 0.3331 0.4014 0.0191  0.0051  0.0291  301 MG  A MG    
539 MG MG    . MG  E .  ? 0.4316 0.4599 0.4309 -0.0010 0.0187  0.0112  308 MG  A MG    
540 MG MG    . MG  F .  ? 0.2884 0.2875 0.2724 0.0110  0.0000  0.0028  208 MG  B MG    
541 MG MG    . MG  G .  ? 0.3634 0.3241 0.3943 -0.0164 0.0113  -0.0151 315 MG  B MG    
542 O  O     . HOH H .  ? 0.3190 0.3103 0.3455 0.0203  0.0057  -0.0054 202 HOH A O     
543 O  O     . HOH H .  ? 0.3384 0.2960 0.3629 0.0011  0.0148  0.0065  203 HOH A O     
544 O  O     . HOH H .  ? 0.3015 0.2864 0.3032 -0.0074 0.0143  0.0156  204 HOH A O     
545 O  O     . HOH H .  ? 0.3238 0.3538 0.3244 0.0107  -0.0095 -0.0023 205 HOH A O     
546 O  O     . HOH H .  ? 0.3524 0.3603 0.3813 -0.0211 -0.0011 -0.0007 206 HOH A O     
547 O  O     . HOH H .  ? 0.3766 0.3782 0.3751 0.0052  -0.0115 0.0046  207 HOH A O     
548 O  O     . HOH H .  ? 0.4734 0.4194 0.4374 0.0061  -0.0009 0.0176  302 HOH A O     
549 O  O     . HOH H .  ? 0.4714 0.4540 0.4693 -0.0037 -0.0047 0.0016  303 HOH A O     
550 O  O     . HOH H .  ? 0.4048 0.3641 0.4157 -0.0253 0.0137  0.0139  304 HOH A O     
551 O  O     . HOH H .  ? 0.4886 0.4685 0.4751 -0.0004 0.0085  0.0095  305 HOH A O     
552 O  O     . HOH H .  ? 0.4823 0.4929 0.4818 -0.0006 0.0110  0.0064  306 HOH A O     
553 O  O     . HOH H .  ? 0.4397 0.4460 0.4541 0.0117  -0.0017 0.0037  307 HOH A O     
554 O  O     . HOH H .  ? 0.6117 0.6070 0.6134 -0.0064 -0.0035 -0.0005 309 HOH A O     
555 O  O     . HOH H .  ? 0.3661 0.3093 0.3532 0.0095  0.0023  0.0204  310 HOH A O     
556 O  O     . HOH H .  ? 0.3358 0.2798 0.3324 0.0034  0.0180  0.0231  311 HOH A O     
557 O  O     . HOH H .  ? 0.5419 0.5248 0.5414 0.0082  0.0108  0.0040  312 HOH A O     
558 O  O     . HOH H .  ? 0.6091 0.6085 0.6162 0.0044  0.0011  0.0066  313 HOH A O     
559 O  O     . HOH H .  ? 0.6929 0.6888 0.6932 0.0051  0.0044  -0.0045 314 HOH A O     
560 O  O     . HOH H .  ? 0.2451 0.2493 0.2684 -0.0083 -0.0011 0.0296  401 HOH A O     
561 O  O     . HOH H .  ? 0.3307 0.3588 0.3635 -0.0145 0.0185  0.0220  404 HOH A O     
562 O  O     . HOH H .  ? 0.2548 0.2866 0.2719 -0.0026 0.0048  -0.0164 405 HOH A O     
563 O  O     . HOH H .  ? 0.3520 0.2624 0.2988 -0.0170 -0.0080 0.0470  406 HOH A O     
564 O  O     . HOH H .  ? 0.3401 0.2319 0.2967 0.0032  0.0023  0.0154  407 HOH A O     
565 O  O     . HOH H .  ? 0.2953 0.2719 0.2660 0.0180  0.0049  0.0243  410 HOH A O     
566 O  O     . HOH H .  ? 0.3755 0.3310 0.3851 -0.0116 -0.0300 0.0020  411 HOH A O     
567 O  O     . HOH H .  ? 0.3719 0.3992 0.3679 -0.0078 0.0208  -0.0211 412 HOH A O     
568 O  O     . HOH H .  ? 0.3514 0.3850 0.3558 0.0219  -0.0116 0.0031  413 HOH A O     
569 O  O     . HOH H .  ? 0.3580 0.4159 0.3393 0.0160  -0.0059 -0.0200 415 HOH A O     
570 O  O     . HOH H .  ? 0.4666 0.4524 0.4410 -0.0073 0.0002  -0.0060 417 HOH A O     
571 O  O     . HOH H .  ? 0.4341 0.4218 0.4239 0.0124  -0.0192 -0.0211 418 HOH A O     
572 O  O     . HOH H .  ? 0.4414 0.3696 0.3911 0.0035  -0.0109 0.0163  419 HOH A O     
573 O  O     . HOH H .  ? 0.4317 0.3732 0.4173 0.0011  0.0079  0.0111  420 HOH A O     
574 O  O     . HOH H .  ? 0.3631 0.3732 0.3673 0.0021  -0.0011 0.0081  422 HOH A O     
575 O  O     . HOH H .  ? 0.3937 0.3788 0.3905 -0.0104 0.0122  0.0087  423 HOH A O     
576 O  O     . HOH H .  ? 0.2948 0.3260 0.2944 0.0062  0.0107  0.0272  424 HOH A O     
577 O  O     . HOH H .  ? 0.3714 0.4249 0.3721 -0.0083 -0.0014 0.0102  425 HOH A O     
578 O  O     . HOH H .  ? 0.4642 0.4341 0.4359 -0.0129 0.0005  0.0081  428 HOH A O     
579 O  O     . HOH H .  ? 0.2919 0.3151 0.3063 -0.0012 0.0120  0.0037  431 HOH A O     
580 O  O     . HOH H .  ? 0.3989 0.3404 0.4099 -0.0280 -0.0002 0.0139  432 HOH A O     
581 O  O     . HOH H .  ? 0.4517 0.4420 0.4648 0.0021  -0.0151 -0.0086 433 HOH A O     
582 O  O     . HOH H .  ? 0.4352 0.4359 0.4627 0.0024  0.0050  0.0159  435 HOH A O     
583 O  O     . HOH H .  ? 0.5420 0.5079 0.5345 -0.0023 0.0067  0.0112  436 HOH A O     
584 O  O     . HOH H .  ? 0.4781 0.4444 0.4823 -0.0298 -0.0029 -0.0019 437 HOH A O     
585 O  O     . HOH H .  ? 0.5212 0.5020 0.5144 0.0075  0.0058  0.0081  438 HOH A O     
586 O  O     . HOH H .  ? 0.3423 0.3297 0.3540 -0.0028 -0.0284 0.0271  442 HOH A O     
587 O  O     . HOH H .  ? 0.3975 0.3974 0.3911 -0.0204 -0.0017 0.0079  444 HOH A O     
588 O  O     . HOH H .  ? 0.3770 0.3102 0.3859 -0.0214 -0.0229 -0.0064 445 HOH A O     
589 O  O     . HOH H .  ? 0.5269 0.5244 0.5125 -0.0125 0.0031  -0.0001 447 HOH A O     
590 O  O     . HOH H .  ? 0.5889 0.5871 0.5808 -0.0037 0.0006  -0.0091 453 HOH A O     
591 O  O     . HOH H .  ? 0.5216 0.5352 0.5307 -0.0014 0.0014  0.0012  456 HOH A O     
592 O  O     . HOH H .  ? 0.5301 0.5250 0.5189 -0.0009 -0.0110 -0.0023 457 HOH A O     
593 O  O     . HOH H .  ? 0.5140 0.5178 0.5252 0.0080  0.0142  -0.0109 459 HOH A O     
594 O  O     . HOH H .  ? 0.4787 0.4342 0.4377 0.0079  -0.0128 0.0042  462 HOH A O     
595 O  O     . HOH H .  ? 0.6478 0.6361 0.6404 -0.0006 -0.0023 0.0009  463 HOH A O     
596 O  O     . HOH H .  ? 0.5606 0.5659 0.5486 -0.0012 0.0030  0.0003  464 HOH A O     
597 O  O     . HOH H .  ? 0.5383 0.5477 0.5354 0.0111  -0.0011 0.0064  466 HOH A O     
598 O  O     . HOH H .  ? 0.5059 0.4959 0.5186 -0.0002 0.0034  0.0005  467 HOH A O     
599 O  O     . HOH H .  ? 0.5998 0.5908 0.6031 0.0055  0.0026  0.0021  468 HOH A O     
600 O  O     . HOH H .  ? 0.5438 0.5536 0.5442 -0.0005 0.0091  0.0065  469 HOH A O     
601 O  O     . HOH H .  ? 0.5423 0.5305 0.5622 0.0057  0.0177  -0.0039 470 HOH A O     
602 O  O     . HOH H .  ? 0.6043 0.6023 0.6101 0.0010  0.0003  -0.0016 472 HOH A O     
603 O  O     . HOH H .  ? 0.4340 0.4017 0.4383 -0.0112 0.0069  0.0089  475 HOH A O     
604 O  O     . HOH H .  ? 0.5935 0.5852 0.5897 0.0000  -0.0057 0.0004  476 HOH A O     
605 O  O     . HOH H .  ? 0.5167 0.5118 0.5233 -0.0037 0.0048  0.0107  477 HOH A O     
606 O  O     . HOH H .  ? 0.4877 0.4809 0.4759 -0.0124 -0.0083 0.0014  478 HOH A O     
607 O  O     . HOH H .  ? 0.4817 0.4494 0.4653 -0.0053 -0.0028 0.0095  480 HOH A O     
608 O  O     . HOH H .  ? 0.6975 0.7014 0.6947 0.0014  0.0042  -0.0011 481 HOH A O     
609 O  O     . HOH H .  ? 0.5232 0.5434 0.5242 -0.0002 -0.0067 -0.0026 484 HOH A O     
610 O  O     . HOH H .  ? 0.5922 0.5790 0.5750 0.0027  -0.0009 0.0050  485 HOH A O     
611 O  O     . HOH H .  ? 0.5220 0.5102 0.5268 -0.0086 0.0032  0.0082  486 HOH A O     
612 O  O     . HOH H .  ? 0.5324 0.5224 0.5304 -0.0003 0.0064  0.0047  487 HOH A O     
613 O  O     . HOH H .  ? 0.4960 0.5041 0.4898 -0.0149 -0.0002 -0.0137 488 HOH A O     
614 O  O     . HOH H .  ? 0.5539 0.5420 0.5455 -0.0054 0.0114  0.0010  492 HOH A O     
615 O  O     . HOH H .  ? 0.5249 0.5165 0.4961 -0.0114 0.0043  0.0084  494 HOH A O     
616 O  O     . HOH H .  ? 0.6960 0.6993 0.6940 -0.0025 0.0038  0.0004  495 HOH A O     
617 O  O     . HOH H .  ? 0.6720 0.6648 0.6673 -0.0030 -0.0011 0.0012  497 HOH A O     
618 O  O     . HOH H .  ? 0.7399 0.7453 0.7406 -0.0002 0.0015  0.0012  498 HOH A O     
619 O  O     . HOH H .  ? 0.7217 0.7149 0.7162 -0.0023 -0.0021 0.0040  499 HOH A O     
620 O  O     . HOH H .  ? 0.5990 0.5917 0.5987 0.0037  -0.0006 -0.0034 503 HOH A O     
621 O  O     . HOH H .  ? 0.6135 0.6274 0.6128 0.0039  0.0002  0.0025  504 HOH A O     
622 O  O     . HOH H .  ? 0.5928 0.5885 0.5949 -0.0059 -0.0017 0.0070  506 HOH A O     
623 O  O     . HOH H .  ? 0.5982 0.5733 0.5944 -0.0018 -0.0007 0.0051  509 HOH A O     
624 O  O     . HOH H .  ? 0.5968 0.5964 0.5833 -0.0010 0.0030  -0.0001 511 HOH A O     
625 O  O     . HOH H .  ? 0.6222 0.6251 0.6273 0.0034  -0.0058 -0.0024 512 HOH A O     
626 O  O     . HOH H .  ? 0.6952 0.7036 0.7060 -0.0035 0.0081  0.0050  513 HOH A O     
627 O  O     . HOH H .  ? 0.8762 0.8713 0.8714 -0.0002 -0.0014 0.0012  516 HOH A O     
628 O  O     . HOH H .  ? 0.4859 0.4788 0.4847 -0.0047 -0.0073 0.0091  518 HOH A O     
629 O  O     . HOH H .  ? 0.4322 0.3648 0.4256 0.0144  -0.0038 0.0042  523 HOH A O     
630 O  O     . HOH H .  ? 0.3740 0.4014 0.3741 -0.0028 0.0120  0.0017  527 HOH A O     
631 O  O     . HOH H .  ? 0.5572 0.5527 0.5532 0.0065  -0.0080 0.0000  528 HOH A O     
632 O  O     . HOH H .  ? 0.7760 0.7716 0.7720 -0.0006 -0.0008 0.0030  529 HOH A O     
633 O  O     . HOH H .  ? 0.6644 0.6691 0.6632 0.0022  0.0013  -0.0021 530 HOH A O     
634 O  O     . HOH H .  ? 0.7507 0.7536 0.7524 0.0026  0.0017  -0.0027 531 HOH A O     
635 O  O     . HOH H .  ? 0.7664 0.7672 0.7686 -0.0016 0.0017  -0.0013 532 HOH A O     
636 O  O     . HOH H .  ? 0.4377 0.3983 0.4399 -0.0050 0.0107  0.0185  533 HOH A O     
637 O  O     . HOH H .  ? 0.6346 0.6260 0.6297 -0.0003 -0.0061 0.0066  534 HOH A O     
638 O  O     . HOH H .  ? 0.6760 0.6688 0.6742 -0.0027 0.0032  0.0011  537 HOH A O     
639 O  O     . HOH I .  ? 0.3226 0.2993 0.3329 -0.0192 -0.0073 0.0138  209 HOH B O     
640 O  O     . HOH I .  ? 0.3028 0.3351 0.3410 -0.0190 0.0122  -0.0016 210 HOH B O     
641 O  O     . HOH I .  ? 0.3734 0.3541 0.3798 -0.0008 -0.0080 -0.0176 211 HOH B O     
642 O  O     . HOH I .  ? 0.3739 0.3685 0.3784 -0.0057 -0.0071 0.0139  212 HOH B O     
643 O  O     . HOH I .  ? 0.2553 0.3076 0.2916 0.0138  0.0030  -0.0004 213 HOH B O     
644 O  O     . HOH I .  ? 0.4053 0.3982 0.4062 0.0143  -0.0171 -0.0045 214 HOH B O     
645 O  O     . HOH I .  ? 0.4181 0.4142 0.4081 0.0046  0.0152  -0.0087 316 HOH B O     
646 O  O     . HOH I .  ? 0.3241 0.2605 0.3252 -0.0255 0.0149  0.0052  317 HOH B O     
647 O  O     . HOH I .  ? 0.4021 0.3959 0.4234 -0.0094 0.0263  -0.0107 318 HOH B O     
648 O  O     . HOH I .  ? 0.6061 0.5938 0.6056 -0.0009 0.0020  0.0036  319 HOH B O     
649 O  O     . HOH I .  ? 0.4922 0.4771 0.4763 0.0015  -0.0018 0.0086  320 HOH B O     
650 O  O     . HOH I .  ? 0.3809 0.3577 0.4225 0.0006  0.0152  0.0055  321 HOH B O     
651 O  O     . HOH I .  ? 0.2979 0.2548 0.2922 -0.0047 0.0188  0.0259  402 HOH B O     
652 O  O     . HOH I .  ? 0.3365 0.3173 0.3627 -0.0247 0.0116  0.0452  403 HOH B O     
653 O  O     . HOH I .  ? 0.3003 0.3067 0.3446 -0.0152 0.0107  0.0217  408 HOH B O     
654 O  O     . HOH I .  ? 0.3774 0.4381 0.4050 -0.0153 0.0181  0.0060  409 HOH B O     
655 O  O     . HOH I .  ? 0.3891 0.3676 0.3701 -0.0151 -0.0142 0.0124  414 HOH B O     
656 O  O     . HOH I .  ? 0.4070 0.3843 0.4322 -0.0095 -0.0003 -0.0034 416 HOH B O     
657 O  O     . HOH I .  ? 0.3386 0.3967 0.3208 -0.0153 0.0105  -0.0210 421 HOH B O     
658 O  O     . HOH I .  ? 0.6052 0.6058 0.6165 -0.0008 0.0106  -0.0018 426 HOH B O     
659 O  O     . HOH I .  ? 0.3798 0.3328 0.3856 0.0137  0.0039  0.0063  427 HOH B O     
660 O  O     . HOH I .  ? 0.2887 0.2864 0.3433 0.0081  0.0000  0.0224  429 HOH B O     
661 O  O     . HOH I .  ? 0.3961 0.3508 0.3798 -0.0073 0.0122  0.0032  430 HOH B O     
662 O  O     . HOH I .  ? 0.5003 0.4826 0.4848 -0.0087 0.0060  0.0195  434 HOH B O     
663 O  O     . HOH I .  ? 0.4912 0.4584 0.4998 -0.0101 0.0012  0.0031  439 HOH B O     
664 O  O     . HOH I .  ? 0.4019 0.3874 0.4102 0.0099  -0.0229 -0.0131 440 HOH B O     
665 O  O     . HOH I .  ? 0.3930 0.3305 0.3895 -0.0009 0.0084  0.0238  441 HOH B O     
666 O  O     . HOH I .  ? 0.3765 0.3472 0.3826 -0.0149 0.0145  0.0218  443 HOH B O     
667 O  O     . HOH I .  ? 0.4976 0.5068 0.4916 0.0008  0.0050  0.0018  446 HOH B O     
668 O  O     . HOH I .  ? 0.5517 0.5501 0.5386 -0.0005 -0.0081 0.0016  448 HOH B O     
669 O  O     . HOH I .  ? 0.5158 0.5212 0.5268 -0.0043 0.0025  -0.0057 449 HOH B O     
670 O  O     . HOH I .  ? 0.3661 0.3014 0.3889 0.0000  -0.0158 -0.0066 450 HOH B O     
671 O  O     . HOH I .  ? 0.4837 0.4848 0.5026 -0.0046 0.0029  0.0020  451 HOH B O     
672 O  O     . HOH I .  ? 0.3938 0.4205 0.4283 0.0134  0.0044  -0.0123 452 HOH B O     
673 O  O     . HOH I .  ? 0.5147 0.4858 0.5035 0.0053  0.0011  0.0090  454 HOH B O     
674 O  O     . HOH I .  ? 0.5374 0.5508 0.5616 -0.0004 0.0043  -0.0011 455 HOH B O     
675 O  O     . HOH I .  ? 0.5219 0.5096 0.5083 -0.0007 -0.0034 -0.0002 458 HOH B O     
676 O  O     . HOH I .  ? 0.5132 0.4939 0.5246 -0.0033 0.0028  -0.0042 460 HOH B O     
677 O  O     . HOH I .  ? 0.6382 0.6351 0.6398 0.0040  0.0040  -0.0003 461 HOH B O     
678 O  O     . HOH I .  ? 0.5436 0.5548 0.5560 -0.0009 0.0046  -0.0079 465 HOH B O     
679 O  O     . HOH I .  ? 0.5360 0.5205 0.5426 0.0015  0.0077  0.0004  471 HOH B O     
680 O  O     . HOH I .  ? 0.6554 0.6582 0.6641 0.0026  -0.0017 0.0023  473 HOH B O     
681 O  O     . HOH I .  ? 0.6392 0.6353 0.6389 -0.0022 -0.0021 0.0012  474 HOH B O     
682 O  O     . HOH I .  ? 0.4885 0.4902 0.4854 0.0088  0.0048  -0.0006 479 HOH B O     
683 O  O     . HOH I .  ? 0.4812 0.4491 0.4869 -0.0047 -0.0085 0.0009  482 HOH B O     
684 O  O     . HOH I .  ? 0.5382 0.5366 0.5324 -0.0013 -0.0004 0.0064  483 HOH B O     
685 O  O     . HOH I .  ? 0.4570 0.4276 0.4642 -0.0025 0.0065  0.0116  490 HOH B O     
686 O  O     . HOH I .  ? 0.6861 0.6801 0.6872 0.0003  0.0018  0.0011  491 HOH B O     
687 O  O     . HOH I .  ? 0.4783 0.5004 0.4980 0.0027  0.0118  -0.0008 493 HOH B O     
688 O  O     . HOH I .  ? 0.7512 0.7516 0.7493 -0.0009 -0.0002 0.0048  496 HOH B O     
689 O  O     . HOH I .  ? 0.6625 0.6642 0.6697 -0.0021 -0.0005 0.0025  500 HOH B O     
690 O  O     . HOH I .  ? 0.5515 0.5712 0.5486 0.0015  0.0015  -0.0061 501 HOH B O     
691 O  O     . HOH I .  ? 0.6723 0.6721 0.6731 0.0011  0.0055  0.0005  502 HOH B O     
692 O  O     . HOH I .  ? 0.8637 0.8641 0.8666 0.0000  -0.0012 0.0010  505 HOH B O     
693 O  O     . HOH I .  ? 0.6153 0.6295 0.6153 0.0008  0.0023  -0.0081 507 HOH B O     
694 O  O     . HOH I .  ? 0.7663 0.7641 0.7655 0.0021  -0.0014 -0.0013 508 HOH B O     
695 O  O     . HOH I .  ? 0.4453 0.4014 0.4507 0.0043  -0.0097 -0.0145 510 HOH B O     
696 O  O     . HOH I .  ? 0.7590 0.7635 0.7595 -0.0007 0.0000  -0.0017 514 HOH B O     
697 O  O     . HOH I .  ? 0.8935 0.8932 0.8899 0.0002  -0.0013 0.0002  515 HOH B O     
698 O  O     . HOH I .  ? 0.4689 0.4722 0.4912 0.0055  -0.0088 -0.0008 517 HOH B O     
699 O  O     . HOH I .  ? 0.4520 0.4529 0.4658 -0.0075 -0.0001 -0.0033 519 HOH B O     
700 O  O     . HOH I .  ? 0.4389 0.3713 0.4499 -0.0268 -0.0014 0.0183  520 HOH B O     
701 O  O     . HOH I .  ? 0.6009 0.5925 0.6091 -0.0016 0.0051  0.0039  521 HOH B O     
702 O  O     . HOH I .  ? 0.5928 0.5820 0.5977 0.0018  -0.0070 0.0044  522 HOH B O     
703 O  O     . HOH I .  ? 0.6197 0.6221 0.6137 -0.0018 -0.0023 0.0019  524 HOH B O     
704 O  O     . HOH I .  ? 0.7154 0.7159 0.7183 -0.0002 0.0012  -0.0027 525 HOH B O     
705 O  O     . HOH I .  ? 0.7636 0.7784 0.7681 0.0046  0.0027  -0.0030 526 HOH B O     
706 O  O     . HOH I .  ? 0.7221 0.7302 0.7279 0.0018  0.0036  0.0002  535 HOH B O     
707 O  O     . HOH I .  ? 0.6708 0.6738 0.6615 -0.0020 -0.0076 -0.0003 536 HOH B O     
708 O  O     . HOH I .  ? 0.6705 0.6717 0.6691 0.0004  0.0001  0.0000  538 HOH B O     
709 O  O     . HOH I .  ? 0.6713 0.6717 0.6770 -0.0009 0.0008  0.0013  539 HOH B O     
710 O  O     . HOH I .  ? 0.7158 0.7108 0.7133 -0.0011 -0.0008 -0.0002 540 HOH B O     
711 O  O     . HOH I .  ? 0.4825 0.4829 0.4927 0.0054  -0.0056 -0.0120 541 HOH B O     
# 
